data_5CCR
# 
_entry.id   5CCR 
# 
_audit_conform.dict_name       mmcif_pdbx.dic 
_audit_conform.dict_version    5.383 
_audit_conform.dict_location   http://mmcif.pdb.org/dictionaries/ascii/mmcif_pdbx.dic 
# 
loop_
_database_2.database_id 
_database_2.database_code 
_database_2.pdbx_database_accession 
_database_2.pdbx_DOI 
PDB   5CCR         pdb_00005ccr 10.2210/pdb5ccr/pdb 
WWPDB D_1000210774 ?            ?                   
# 
loop_
_pdbx_audit_revision_history.ordinal 
_pdbx_audit_revision_history.data_content_type 
_pdbx_audit_revision_history.major_revision 
_pdbx_audit_revision_history.minor_revision 
_pdbx_audit_revision_history.revision_date 
1 'Structure model' 1 0 2016-07-20 
2 'Structure model' 1 1 2024-01-10 
# 
_pdbx_audit_revision_details.ordinal             1 
_pdbx_audit_revision_details.revision_ordinal    1 
_pdbx_audit_revision_details.data_content_type   'Structure model' 
_pdbx_audit_revision_details.provider            repository 
_pdbx_audit_revision_details.type                'Initial release' 
_pdbx_audit_revision_details.description         ? 
_pdbx_audit_revision_details.details             ? 
# 
loop_
_pdbx_audit_revision_group.ordinal 
_pdbx_audit_revision_group.revision_ordinal 
_pdbx_audit_revision_group.data_content_type 
_pdbx_audit_revision_group.group 
1 2 'Structure model' 'Data collection'        
2 2 'Structure model' 'Database references'    
3 2 'Structure model' 'Derived calculations'   
4 2 'Structure model' 'Refinement description' 
# 
loop_
_pdbx_audit_revision_category.ordinal 
_pdbx_audit_revision_category.revision_ordinal 
_pdbx_audit_revision_category.data_content_type 
_pdbx_audit_revision_category.category 
1 2 'Structure model' chem_comp_atom                
2 2 'Structure model' chem_comp_bond                
3 2 'Structure model' database_2                    
4 2 'Structure model' pdbx_initial_refinement_model 
5 2 'Structure model' struct_conn                   
# 
loop_
_pdbx_audit_revision_item.ordinal 
_pdbx_audit_revision_item.revision_ordinal 
_pdbx_audit_revision_item.data_content_type 
_pdbx_audit_revision_item.item 
1 2 'Structure model' '_database_2.pdbx_DOI'                
2 2 'Structure model' '_database_2.pdbx_database_accession' 
3 2 'Structure model' '_struct_conn.pdbx_dist_value'        
4 2 'Structure model' '_struct_conn.ptnr1_auth_seq_id'      
5 2 'Structure model' '_struct_conn.ptnr1_label_asym_id'    
6 2 'Structure model' '_struct_conn.ptnr2_auth_seq_id'      
7 2 'Structure model' '_struct_conn.ptnr2_label_asym_id'    
8 2 'Structure model' '_struct_conn.ptnr2_symmetry'         
# 
_pdbx_database_status.status_code                     REL 
_pdbx_database_status.status_code_sf                  REL 
_pdbx_database_status.status_code_mr                  ? 
_pdbx_database_status.entry_id                        5CCR 
_pdbx_database_status.recvd_initial_deposition_date   2015-07-02 
_pdbx_database_status.SG_entry                        N 
_pdbx_database_status.deposit_site                    RCSB 
_pdbx_database_status.process_site                    PDBE 
_pdbx_database_status.status_code_cs                  ? 
_pdbx_database_status.methods_development_category    ? 
_pdbx_database_status.pdb_format_compatible           Y 
_pdbx_database_status.status_code_nmr_data            ? 
# 
loop_
_audit_author.name 
_audit_author.pdbx_ordinal 
'Gibson, R.P.'    1  
'Shore, E.'       2  
'Kershaw, N.'     3  
'Awais, M.'       4  
'Javed, A.'       5  
'Latawiec, D.'    6  
'Pandalaneni, S.' 7  
'Wen, L.'         8  
'Berry, N.'       9  
;O'Neill, P.
;
10 
'Sutton, R.'      11 
'Lian, L.Y.'      12 
# 
_citation.abstract                  ? 
_citation.abstract_id_CAS           ? 
_citation.book_id_ISBN              ? 
_citation.book_publisher            ? 
_citation.book_publisher_city       ? 
_citation.book_title                ? 
_citation.coordinate_linkage        ? 
_citation.country                   ? 
_citation.database_id_Medline       ? 
_citation.details                   ? 
_citation.id                        primary 
_citation.journal_abbrev            'To Be Published' 
_citation.journal_id_ASTM           ? 
_citation.journal_id_CSD            0353 
_citation.journal_id_ISSN           ? 
_citation.journal_full              ? 
_citation.journal_issue             ? 
_citation.journal_volume            ? 
_citation.language                  ? 
_citation.page_first                ? 
_citation.page_last                 ? 
_citation.title                     'Human Cyclophilin D Complexed with Inhibitor' 
_citation.year                      ? 
_citation.database_id_CSD           ? 
_citation.pdbx_database_id_DOI      ? 
_citation.pdbx_database_id_PubMed   ? 
_citation.unpublished_flag          ? 
# 
loop_
_citation_author.citation_id 
_citation_author.name 
_citation_author.ordinal 
_citation_author.identifier_ORCID 
primary 'Gibson, R.P.'    1  ? 
primary 'Shore, E.'       2  ? 
primary 'Kershaw, N.'     3  ? 
primary 'Awais, M.'       4  ? 
primary 'Javed, A.'       5  ? 
primary 'Latawiec, D.'    6  ? 
primary 'Pandalaneni, S.' 7  ? 
primary 'Wen, L.'         8  ? 
primary 'Berry, N.'       9  ? 
primary 
;O'Neill, P.
;
10 ? 
primary 'Sutton, R.'      11 ? 
primary 'Lian, L.Y.'      12 ? 
# 
loop_
_entity.id 
_entity.type 
_entity.src_method 
_entity.pdbx_description 
_entity.formula_weight 
_entity.pdbx_number_of_molecules 
_entity.pdbx_ec 
_entity.pdbx_mutation 
_entity.pdbx_fragment 
_entity.details 
1 polymer     man 'Peptidyl-prolyl cis-trans isomerase F, mitochondrial' 17783.322 1   5.2.1.8 K133I ? ? 
2 non-polymer syn 'POTASSIUM ION'                                        39.098    2   ?       ?     ? ? 
3 non-polymer syn 'FORMIC ACID'                                          46.025    1   ?       ?     ? ? 
4 non-polymer syn 'TETRAETHYLENE GLYCOL'                                 194.226   1   ?       ?     ? ? 
5 non-polymer syn 'TRIETHYLENE GLYCOL'                                   150.173   2   ?       ?     ? ? 
6 non-polymer syn 'ethyl N-[(4-aminobenzyl)carbamoyl]-L-methioninate'    325.426   1   ?       ?     ? ? 
7 non-polymer syn 'DI(HYDROXYETHYL)ETHER'                                106.120   1   ?       ?     ? ? 
8 water       nat water                                                  18.015    120 ?       ?     ? ? 
# 
_entity_name_com.entity_id   1 
_entity_name_com.name        'PPIase F,Cyclophilin D,CypD,Cyclophilin F,Mitochondrial cyclophilin,CyP-M,Rotamase F' 
# 
_entity_poly.entity_id                      1 
_entity_poly.type                           'polypeptide(L)' 
_entity_poly.nstd_linkage                   no 
_entity_poly.nstd_monomer                   no 
_entity_poly.pdbx_seq_one_letter_code       
;MGNPLVYLDVDANGKPLGRVVLELKADVVPKTAENFRALCTGEKGFGYKGSTFHRVIPSFMCQAGDFTNHNGTGGKSIYG
SRFPDENFTLKHVGPGVLSMANAGPNTNGSQFFICTIKTDWLDGKHVVFGHVIEGMDVVKKIESFGSKSGRTSKKIVITD
CGQLS
;
_entity_poly.pdbx_seq_one_letter_code_can   
;MGNPLVYLDVDANGKPLGRVVLELKADVVPKTAENFRALCTGEKGFGYKGSTFHRVIPSFMCQAGDFTNHNGTGGKSIYG
SRFPDENFTLKHVGPGVLSMANAGPNTNGSQFFICTIKTDWLDGKHVVFGHVIEGMDVVKKIESFGSKSGRTSKKIVITD
CGQLS
;
_entity_poly.pdbx_strand_id                 A 
_entity_poly.pdbx_target_identifier         ? 
# 
loop_
_pdbx_entity_nonpoly.entity_id 
_pdbx_entity_nonpoly.name 
_pdbx_entity_nonpoly.comp_id 
2 'POTASSIUM ION'                                     K   
3 'FORMIC ACID'                                       FMT 
4 'TETRAETHYLENE GLYCOL'                              PG4 
5 'TRIETHYLENE GLYCOL'                                PGE 
6 'ethyl N-[(4-aminobenzyl)carbamoyl]-L-methioninate' 4ZT 
7 'DI(HYDROXYETHYL)ETHER'                             PEG 
8 water                                               HOH 
# 
loop_
_entity_poly_seq.entity_id 
_entity_poly_seq.num 
_entity_poly_seq.mon_id 
_entity_poly_seq.hetero 
1 1   MET n 
1 2   GLY n 
1 3   ASN n 
1 4   PRO n 
1 5   LEU n 
1 6   VAL n 
1 7   TYR n 
1 8   LEU n 
1 9   ASP n 
1 10  VAL n 
1 11  ASP n 
1 12  ALA n 
1 13  ASN n 
1 14  GLY n 
1 15  LYS n 
1 16  PRO n 
1 17  LEU n 
1 18  GLY n 
1 19  ARG n 
1 20  VAL n 
1 21  VAL n 
1 22  LEU n 
1 23  GLU n 
1 24  LEU n 
1 25  LYS n 
1 26  ALA n 
1 27  ASP n 
1 28  VAL n 
1 29  VAL n 
1 30  PRO n 
1 31  LYS n 
1 32  THR n 
1 33  ALA n 
1 34  GLU n 
1 35  ASN n 
1 36  PHE n 
1 37  ARG n 
1 38  ALA n 
1 39  LEU n 
1 40  CYS n 
1 41  THR n 
1 42  GLY n 
1 43  GLU n 
1 44  LYS n 
1 45  GLY n 
1 46  PHE n 
1 47  GLY n 
1 48  TYR n 
1 49  LYS n 
1 50  GLY n 
1 51  SER n 
1 52  THR n 
1 53  PHE n 
1 54  HIS n 
1 55  ARG n 
1 56  VAL n 
1 57  ILE n 
1 58  PRO n 
1 59  SER n 
1 60  PHE n 
1 61  MET n 
1 62  CYS n 
1 63  GLN n 
1 64  ALA n 
1 65  GLY n 
1 66  ASP n 
1 67  PHE n 
1 68  THR n 
1 69  ASN n 
1 70  HIS n 
1 71  ASN n 
1 72  GLY n 
1 73  THR n 
1 74  GLY n 
1 75  GLY n 
1 76  LYS n 
1 77  SER n 
1 78  ILE n 
1 79  TYR n 
1 80  GLY n 
1 81  SER n 
1 82  ARG n 
1 83  PHE n 
1 84  PRO n 
1 85  ASP n 
1 86  GLU n 
1 87  ASN n 
1 88  PHE n 
1 89  THR n 
1 90  LEU n 
1 91  LYS n 
1 92  HIS n 
1 93  VAL n 
1 94  GLY n 
1 95  PRO n 
1 96  GLY n 
1 97  VAL n 
1 98  LEU n 
1 99  SER n 
1 100 MET n 
1 101 ALA n 
1 102 ASN n 
1 103 ALA n 
1 104 GLY n 
1 105 PRO n 
1 106 ASN n 
1 107 THR n 
1 108 ASN n 
1 109 GLY n 
1 110 SER n 
1 111 GLN n 
1 112 PHE n 
1 113 PHE n 
1 114 ILE n 
1 115 CYS n 
1 116 THR n 
1 117 ILE n 
1 118 LYS n 
1 119 THR n 
1 120 ASP n 
1 121 TRP n 
1 122 LEU n 
1 123 ASP n 
1 124 GLY n 
1 125 LYS n 
1 126 HIS n 
1 127 VAL n 
1 128 VAL n 
1 129 PHE n 
1 130 GLY n 
1 131 HIS n 
1 132 VAL n 
1 133 ILE n 
1 134 GLU n 
1 135 GLY n 
1 136 MET n 
1 137 ASP n 
1 138 VAL n 
1 139 VAL n 
1 140 LYS n 
1 141 LYS n 
1 142 ILE n 
1 143 GLU n 
1 144 SER n 
1 145 PHE n 
1 146 GLY n 
1 147 SER n 
1 148 LYS n 
1 149 SER n 
1 150 GLY n 
1 151 ARG n 
1 152 THR n 
1 153 SER n 
1 154 LYS n 
1 155 LYS n 
1 156 ILE n 
1 157 VAL n 
1 158 ILE n 
1 159 THR n 
1 160 ASP n 
1 161 CYS n 
1 162 GLY n 
1 163 GLN n 
1 164 LEU n 
1 165 SER n 
# 
_entity_src_gen.entity_id                          1 
_entity_src_gen.pdbx_src_id                        1 
_entity_src_gen.pdbx_alt_source_flag               sample 
_entity_src_gen.pdbx_seq_type                      'Biological sequence' 
_entity_src_gen.pdbx_beg_seq_num                   1 
_entity_src_gen.pdbx_end_seq_num                   165 
_entity_src_gen.gene_src_common_name               Human 
_entity_src_gen.gene_src_genus                     ? 
_entity_src_gen.pdbx_gene_src_gene                 'PPIF, CYP3' 
_entity_src_gen.gene_src_species                   ? 
_entity_src_gen.gene_src_strain                    ? 
_entity_src_gen.gene_src_tissue                    ? 
_entity_src_gen.gene_src_tissue_fraction           ? 
_entity_src_gen.gene_src_details                   ? 
_entity_src_gen.pdbx_gene_src_fragment             ? 
_entity_src_gen.pdbx_gene_src_scientific_name      'Homo sapiens' 
_entity_src_gen.pdbx_gene_src_ncbi_taxonomy_id     9606 
_entity_src_gen.pdbx_gene_src_variant              ? 
_entity_src_gen.pdbx_gene_src_cell_line            ? 
_entity_src_gen.pdbx_gene_src_atcc                 ? 
_entity_src_gen.pdbx_gene_src_organ                ? 
_entity_src_gen.pdbx_gene_src_organelle            ? 
_entity_src_gen.pdbx_gene_src_cell                 ? 
_entity_src_gen.pdbx_gene_src_cellular_location    ? 
_entity_src_gen.host_org_common_name               ? 
_entity_src_gen.pdbx_host_org_scientific_name      'Escherichia coli BL21(DE3)' 
_entity_src_gen.pdbx_host_org_ncbi_taxonomy_id     469008 
_entity_src_gen.host_org_genus                     ? 
_entity_src_gen.pdbx_host_org_gene                 ? 
_entity_src_gen.pdbx_host_org_organ                ? 
_entity_src_gen.host_org_species                   ? 
_entity_src_gen.pdbx_host_org_tissue               ? 
_entity_src_gen.pdbx_host_org_tissue_fraction      ? 
_entity_src_gen.pdbx_host_org_strain               ? 
_entity_src_gen.pdbx_host_org_variant              ? 
_entity_src_gen.pdbx_host_org_cell_line            ? 
_entity_src_gen.pdbx_host_org_atcc                 ? 
_entity_src_gen.pdbx_host_org_culture_collection   ? 
_entity_src_gen.pdbx_host_org_cell                 ? 
_entity_src_gen.pdbx_host_org_organelle            ? 
_entity_src_gen.pdbx_host_org_cellular_location    ? 
_entity_src_gen.pdbx_host_org_vector_type          ? 
_entity_src_gen.pdbx_host_org_vector               ? 
_entity_src_gen.host_org_details                   ? 
_entity_src_gen.expression_system_id               ? 
_entity_src_gen.plasmid_name                       pET28b 
_entity_src_gen.plasmid_details                    ? 
_entity_src_gen.pdbx_description                   ? 
# 
loop_
_chem_comp.id 
_chem_comp.type 
_chem_comp.mon_nstd_flag 
_chem_comp.name 
_chem_comp.pdbx_synonyms 
_chem_comp.formula 
_chem_comp.formula_weight 
4ZT non-polymer         . 'ethyl N-[(4-aminobenzyl)carbamoyl]-L-methioninate' ? 'C15 H23 N3 O3 S' 325.426 
ALA 'L-peptide linking' y ALANINE                                             ? 'C3 H7 N O2'      89.093  
ARG 'L-peptide linking' y ARGININE                                            ? 'C6 H15 N4 O2 1'  175.209 
ASN 'L-peptide linking' y ASPARAGINE                                          ? 'C4 H8 N2 O3'     132.118 
ASP 'L-peptide linking' y 'ASPARTIC ACID'                                     ? 'C4 H7 N O4'      133.103 
CYS 'L-peptide linking' y CYSTEINE                                            ? 'C3 H7 N O2 S'    121.158 
FMT non-polymer         . 'FORMIC ACID'                                       ? 'C H2 O2'         46.025  
GLN 'L-peptide linking' y GLUTAMINE                                           ? 'C5 H10 N2 O3'    146.144 
GLU 'L-peptide linking' y 'GLUTAMIC ACID'                                     ? 'C5 H9 N O4'      147.129 
GLY 'peptide linking'   y GLYCINE                                             ? 'C2 H5 N O2'      75.067  
HIS 'L-peptide linking' y HISTIDINE                                           ? 'C6 H10 N3 O2 1'  156.162 
HOH non-polymer         . WATER                                               ? 'H2 O'            18.015  
ILE 'L-peptide linking' y ISOLEUCINE                                          ? 'C6 H13 N O2'     131.173 
K   non-polymer         . 'POTASSIUM ION'                                     ? 'K 1'             39.098  
LEU 'L-peptide linking' y LEUCINE                                             ? 'C6 H13 N O2'     131.173 
LYS 'L-peptide linking' y LYSINE                                              ? 'C6 H15 N2 O2 1'  147.195 
MET 'L-peptide linking' y METHIONINE                                          ? 'C5 H11 N O2 S'   149.211 
PEG non-polymer         . 'DI(HYDROXYETHYL)ETHER'                             ? 'C4 H10 O3'       106.120 
PG4 non-polymer         . 'TETRAETHYLENE GLYCOL'                              ? 'C8 H18 O5'       194.226 
PGE non-polymer         . 'TRIETHYLENE GLYCOL'                                ? 'C6 H14 O4'       150.173 
PHE 'L-peptide linking' y PHENYLALANINE                                       ? 'C9 H11 N O2'     165.189 
PRO 'L-peptide linking' y PROLINE                                             ? 'C5 H9 N O2'      115.130 
SER 'L-peptide linking' y SERINE                                              ? 'C3 H7 N O3'      105.093 
THR 'L-peptide linking' y THREONINE                                           ? 'C4 H9 N O3'      119.119 
TRP 'L-peptide linking' y TRYPTOPHAN                                          ? 'C11 H12 N2 O2'   204.225 
TYR 'L-peptide linking' y TYROSINE                                            ? 'C9 H11 N O3'     181.189 
VAL 'L-peptide linking' y VALINE                                              ? 'C5 H11 N O2'     117.146 
# 
loop_
_pdbx_poly_seq_scheme.asym_id 
_pdbx_poly_seq_scheme.entity_id 
_pdbx_poly_seq_scheme.seq_id 
_pdbx_poly_seq_scheme.mon_id 
_pdbx_poly_seq_scheme.ndb_seq_num 
_pdbx_poly_seq_scheme.pdb_seq_num 
_pdbx_poly_seq_scheme.auth_seq_num 
_pdbx_poly_seq_scheme.pdb_mon_id 
_pdbx_poly_seq_scheme.auth_mon_id 
_pdbx_poly_seq_scheme.pdb_strand_id 
_pdbx_poly_seq_scheme.pdb_ins_code 
_pdbx_poly_seq_scheme.hetero 
A 1 1   MET 1   1   ?   ?   ?   A . n 
A 1 2   GLY 2   2   2   GLY GLY A . n 
A 1 3   ASN 3   3   3   ASN ASN A . n 
A 1 4   PRO 4   4   4   PRO PRO A . n 
A 1 5   LEU 5   5   5   LEU LEU A . n 
A 1 6   VAL 6   6   6   VAL VAL A . n 
A 1 7   TYR 7   7   7   TYR TYR A . n 
A 1 8   LEU 8   8   8   LEU LEU A . n 
A 1 9   ASP 9   9   9   ASP ASP A . n 
A 1 10  VAL 10  10  10  VAL VAL A . n 
A 1 11  ASP 11  11  11  ASP ASP A . n 
A 1 12  ALA 12  12  12  ALA ALA A . n 
A 1 13  ASN 13  13  13  ASN ASN A . n 
A 1 14  GLY 14  14  14  GLY GLY A . n 
A 1 15  LYS 15  15  15  LYS LYS A . n 
A 1 16  PRO 16  16  16  PRO PRO A . n 
A 1 17  LEU 17  17  17  LEU LEU A . n 
A 1 18  GLY 18  18  18  GLY GLY A . n 
A 1 19  ARG 19  19  19  ARG ARG A . n 
A 1 20  VAL 20  20  20  VAL VAL A . n 
A 1 21  VAL 21  21  21  VAL VAL A . n 
A 1 22  LEU 22  22  22  LEU LEU A . n 
A 1 23  GLU 23  23  23  GLU GLU A . n 
A 1 24  LEU 24  24  24  LEU LEU A . n 
A 1 25  LYS 25  25  25  LYS LYS A . n 
A 1 26  ALA 26  26  26  ALA ALA A . n 
A 1 27  ASP 27  27  27  ASP ASP A . n 
A 1 28  VAL 28  28  28  VAL VAL A . n 
A 1 29  VAL 29  29  29  VAL VAL A . n 
A 1 30  PRO 30  30  30  PRO PRO A . n 
A 1 31  LYS 31  31  31  LYS LYS A . n 
A 1 32  THR 32  32  32  THR THR A . n 
A 1 33  ALA 33  33  33  ALA ALA A . n 
A 1 34  GLU 34  34  34  GLU GLU A . n 
A 1 35  ASN 35  35  35  ASN ASN A . n 
A 1 36  PHE 36  36  36  PHE PHE A . n 
A 1 37  ARG 37  37  37  ARG ARG A . n 
A 1 38  ALA 38  38  38  ALA ALA A . n 
A 1 39  LEU 39  39  39  LEU LEU A . n 
A 1 40  CYS 40  40  40  CYS CYS A . n 
A 1 41  THR 41  41  41  THR THR A . n 
A 1 42  GLY 42  42  42  GLY GLY A . n 
A 1 43  GLU 43  43  43  GLU GLU A . n 
A 1 44  LYS 44  44  44  LYS LYS A . n 
A 1 45  GLY 45  45  45  GLY GLY A . n 
A 1 46  PHE 46  46  46  PHE PHE A . n 
A 1 47  GLY 47  47  47  GLY GLY A . n 
A 1 48  TYR 48  48  48  TYR TYR A . n 
A 1 49  LYS 49  49  49  LYS LYS A . n 
A 1 50  GLY 50  50  50  GLY GLY A . n 
A 1 51  SER 51  51  51  SER SER A . n 
A 1 52  THR 52  52  52  THR THR A . n 
A 1 53  PHE 53  53  53  PHE PHE A . n 
A 1 54  HIS 54  54  54  HIS HIS A . n 
A 1 55  ARG 55  55  55  ARG ARG A . n 
A 1 56  VAL 56  56  56  VAL VAL A . n 
A 1 57  ILE 57  57  57  ILE ILE A . n 
A 1 58  PRO 58  58  58  PRO PRO A . n 
A 1 59  SER 59  59  59  SER SER A . n 
A 1 60  PHE 60  60  60  PHE PHE A . n 
A 1 61  MET 61  61  61  MET MET A . n 
A 1 62  CYS 62  62  62  CYS CYS A . n 
A 1 63  GLN 63  63  63  GLN GLN A . n 
A 1 64  ALA 64  64  64  ALA ALA A . n 
A 1 65  GLY 65  65  65  GLY GLY A . n 
A 1 66  ASP 66  66  66  ASP ASP A . n 
A 1 67  PHE 67  67  67  PHE PHE A . n 
A 1 68  THR 68  68  68  THR THR A . n 
A 1 69  ASN 69  69  69  ASN ASN A . n 
A 1 70  HIS 70  70  70  HIS HIS A . n 
A 1 71  ASN 71  71  71  ASN ASN A . n 
A 1 72  GLY 72  72  72  GLY GLY A . n 
A 1 73  THR 73  73  73  THR THR A . n 
A 1 74  GLY 74  74  74  GLY GLY A . n 
A 1 75  GLY 75  75  75  GLY GLY A . n 
A 1 76  LYS 76  76  76  LYS LYS A . n 
A 1 77  SER 77  77  77  SER SER A . n 
A 1 78  ILE 78  78  78  ILE ILE A . n 
A 1 79  TYR 79  79  79  TYR TYR A . n 
A 1 80  GLY 80  80  80  GLY GLY A . n 
A 1 81  SER 81  81  81  SER SER A . n 
A 1 82  ARG 82  82  82  ARG ARG A . n 
A 1 83  PHE 83  83  83  PHE PHE A . n 
A 1 84  PRO 84  84  84  PRO PRO A . n 
A 1 85  ASP 85  85  85  ASP ASP A . n 
A 1 86  GLU 86  86  86  GLU GLU A . n 
A 1 87  ASN 87  87  87  ASN ASN A . n 
A 1 88  PHE 88  88  88  PHE PHE A . n 
A 1 89  THR 89  89  89  THR THR A . n 
A 1 90  LEU 90  90  90  LEU LEU A . n 
A 1 91  LYS 91  91  91  LYS LYS A . n 
A 1 92  HIS 92  92  92  HIS HIS A . n 
A 1 93  VAL 93  93  93  VAL VAL A . n 
A 1 94  GLY 94  94  94  GLY GLY A . n 
A 1 95  PRO 95  95  95  PRO PRO A . n 
A 1 96  GLY 96  96  96  GLY GLY A . n 
A 1 97  VAL 97  97  97  VAL VAL A . n 
A 1 98  LEU 98  98  98  LEU LEU A . n 
A 1 99  SER 99  99  99  SER SER A . n 
A 1 100 MET 100 100 100 MET MET A . n 
A 1 101 ALA 101 101 101 ALA ALA A . n 
A 1 102 ASN 102 102 102 ASN ASN A . n 
A 1 103 ALA 103 103 103 ALA ALA A . n 
A 1 104 GLY 104 104 104 GLY GLY A . n 
A 1 105 PRO 105 105 105 PRO PRO A . n 
A 1 106 ASN 106 106 106 ASN ASN A . n 
A 1 107 THR 107 107 107 THR THR A . n 
A 1 108 ASN 108 108 108 ASN ASN A . n 
A 1 109 GLY 109 109 109 GLY GLY A . n 
A 1 110 SER 110 110 110 SER SER A . n 
A 1 111 GLN 111 111 111 GLN GLN A . n 
A 1 112 PHE 112 112 112 PHE PHE A . n 
A 1 113 PHE 113 113 113 PHE PHE A . n 
A 1 114 ILE 114 114 114 ILE ILE A . n 
A 1 115 CYS 115 115 115 CYS CYS A . n 
A 1 116 THR 116 116 116 THR THR A . n 
A 1 117 ILE 117 117 117 ILE ILE A . n 
A 1 118 LYS 118 118 118 LYS LYS A . n 
A 1 119 THR 119 119 119 THR THR A . n 
A 1 120 ASP 120 120 120 ASP ASP A . n 
A 1 121 TRP 121 121 121 TRP TRP A . n 
A 1 122 LEU 122 122 122 LEU LEU A . n 
A 1 123 ASP 123 123 123 ASP ASP A . n 
A 1 124 GLY 124 124 124 GLY GLY A . n 
A 1 125 LYS 125 125 125 LYS LYS A . n 
A 1 126 HIS 126 126 126 HIS HIS A . n 
A 1 127 VAL 127 127 127 VAL VAL A . n 
A 1 128 VAL 128 128 128 VAL VAL A . n 
A 1 129 PHE 129 129 129 PHE PHE A . n 
A 1 130 GLY 130 130 130 GLY GLY A . n 
A 1 131 HIS 131 131 131 HIS HIS A . n 
A 1 132 VAL 132 132 132 VAL VAL A . n 
A 1 133 ILE 133 133 133 ILE ILE A . n 
A 1 134 GLU 134 134 134 GLU GLU A . n 
A 1 135 GLY 135 135 135 GLY GLY A . n 
A 1 136 MET 136 136 136 MET MET A . n 
A 1 137 ASP 137 137 137 ASP ASP A . n 
A 1 138 VAL 138 138 138 VAL VAL A . n 
A 1 139 VAL 139 139 139 VAL VAL A . n 
A 1 140 LYS 140 140 140 LYS LYS A . n 
A 1 141 LYS 141 141 141 LYS LYS A . n 
A 1 142 ILE 142 142 142 ILE ILE A . n 
A 1 143 GLU 143 143 143 GLU GLU A . n 
A 1 144 SER 144 144 144 SER SER A . n 
A 1 145 PHE 145 145 145 PHE PHE A . n 
A 1 146 GLY 146 146 146 GLY GLY A . n 
A 1 147 SER 147 147 147 SER SER A . n 
A 1 148 LYS 148 148 148 LYS LYS A . n 
A 1 149 SER 149 149 149 SER SER A . n 
A 1 150 GLY 150 150 150 GLY GLY A . n 
A 1 151 ARG 151 151 151 ARG ARG A . n 
A 1 152 THR 152 152 152 THR THR A . n 
A 1 153 SER 153 153 153 SER SER A . n 
A 1 154 LYS 154 154 154 LYS LYS A . n 
A 1 155 LYS 155 155 155 LYS LYS A . n 
A 1 156 ILE 156 156 156 ILE ILE A . n 
A 1 157 VAL 157 157 157 VAL VAL A . n 
A 1 158 ILE 158 158 158 ILE ILE A . n 
A 1 159 THR 159 159 159 THR THR A . n 
A 1 160 ASP 160 160 160 ASP ASP A . n 
A 1 161 CYS 161 161 161 CYS CYS A . n 
A 1 162 GLY 162 162 162 GLY GLY A . n 
A 1 163 GLN 163 163 163 GLN GLN A . n 
A 1 164 LEU 164 164 164 LEU LEU A . n 
A 1 165 SER 165 165 165 SER SER A . n 
# 
loop_
_pdbx_nonpoly_scheme.asym_id 
_pdbx_nonpoly_scheme.entity_id 
_pdbx_nonpoly_scheme.mon_id 
_pdbx_nonpoly_scheme.ndb_seq_num 
_pdbx_nonpoly_scheme.pdb_seq_num 
_pdbx_nonpoly_scheme.auth_seq_num 
_pdbx_nonpoly_scheme.pdb_mon_id 
_pdbx_nonpoly_scheme.auth_mon_id 
_pdbx_nonpoly_scheme.pdb_strand_id 
_pdbx_nonpoly_scheme.pdb_ins_code 
B 2 K   1   201 1   K   K   A . 
C 2 K   1   202 2   K   K   A . 
D 3 FMT 1   203 1   FMT FMT A . 
E 4 PG4 1   204 1   PG4 PG4 A . 
F 5 PGE 1   205 1   PGE PGE A . 
G 5 PGE 1   206 2   PGE PGE A . 
H 6 4ZT 1   207 1   4ZT Z28 A . 
I 7 PEG 1   208 3   PEG PEG A . 
J 8 HOH 1   301 103 HOH HOH A . 
J 8 HOH 2   302 14  HOH HOH A . 
J 8 HOH 3   303 107 HOH HOH A . 
J 8 HOH 4   304 52  HOH HOH A . 
J 8 HOH 5   305 40  HOH HOH A . 
J 8 HOH 6   306 43  HOH HOH A . 
J 8 HOH 7   307 20  HOH HOH A . 
J 8 HOH 8   308 82  HOH HOH A . 
J 8 HOH 9   309 101 HOH HOH A . 
J 8 HOH 10  310 110 HOH HOH A . 
J 8 HOH 11  311 42  HOH HOH A . 
J 8 HOH 12  312 89  HOH HOH A . 
J 8 HOH 13  313 61  HOH HOH A . 
J 8 HOH 14  314 71  HOH HOH A . 
J 8 HOH 15  315 51  HOH HOH A . 
J 8 HOH 16  316 104 HOH HOH A . 
J 8 HOH 17  317 73  HOH HOH A . 
J 8 HOH 18  318 21  HOH HOH A . 
J 8 HOH 19  319 35  HOH HOH A . 
J 8 HOH 20  320 69  HOH HOH A . 
J 8 HOH 21  321 10  HOH HOH A . 
J 8 HOH 22  322 59  HOH HOH A . 
J 8 HOH 23  323 87  HOH HOH A . 
J 8 HOH 24  324 41  HOH HOH A . 
J 8 HOH 25  325 18  HOH HOH A . 
J 8 HOH 26  326 1   HOH HOH A . 
J 8 HOH 27  327 9   HOH HOH A . 
J 8 HOH 28  328 78  HOH HOH A . 
J 8 HOH 29  329 111 HOH HOH A . 
J 8 HOH 30  330 19  HOH HOH A . 
J 8 HOH 31  331 91  HOH HOH A . 
J 8 HOH 32  332 16  HOH HOH A . 
J 8 HOH 33  333 30  HOH HOH A . 
J 8 HOH 34  334 119 HOH HOH A . 
J 8 HOH 35  335 67  HOH HOH A . 
J 8 HOH 36  336 114 HOH HOH A . 
J 8 HOH 37  337 46  HOH HOH A . 
J 8 HOH 38  338 62  HOH HOH A . 
J 8 HOH 39  339 76  HOH HOH A . 
J 8 HOH 40  340 29  HOH HOH A . 
J 8 HOH 41  341 13  HOH HOH A . 
J 8 HOH 42  342 15  HOH HOH A . 
J 8 HOH 43  343 7   HOH HOH A . 
J 8 HOH 44  344 33  HOH HOH A . 
J 8 HOH 45  345 80  HOH HOH A . 
J 8 HOH 46  346 5   HOH HOH A . 
J 8 HOH 47  347 77  HOH HOH A . 
J 8 HOH 48  348 12  HOH HOH A . 
J 8 HOH 49  349 24  HOH HOH A . 
J 8 HOH 50  350 8   HOH HOH A . 
J 8 HOH 51  351 58  HOH HOH A . 
J 8 HOH 52  352 45  HOH HOH A . 
J 8 HOH 53  353 81  HOH HOH A . 
J 8 HOH 54  354 118 HOH HOH A . 
J 8 HOH 55  355 38  HOH HOH A . 
J 8 HOH 56  356 39  HOH HOH A . 
J 8 HOH 57  357 34  HOH HOH A . 
J 8 HOH 58  358 60  HOH HOH A . 
J 8 HOH 59  359 6   HOH HOH A . 
J 8 HOH 60  360 50  HOH HOH A . 
J 8 HOH 61  361 113 HOH HOH A . 
J 8 HOH 62  362 88  HOH HOH A . 
J 8 HOH 63  363 27  HOH HOH A . 
J 8 HOH 64  364 48  HOH HOH A . 
J 8 HOH 65  365 3   HOH HOH A . 
J 8 HOH 66  366 74  HOH HOH A . 
J 8 HOH 67  367 32  HOH HOH A . 
J 8 HOH 68  368 116 HOH HOH A . 
J 8 HOH 69  369 117 HOH HOH A . 
J 8 HOH 70  370 31  HOH HOH A . 
J 8 HOH 71  371 83  HOH HOH A . 
J 8 HOH 72  372 22  HOH HOH A . 
J 8 HOH 73  373 68  HOH HOH A . 
J 8 HOH 74  374 120 HOH HOH A . 
J 8 HOH 75  375 4   HOH HOH A . 
J 8 HOH 76  376 28  HOH HOH A . 
J 8 HOH 77  377 86  HOH HOH A . 
J 8 HOH 78  378 17  HOH HOH A . 
J 8 HOH 79  379 37  HOH HOH A . 
J 8 HOH 80  380 44  HOH HOH A . 
J 8 HOH 81  381 102 HOH HOH A . 
J 8 HOH 82  382 56  HOH HOH A . 
J 8 HOH 83  383 54  HOH HOH A . 
J 8 HOH 84  384 25  HOH HOH A . 
J 8 HOH 85  385 65  HOH HOH A . 
J 8 HOH 86  386 98  HOH HOH A . 
J 8 HOH 87  387 47  HOH HOH A . 
J 8 HOH 88  388 66  HOH HOH A . 
J 8 HOH 89  389 55  HOH HOH A . 
J 8 HOH 90  390 112 HOH HOH A . 
J 8 HOH 91  391 108 HOH HOH A . 
J 8 HOH 92  392 49  HOH HOH A . 
J 8 HOH 93  393 36  HOH HOH A . 
J 8 HOH 94  394 2   HOH HOH A . 
J 8 HOH 95  395 70  HOH HOH A . 
J 8 HOH 96  396 11  HOH HOH A . 
J 8 HOH 97  397 57  HOH HOH A . 
J 8 HOH 98  398 79  HOH HOH A . 
J 8 HOH 99  399 53  HOH HOH A . 
J 8 HOH 100 400 100 HOH HOH A . 
J 8 HOH 101 401 106 HOH HOH A . 
J 8 HOH 102 402 84  HOH HOH A . 
J 8 HOH 103 403 63  HOH HOH A . 
J 8 HOH 104 404 26  HOH HOH A . 
J 8 HOH 105 405 85  HOH HOH A . 
J 8 HOH 106 406 105 HOH HOH A . 
J 8 HOH 107 407 115 HOH HOH A . 
J 8 HOH 108 408 93  HOH HOH A . 
J 8 HOH 109 409 94  HOH HOH A . 
J 8 HOH 110 410 72  HOH HOH A . 
J 8 HOH 111 411 99  HOH HOH A . 
J 8 HOH 112 412 95  HOH HOH A . 
J 8 HOH 113 413 75  HOH HOH A . 
J 8 HOH 114 414 90  HOH HOH A . 
J 8 HOH 115 415 92  HOH HOH A . 
J 8 HOH 116 416 96  HOH HOH A . 
J 8 HOH 117 417 109 HOH HOH A . 
J 8 HOH 118 418 23  HOH HOH A . 
J 8 HOH 119 419 64  HOH HOH A . 
J 8 HOH 120 420 97  HOH HOH A . 
# 
loop_
_software.citation_id 
_software.classification 
_software.compiler_name 
_software.compiler_version 
_software.contact_author 
_software.contact_author_email 
_software.date 
_software.description 
_software.dependencies 
_software.hardware 
_software.language 
_software.location 
_software.mods 
_software.name 
_software.os 
_software.os_version 
_software.type 
_software.version 
_software.pdbx_ordinal 
? refinement       ? ? ? ? ? ? ? ? ? ? ? REFMAC ? ? ? 5.8.0123 1 
? 'data reduction' ? ? ? ? ? ? ? ? ? ? ? MOSFLM ? ? ? .        2 
? 'data scaling'   ? ? ? ? ? ? ? ? ? ? ? SCALA  ? ? ? .        3 
? phasing          ? ? ? ? ? ? ? ? ? ? ? PHASER ? ? ? .        4 
# 
_cell.angle_alpha                  90.00 
_cell.angle_alpha_esd              ? 
_cell.angle_beta                   90.00 
_cell.angle_beta_esd               ? 
_cell.angle_gamma                  90.00 
_cell.angle_gamma_esd              ? 
_cell.entry_id                     5CCR 
_cell.details                      ? 
_cell.formula_units_Z              ? 
_cell.length_a                     57.590 
_cell.length_a_esd                 ? 
_cell.length_b                     57.590 
_cell.length_b_esd                 ? 
_cell.length_c                     111.760 
_cell.length_c_esd                 ? 
_cell.volume                       ? 
_cell.volume_esd                   ? 
_cell.Z_PDB                        8 
_cell.reciprocal_angle_alpha       ? 
_cell.reciprocal_angle_beta        ? 
_cell.reciprocal_angle_gamma       ? 
_cell.reciprocal_angle_alpha_esd   ? 
_cell.reciprocal_angle_beta_esd    ? 
_cell.reciprocal_angle_gamma_esd   ? 
_cell.reciprocal_length_a          ? 
_cell.reciprocal_length_b          ? 
_cell.reciprocal_length_c          ? 
_cell.reciprocal_length_a_esd      ? 
_cell.reciprocal_length_b_esd      ? 
_cell.reciprocal_length_c_esd      ? 
_cell.pdbx_unique_axis             ? 
# 
_symmetry.entry_id                         5CCR 
_symmetry.cell_setting                     ? 
_symmetry.Int_Tables_number                96 
_symmetry.space_group_name_Hall            ? 
_symmetry.space_group_name_H-M             'P 43 21 2' 
_symmetry.pdbx_full_space_group_name_H-M   ? 
# 
_exptl.absorpt_coefficient_mu     ? 
_exptl.absorpt_correction_T_max   ? 
_exptl.absorpt_correction_T_min   ? 
_exptl.absorpt_correction_type    ? 
_exptl.absorpt_process_details    ? 
_exptl.entry_id                   5CCR 
_exptl.crystals_number            ? 
_exptl.details                    ? 
_exptl.method                     'X-RAY DIFFRACTION' 
_exptl.method_details             ? 
# 
_exptl_crystal.colour                      ? 
_exptl_crystal.density_diffrn              ? 
_exptl_crystal.density_Matthews            2.61 
_exptl_crystal.density_method              ? 
_exptl_crystal.density_percent_sol         52.79 
_exptl_crystal.description                 ? 
_exptl_crystal.F_000                       ? 
_exptl_crystal.id                          1 
_exptl_crystal.preparation                 ? 
_exptl_crystal.size_max                    ? 
_exptl_crystal.size_mid                    ? 
_exptl_crystal.size_min                    ? 
_exptl_crystal.size_rad                    ? 
_exptl_crystal.colour_lustre               ? 
_exptl_crystal.colour_modifier             ? 
_exptl_crystal.colour_primary              ? 
_exptl_crystal.density_meas                ? 
_exptl_crystal.density_meas_esd            ? 
_exptl_crystal.density_meas_gt             ? 
_exptl_crystal.density_meas_lt             ? 
_exptl_crystal.density_meas_temp           ? 
_exptl_crystal.density_meas_temp_esd       ? 
_exptl_crystal.density_meas_temp_gt        ? 
_exptl_crystal.density_meas_temp_lt        ? 
_exptl_crystal.pdbx_crystal_image_url      ? 
_exptl_crystal.pdbx_crystal_image_format   ? 
_exptl_crystal.pdbx_mosaicity              ? 
_exptl_crystal.pdbx_mosaicity_esd          ? 
# 
_exptl_crystal_grow.apparatus       ? 
_exptl_crystal_grow.atmosphere      ? 
_exptl_crystal_grow.crystal_id      1 
_exptl_crystal_grow.details         ? 
_exptl_crystal_grow.method          'VAPOR DIFFUSION, SITTING DROP' 
_exptl_crystal_grow.method_ref      ? 
_exptl_crystal_grow.pH              9 
_exptl_crystal_grow.pressure        ? 
_exptl_crystal_grow.pressure_esd    ? 
_exptl_crystal_grow.seeding         ? 
_exptl_crystal_grow.seeding_ref     ? 
_exptl_crystal_grow.temp            294 
_exptl_crystal_grow.temp_details    ? 
_exptl_crystal_grow.temp_esd        ? 
_exptl_crystal_grow.time            ? 
_exptl_crystal_grow.pdbx_details    '4M potassium formate, 0.1M BIS-TRIS propane pH9, 2% w/v PEG2000mme' 
_exptl_crystal_grow.pdbx_pH_range   ? 
# 
_diffrn.ambient_environment    ? 
_diffrn.ambient_temp           100 
_diffrn.ambient_temp_details   ? 
_diffrn.ambient_temp_esd       ? 
_diffrn.crystal_id             1 
_diffrn.crystal_support        ? 
_diffrn.crystal_treatment      ? 
_diffrn.details                ? 
_diffrn.id                     1 
_diffrn.ambient_pressure       ? 
_diffrn.ambient_pressure_esd   ? 
_diffrn.ambient_pressure_gt    ? 
_diffrn.ambient_pressure_lt    ? 
_diffrn.ambient_temp_gt        ? 
_diffrn.ambient_temp_lt        ? 
# 
_diffrn_detector.details                      ? 
_diffrn_detector.detector                     PIXEL 
_diffrn_detector.diffrn_id                    1 
_diffrn_detector.type                         'PSI PILATUS 6M' 
_diffrn_detector.area_resol_mean              ? 
_diffrn_detector.dtime                        ? 
_diffrn_detector.pdbx_frames_total            ? 
_diffrn_detector.pdbx_collection_time_total   ? 
_diffrn_detector.pdbx_collection_date         2013-04-20 
# 
_diffrn_radiation.collimation                      ? 
_diffrn_radiation.diffrn_id                        1 
_diffrn_radiation.filter_edge                      ? 
_diffrn_radiation.inhomogeneity                    ? 
_diffrn_radiation.monochromator                    ? 
_diffrn_radiation.polarisn_norm                    ? 
_diffrn_radiation.polarisn_ratio                   ? 
_diffrn_radiation.probe                            ? 
_diffrn_radiation.type                             ? 
_diffrn_radiation.xray_symbol                      ? 
_diffrn_radiation.wavelength_id                    1 
_diffrn_radiation.pdbx_monochromatic_or_laue_m_l   M 
_diffrn_radiation.pdbx_wavelength_list             ? 
_diffrn_radiation.pdbx_wavelength                  ? 
_diffrn_radiation.pdbx_diffrn_protocol             'SINGLE WAVELENGTH' 
_diffrn_radiation.pdbx_analyzer                    ? 
_diffrn_radiation.pdbx_scattering_type             x-ray 
# 
_diffrn_radiation_wavelength.id           1 
_diffrn_radiation_wavelength.wavelength   0.8856 
_diffrn_radiation_wavelength.wt           1.0 
# 
_diffrn_source.current                     ? 
_diffrn_source.details                     ? 
_diffrn_source.diffrn_id                   1 
_diffrn_source.power                       ? 
_diffrn_source.size                        ? 
_diffrn_source.source                      SYNCHROTRON 
_diffrn_source.target                      ? 
_diffrn_source.type                        'SOLEIL BEAMLINE PROXIMA 1' 
_diffrn_source.voltage                     ? 
_diffrn_source.take-off_angle              ? 
_diffrn_source.pdbx_wavelength_list        0.8856 
_diffrn_source.pdbx_wavelength             ? 
_diffrn_source.pdbx_synchrotron_beamline   'PROXIMA 1' 
_diffrn_source.pdbx_synchrotron_site       SOLEIL 
# 
_reflns.B_iso_Wilson_estimate            ? 
_reflns.entry_id                         5CCR 
_reflns.data_reduction_details           ? 
_reflns.data_reduction_method            ? 
_reflns.d_resolution_high                1.9 
_reflns.d_resolution_low                 38.2 
_reflns.details                          ? 
_reflns.limit_h_max                      ? 
_reflns.limit_h_min                      ? 
_reflns.limit_k_max                      ? 
_reflns.limit_k_min                      ? 
_reflns.limit_l_max                      ? 
_reflns.limit_l_min                      ? 
_reflns.number_all                       15556 
_reflns.number_obs                       15556 
_reflns.observed_criterion               ? 
_reflns.observed_criterion_F_max         ? 
_reflns.observed_criterion_F_min         ? 
_reflns.observed_criterion_I_max         ? 
_reflns.observed_criterion_I_min         ? 
_reflns.observed_criterion_sigma_F       ? 
_reflns.observed_criterion_sigma_I       ? 
_reflns.percent_possible_obs             100 
_reflns.R_free_details                   ? 
_reflns.Rmerge_F_all                     ? 
_reflns.Rmerge_F_obs                     ? 
_reflns.Friedel_coverage                 ? 
_reflns.number_gt                        ? 
_reflns.threshold_expression             ? 
_reflns.pdbx_redundancy                  9.4 
_reflns.pdbx_Rmerge_I_obs                0.054 
_reflns.pdbx_Rmerge_I_all                ? 
_reflns.pdbx_Rsym_value                  0.018 
_reflns.pdbx_netI_over_av_sigmaI         ? 
_reflns.pdbx_netI_over_sigmaI            27 
_reflns.pdbx_res_netI_over_av_sigmaI_2   ? 
_reflns.pdbx_res_netI_over_sigmaI_2      ? 
_reflns.pdbx_chi_squared                 ? 
_reflns.pdbx_scaling_rejects             ? 
_reflns.pdbx_d_res_high_opt              ? 
_reflns.pdbx_d_res_low_opt               ? 
_reflns.pdbx_d_res_opt_method            ? 
_reflns.phase_calculation_details        ? 
_reflns.pdbx_Rrim_I_all                  ? 
_reflns.pdbx_Rpim_I_all                  ? 
_reflns.pdbx_d_opt                       ? 
_reflns.pdbx_number_measured_all         ? 
_reflns.pdbx_diffrn_id                   1 
_reflns.pdbx_ordinal                     1 
_reflns.pdbx_CC_half                     ? 
_reflns.pdbx_R_split                     ? 
# 
_reflns_shell.Rmerge_F_all                ? 
_reflns_shell.Rmerge_F_gt                 ? 
_reflns_shell.Rmerge_F_obs                ? 
_reflns_shell.Rmerge_I_all                ? 
_reflns_shell.Rmerge_I_gt                 ? 
_reflns_shell.Rmerge_I_obs                0.099 
_reflns_shell.d_res_high                  1.9 
_reflns_shell.d_res_low                   2.0 
_reflns_shell.meanI_over_sigI_all         ? 
_reflns_shell.meanI_over_sigI_gt          ? 
_reflns_shell.meanI_over_sigI_obs         12.2 
_reflns_shell.meanI_over_uI_all           ? 
_reflns_shell.meanI_over_uI_gt            ? 
_reflns_shell.number_measured_all         ? 
_reflns_shell.number_measured_gt          ? 
_reflns_shell.number_measured_obs         ? 
_reflns_shell.number_possible             ? 
_reflns_shell.number_unique_all           ? 
_reflns_shell.number_unique_gt            ? 
_reflns_shell.number_unique_obs           ? 
_reflns_shell.pdbx_CC_half                ? 
_reflns_shell.pdbx_R_split                ? 
_reflns_shell.pdbx_Rpim_I_all             ? 
_reflns_shell.pdbx_Rrim_I_all             ? 
_reflns_shell.pdbx_Rsym_value             ? 
_reflns_shell.pdbx_chi_squared            ? 
_reflns_shell.pdbx_diffrn_id              1 
_reflns_shell.pdbx_netI_over_sigmaI_all   ? 
_reflns_shell.pdbx_netI_over_sigmaI_obs   ? 
_reflns_shell.pdbx_ordinal                1 
_reflns_shell.pdbx_redundancy             5.9 
_reflns_shell.pdbx_rejects                ? 
_reflns_shell.percent_possible_all        99.9 
_reflns_shell.percent_possible_gt         ? 
_reflns_shell.percent_possible_obs        ? 
# 
_refine.aniso_B[1][1]                            0.01 
_refine.aniso_B[1][2]                            0.00 
_refine.aniso_B[1][3]                            0.00 
_refine.aniso_B[2][2]                            0.01 
_refine.aniso_B[2][3]                            0.00 
_refine.aniso_B[3][3]                            -0.02 
_refine.B_iso_max                                ? 
_refine.B_iso_mean                               11.787 
_refine.B_iso_min                                ? 
_refine.correlation_coeff_Fo_to_Fc               0.952 
_refine.correlation_coeff_Fo_to_Fc_free          0.938 
_refine.details                                  'HYDROGENS HAVE BEEN ADDED IN THE RIDING POSITIONS' 
_refine.diff_density_max                         ? 
_refine.diff_density_max_esd                     ? 
_refine.diff_density_min                         ? 
_refine.diff_density_min_esd                     ? 
_refine.diff_density_rms                         ? 
_refine.diff_density_rms_esd                     ? 
_refine.entry_id                                 5CCR 
_refine.pdbx_refine_id                           'X-RAY DIFFRACTION' 
_refine.ls_abs_structure_details                 ? 
_refine.ls_abs_structure_Flack                   ? 
_refine.ls_abs_structure_Flack_esd               ? 
_refine.ls_abs_structure_Rogers                  ? 
_refine.ls_abs_structure_Rogers_esd              ? 
_refine.ls_d_res_high                            1.90 
_refine.ls_d_res_low                             38.2 
_refine.ls_extinction_coef                       ? 
_refine.ls_extinction_coef_esd                   ? 
_refine.ls_extinction_expression                 ? 
_refine.ls_extinction_method                     ? 
_refine.ls_goodness_of_fit_all                   ? 
_refine.ls_goodness_of_fit_all_esd               ? 
_refine.ls_goodness_of_fit_obs                   ? 
_refine.ls_goodness_of_fit_obs_esd               ? 
_refine.ls_hydrogen_treatment                    ? 
_refine.ls_matrix_type                           ? 
_refine.ls_number_constraints                    ? 
_refine.ls_number_parameters                     ? 
_refine.ls_number_reflns_all                     ? 
_refine.ls_number_reflns_obs                     14705 
_refine.ls_number_reflns_R_free                  799 
_refine.ls_number_reflns_R_work                  ? 
_refine.ls_number_restraints                     ? 
_refine.ls_percent_reflns_obs                    99.94 
_refine.ls_percent_reflns_R_free                 5.2 
_refine.ls_R_factor_all                          ? 
_refine.ls_R_factor_obs                          0.15639 
_refine.ls_R_factor_R_free                       0.18792 
_refine.ls_R_factor_R_free_error                 ? 
_refine.ls_R_factor_R_free_error_details         ? 
_refine.ls_R_factor_R_work                       0.15468 
_refine.ls_R_Fsqd_factor_obs                     ? 
_refine.ls_R_I_factor_obs                        ? 
_refine.ls_redundancy_reflns_all                 ? 
_refine.ls_redundancy_reflns_obs                 ? 
_refine.ls_restrained_S_all                      ? 
_refine.ls_restrained_S_obs                      ? 
_refine.ls_shift_over_esd_max                    ? 
_refine.ls_shift_over_esd_mean                   ? 
_refine.ls_structure_factor_coef                 ? 
_refine.ls_weighting_details                     ? 
_refine.ls_weighting_scheme                      ? 
_refine.ls_wR_factor_all                         ? 
_refine.ls_wR_factor_obs                         ? 
_refine.ls_wR_factor_R_free                      ? 
_refine.ls_wR_factor_R_work                      ? 
_refine.occupancy_max                            ? 
_refine.occupancy_min                            ? 
_refine.solvent_model_details                    MASK 
_refine.solvent_model_param_bsol                 ? 
_refine.solvent_model_param_ksol                 ? 
_refine.ls_R_factor_gt                           ? 
_refine.ls_goodness_of_fit_gt                    ? 
_refine.ls_goodness_of_fit_ref                   ? 
_refine.ls_shift_over_su_max                     ? 
_refine.ls_shift_over_su_max_lt                  ? 
_refine.ls_shift_over_su_mean                    ? 
_refine.ls_shift_over_su_mean_lt                 ? 
_refine.pdbx_ls_sigma_I                          ? 
_refine.pdbx_ls_sigma_F                          ? 
_refine.pdbx_ls_sigma_Fsqd                       ? 
_refine.pdbx_data_cutoff_high_absF               ? 
_refine.pdbx_data_cutoff_high_rms_absF           ? 
_refine.pdbx_data_cutoff_low_absF                ? 
_refine.pdbx_isotropic_thermal_model             ? 
_refine.pdbx_ls_cross_valid_method               THROUGHOUT 
_refine.pdbx_method_to_determine_struct          'MOLECULAR REPLACEMENT' 
_refine.pdbx_starting_model                      2BIT 
_refine.pdbx_stereochemistry_target_values       'MAXIMUM LIKELIHOOD' 
_refine.pdbx_R_Free_selection_details            RANDOM 
_refine.pdbx_stereochem_target_val_spec_case     ? 
_refine.pdbx_overall_ESU_R                       0.120 
_refine.pdbx_overall_ESU_R_Free                  0.114 
_refine.pdbx_solvent_vdw_probe_radii             1.20 
_refine.pdbx_solvent_ion_probe_radii             0.80 
_refine.pdbx_solvent_shrinkage_radii             0.80 
_refine.pdbx_real_space_R                        ? 
_refine.pdbx_density_correlation                 ? 
_refine.pdbx_pd_number_of_powder_patterns        ? 
_refine.pdbx_pd_number_of_points                 ? 
_refine.pdbx_pd_meas_number_of_points            ? 
_refine.pdbx_pd_proc_ls_prof_R_factor            ? 
_refine.pdbx_pd_proc_ls_prof_wR_factor           ? 
_refine.pdbx_pd_Marquardt_correlation_coeff      ? 
_refine.pdbx_pd_Fsqrd_R_factor                   ? 
_refine.pdbx_pd_ls_matrix_band_width             ? 
_refine.pdbx_overall_phase_error                 ? 
_refine.pdbx_overall_SU_R_free_Cruickshank_DPI   ? 
_refine.pdbx_overall_SU_R_free_Blow_DPI          ? 
_refine.pdbx_overall_SU_R_Blow_DPI               ? 
_refine.pdbx_TLS_residual_ADP_flag               ? 
_refine.pdbx_diffrn_id                           1 
_refine.overall_SU_B                             2.228 
_refine.overall_SU_ML                            0.067 
_refine.overall_SU_R_Cruickshank_DPI             ? 
_refine.overall_SU_R_free                        ? 
_refine.overall_FOM_free_R_set                   ? 
_refine.overall_FOM_work_R_set                   ? 
_refine.pdbx_average_fsc_overall                 ? 
_refine.pdbx_average_fsc_work                    ? 
_refine.pdbx_average_fsc_free                    ? 
# 
_refine_hist.pdbx_refine_id                   'X-RAY DIFFRACTION' 
_refine_hist.cycle_id                         1 
_refine_hist.pdbx_number_atoms_protein        1240 
_refine_hist.pdbx_number_atoms_nucleic_acid   0 
_refine_hist.pdbx_number_atoms_ligand         67 
_refine_hist.number_atoms_solvent             120 
_refine_hist.number_atoms_total               1427 
_refine_hist.d_res_high                       1.90 
_refine_hist.d_res_low                        38.2 
# 
loop_
_refine_ls_restr.pdbx_refine_id 
_refine_ls_restr.criterion 
_refine_ls_restr.dev_ideal 
_refine_ls_restr.dev_ideal_target 
_refine_ls_restr.number 
_refine_ls_restr.rejects 
_refine_ls_restr.type 
_refine_ls_restr.weight 
_refine_ls_restr.pdbx_restraint_function 
'X-RAY DIFFRACTION' ? 0.020  0.019  1336 ? r_bond_refined_d             ? ? 
'X-RAY DIFFRACTION' ? 0.002  0.020  1297 ? r_bond_other_d               ? ? 
'X-RAY DIFFRACTION' ? 1.915  1.985  1781 ? r_angle_refined_deg          ? ? 
'X-RAY DIFFRACTION' ? 1.069  3.000  2995 ? r_angle_other_deg            ? ? 
'X-RAY DIFFRACTION' ? 6.282  5.000  165  ? r_dihedral_angle_1_deg       ? ? 
'X-RAY DIFFRACTION' ? 32.528 23.962 53   ? r_dihedral_angle_2_deg       ? ? 
'X-RAY DIFFRACTION' ? 13.943 15.000 216  ? r_dihedral_angle_3_deg       ? ? 
'X-RAY DIFFRACTION' ? 18.209 15.000 6    ? r_dihedral_angle_4_deg       ? ? 
'X-RAY DIFFRACTION' ? 0.119  0.200  188  ? r_chiral_restr               ? ? 
'X-RAY DIFFRACTION' ? 0.011  0.021  1487 ? r_gen_planes_refined         ? ? 
'X-RAY DIFFRACTION' ? 0.002  0.020  307  ? r_gen_planes_other           ? ? 
'X-RAY DIFFRACTION' ? ?      ?      ?    ? r_nbd_refined                ? ? 
'X-RAY DIFFRACTION' ? ?      ?      ?    ? r_nbd_other                  ? ? 
'X-RAY DIFFRACTION' ? ?      ?      ?    ? r_nbtor_refined              ? ? 
'X-RAY DIFFRACTION' ? ?      ?      ?    ? r_nbtor_other                ? ? 
'X-RAY DIFFRACTION' ? ?      ?      ?    ? r_xyhbond_nbd_refined        ? ? 
'X-RAY DIFFRACTION' ? ?      ?      ?    ? r_xyhbond_nbd_other          ? ? 
'X-RAY DIFFRACTION' ? ?      ?      ?    ? r_metal_ion_refined          ? ? 
'X-RAY DIFFRACTION' ? ?      ?      ?    ? r_metal_ion_other            ? ? 
'X-RAY DIFFRACTION' ? ?      ?      ?    ? r_symmetry_vdw_refined       ? ? 
'X-RAY DIFFRACTION' ? ?      ?      ?    ? r_symmetry_vdw_other         ? ? 
'X-RAY DIFFRACTION' ? ?      ?      ?    ? r_symmetry_hbond_refined     ? ? 
'X-RAY DIFFRACTION' ? ?      ?      ?    ? r_symmetry_hbond_other       ? ? 
'X-RAY DIFFRACTION' ? ?      ?      ?    ? r_symmetry_metal_ion_refined ? ? 
'X-RAY DIFFRACTION' ? ?      ?      ?    ? r_symmetry_metal_ion_other   ? ? 
'X-RAY DIFFRACTION' ? 0.927  0.891  657  ? r_mcbond_it                  ? ? 
'X-RAY DIFFRACTION' ? 0.928  0.894  658  ? r_mcbond_other               ? ? 
'X-RAY DIFFRACTION' ? 1.381  1.326  820  ? r_mcangle_it                 ? ? 
'X-RAY DIFFRACTION' ? 1.381  1.326  821  ? r_mcangle_other              ? ? 
'X-RAY DIFFRACTION' ? 2.106  1.252  679  ? r_scbond_it                  ? ? 
'X-RAY DIFFRACTION' ? 2.103  1.252  679  ? r_scbond_other               ? ? 
'X-RAY DIFFRACTION' ? ?      ?      ?    ? r_scangle_it                 ? ? 
'X-RAY DIFFRACTION' ? 3.089  1.690  961  ? r_scangle_other              ? ? 
'X-RAY DIFFRACTION' ? 5.353  8.421  1521 ? r_long_range_B_refined       ? ? 
'X-RAY DIFFRACTION' ? 5.352  8.445  1522 ? r_long_range_B_other         ? ? 
'X-RAY DIFFRACTION' ? ?      ?      ?    ? r_rigid_bond_restr           ? ? 
'X-RAY DIFFRACTION' ? ?      ?      ?    ? r_sphericity_free            ? ? 
'X-RAY DIFFRACTION' ? ?      ?      ?    ? r_sphericity_bonded          ? ? 
# 
_refine_ls_shell.pdbx_refine_id                   'X-RAY DIFFRACTION' 
_refine_ls_shell.d_res_high                       1.900 
_refine_ls_shell.d_res_low                        1.949 
_refine_ls_shell.number_reflns_all                ? 
_refine_ls_shell.number_reflns_obs                ? 
_refine_ls_shell.number_reflns_R_free             45 
_refine_ls_shell.number_reflns_R_work             1080 
_refine_ls_shell.percent_reflns_obs               99.65 
_refine_ls_shell.percent_reflns_R_free            ? 
_refine_ls_shell.R_factor_all                     ? 
_refine_ls_shell.R_factor_obs                     ? 
_refine_ls_shell.R_factor_R_free                  0.181 
_refine_ls_shell.R_factor_R_free_error            ? 
_refine_ls_shell.R_factor_R_work                  0.145 
_refine_ls_shell.redundancy_reflns_all            ? 
_refine_ls_shell.redundancy_reflns_obs            ? 
_refine_ls_shell.wR_factor_all                    ? 
_refine_ls_shell.wR_factor_obs                    ? 
_refine_ls_shell.wR_factor_R_free                 ? 
_refine_ls_shell.wR_factor_R_work                 ? 
_refine_ls_shell.pdbx_total_number_of_bins_used   20 
_refine_ls_shell.pdbx_phase_error                 ? 
_refine_ls_shell.pdbx_fsc_work                    ? 
_refine_ls_shell.pdbx_fsc_free                    ? 
# 
_struct.entry_id                     5CCR 
_struct.title                        'Human Cyclophilin D Complexed with Inhibitor' 
_struct.pdbx_model_details           ? 
_struct.pdbx_formula_weight          ? 
_struct.pdbx_formula_weight_method   ? 
_struct.pdbx_model_type_details      ? 
_struct.pdbx_CASP_flag               ? 
# 
_struct_keywords.entry_id        5CCR 
_struct_keywords.text            'Cyclophilin, isomerase, complex, inhibitor' 
_struct_keywords.pdbx_keywords   ISOMERASE 
# 
loop_
_struct_asym.id 
_struct_asym.pdbx_blank_PDB_chainid_flag 
_struct_asym.pdbx_modified 
_struct_asym.entity_id 
_struct_asym.details 
A N N 1 ? 
B N N 2 ? 
C N N 2 ? 
D N N 3 ? 
E N N 4 ? 
F N N 5 ? 
G N N 5 ? 
H N N 6 ? 
I N N 7 ? 
J N N 8 ? 
# 
_struct_ref.id                         1 
_struct_ref.db_name                    UNP 
_struct_ref.db_code                    PPIF_HUMAN 
_struct_ref.pdbx_db_accession          P30405 
_struct_ref.pdbx_db_isoform            ? 
_struct_ref.entity_id                  1 
_struct_ref.pdbx_seq_one_letter_code   
;GNPLVYLDVDANGKPLGRVVLELKADVVPKTAENFRALCTGEKGFGYKGSTFHRVIPSFMCQAGDFTNHNGTGGKSIYGS
RFPDENFTLKHVGPGVLSMANAGPNTNGSQFFICTIKTDWLDGKHVVFGHVKEGMDVVKKIESFGSKSGRTSKKIVITDC
GQLS
;
_struct_ref.pdbx_align_begin           44 
# 
_struct_ref_seq.align_id                      1 
_struct_ref_seq.ref_id                        1 
_struct_ref_seq.pdbx_PDB_id_code              5CCR 
_struct_ref_seq.pdbx_strand_id                A 
_struct_ref_seq.seq_align_beg                 2 
_struct_ref_seq.pdbx_seq_align_beg_ins_code   ? 
_struct_ref_seq.seq_align_end                 165 
_struct_ref_seq.pdbx_seq_align_end_ins_code   ? 
_struct_ref_seq.pdbx_db_accession             P30405 
_struct_ref_seq.db_align_beg                  44 
_struct_ref_seq.pdbx_db_align_beg_ins_code    ? 
_struct_ref_seq.db_align_end                  207 
_struct_ref_seq.pdbx_db_align_end_ins_code    ? 
_struct_ref_seq.pdbx_auth_seq_align_beg       2 
_struct_ref_seq.pdbx_auth_seq_align_end       165 
# 
loop_
_struct_ref_seq_dif.align_id 
_struct_ref_seq_dif.pdbx_pdb_id_code 
_struct_ref_seq_dif.mon_id 
_struct_ref_seq_dif.pdbx_pdb_strand_id 
_struct_ref_seq_dif.seq_num 
_struct_ref_seq_dif.pdbx_pdb_ins_code 
_struct_ref_seq_dif.pdbx_seq_db_name 
_struct_ref_seq_dif.pdbx_seq_db_accession_code 
_struct_ref_seq_dif.db_mon_id 
_struct_ref_seq_dif.pdbx_seq_db_seq_num 
_struct_ref_seq_dif.details 
_struct_ref_seq_dif.pdbx_auth_seq_num 
_struct_ref_seq_dif.pdbx_ordinal 
1 5CCR MET A 1   ? UNP P30405 ?   ?   'expression tag'      1   1 
1 5CCR ILE A 133 ? UNP P30405 LYS 175 'engineered mutation' 133 2 
# 
_pdbx_struct_assembly.id                   1 
_pdbx_struct_assembly.details              software_defined_assembly 
_pdbx_struct_assembly.method_details       PISA 
_pdbx_struct_assembly.oligomeric_details   monomeric 
_pdbx_struct_assembly.oligomeric_count     1 
# 
loop_
_pdbx_struct_assembly_prop.biol_id 
_pdbx_struct_assembly_prop.type 
_pdbx_struct_assembly_prop.value 
_pdbx_struct_assembly_prop.details 
1 'ABSA (A^2)' 1780 ? 
1 MORE         14   ? 
1 'SSA (A^2)'  7110 ? 
# 
_pdbx_struct_assembly_gen.assembly_id       1 
_pdbx_struct_assembly_gen.oper_expression   1 
_pdbx_struct_assembly_gen.asym_id_list      A,B,C,D,E,F,G,H,I,J 
# 
_pdbx_struct_oper_list.id                   1 
_pdbx_struct_oper_list.type                 'identity operation' 
_pdbx_struct_oper_list.name                 1_555 
_pdbx_struct_oper_list.symmetry_operation   x,y,z 
_pdbx_struct_oper_list.matrix[1][1]         1.0000000000 
_pdbx_struct_oper_list.matrix[1][2]         0.0000000000 
_pdbx_struct_oper_list.matrix[1][3]         0.0000000000 
_pdbx_struct_oper_list.vector[1]            0.0000000000 
_pdbx_struct_oper_list.matrix[2][1]         0.0000000000 
_pdbx_struct_oper_list.matrix[2][2]         1.0000000000 
_pdbx_struct_oper_list.matrix[2][3]         0.0000000000 
_pdbx_struct_oper_list.vector[2]            0.0000000000 
_pdbx_struct_oper_list.matrix[3][1]         0.0000000000 
_pdbx_struct_oper_list.matrix[3][2]         0.0000000000 
_pdbx_struct_oper_list.matrix[3][3]         1.0000000000 
_pdbx_struct_oper_list.vector[3]            0.0000000000 
# 
loop_
_struct_conf.conf_type_id 
_struct_conf.id 
_struct_conf.pdbx_PDB_helix_id 
_struct_conf.beg_label_comp_id 
_struct_conf.beg_label_asym_id 
_struct_conf.beg_label_seq_id 
_struct_conf.pdbx_beg_PDB_ins_code 
_struct_conf.end_label_comp_id 
_struct_conf.end_label_asym_id 
_struct_conf.end_label_seq_id 
_struct_conf.pdbx_end_PDB_ins_code 
_struct_conf.beg_auth_comp_id 
_struct_conf.beg_auth_asym_id 
_struct_conf.beg_auth_seq_id 
_struct_conf.end_auth_comp_id 
_struct_conf.end_auth_asym_id 
_struct_conf.end_auth_seq_id 
_struct_conf.pdbx_PDB_helix_class 
_struct_conf.details 
_struct_conf.pdbx_PDB_helix_length 
HELX_P HELX_P1 AA1 VAL A 29  ? GLY A 42  ? VAL A 29  GLY A 42  1 ? 14 
HELX_P HELX_P2 AA2 THR A 119 ? ASP A 123 ? THR A 119 ASP A 123 5 ? 5  
HELX_P HELX_P3 AA3 GLY A 135 ? PHE A 145 ? GLY A 135 PHE A 145 1 ? 11 
# 
_struct_conf_type.id          HELX_P 
_struct_conf_type.criteria    ? 
_struct_conf_type.reference   ? 
# 
loop_
_struct_conn.id 
_struct_conn.conn_type_id 
_struct_conn.pdbx_leaving_atom_flag 
_struct_conn.pdbx_PDB_id 
_struct_conn.ptnr1_label_asym_id 
_struct_conn.ptnr1_label_comp_id 
_struct_conn.ptnr1_label_seq_id 
_struct_conn.ptnr1_label_atom_id 
_struct_conn.pdbx_ptnr1_label_alt_id 
_struct_conn.pdbx_ptnr1_PDB_ins_code 
_struct_conn.pdbx_ptnr1_standard_comp_id 
_struct_conn.ptnr1_symmetry 
_struct_conn.ptnr2_label_asym_id 
_struct_conn.ptnr2_label_comp_id 
_struct_conn.ptnr2_label_seq_id 
_struct_conn.ptnr2_label_atom_id 
_struct_conn.pdbx_ptnr2_label_alt_id 
_struct_conn.pdbx_ptnr2_PDB_ins_code 
_struct_conn.ptnr1_auth_asym_id 
_struct_conn.ptnr1_auth_comp_id 
_struct_conn.ptnr1_auth_seq_id 
_struct_conn.ptnr2_auth_asym_id 
_struct_conn.ptnr2_auth_comp_id 
_struct_conn.ptnr2_auth_seq_id 
_struct_conn.ptnr2_symmetry 
_struct_conn.pdbx_ptnr3_label_atom_id 
_struct_conn.pdbx_ptnr3_label_seq_id 
_struct_conn.pdbx_ptnr3_label_comp_id 
_struct_conn.pdbx_ptnr3_label_asym_id 
_struct_conn.pdbx_ptnr3_label_alt_id 
_struct_conn.pdbx_ptnr3_PDB_ins_code 
_struct_conn.details 
_struct_conn.pdbx_dist_value 
_struct_conn.pdbx_value_order 
_struct_conn.pdbx_role 
metalc1  metalc ? ? B K . K ? ? ? 1_555 F PGE . O4 ? ? A K 201 A PGE 205 1_555 ? ? ? ? ? ? ? 3.058 ? ? 
metalc2  metalc ? ? B K . K ? ? ? 1_555 F PGE . O1 ? ? A K 201 A PGE 205 1_555 ? ? ? ? ? ? ? 3.122 ? ? 
metalc3  metalc ? ? B K . K ? ? ? 1_555 F PGE . O2 ? ? A K 201 A PGE 205 1_555 ? ? ? ? ? ? ? 2.719 ? ? 
metalc4  metalc ? ? B K . K ? ? ? 1_555 F PGE . O3 ? ? A K 201 A PGE 205 1_555 ? ? ? ? ? ? ? 2.855 ? ? 
metalc5  metalc ? ? B K . K ? ? ? 1_555 F PGE . O1 ? ? A K 201 A PGE 205 7_555 ? ? ? ? ? ? ? 3.122 ? ? 
metalc6  metalc ? ? B K . K ? ? ? 1_555 F PGE . O2 ? ? A K 201 A PGE 205 7_555 ? ? ? ? ? ? ? 2.719 ? ? 
metalc7  metalc ? ? B K . K ? ? ? 1_555 F PGE . O3 ? ? A K 201 A PGE 205 7_555 ? ? ? ? ? ? ? 2.855 ? ? 
metalc8  metalc ? ? B K . K ? ? ? 1_555 F PGE . O4 ? ? A K 201 A PGE 205 7_555 ? ? ? ? ? ? ? 3.058 ? ? 
metalc9  metalc ? ? C K . K ? ? ? 1_555 G PGE . O1 ? ? A K 202 A PGE 206 1_555 ? ? ? ? ? ? ? 3.184 ? ? 
metalc10 metalc ? ? C K . K ? ? ? 1_555 G PGE . O2 ? ? A K 202 A PGE 206 1_555 ? ? ? ? ? ? ? 2.726 ? ? 
metalc11 metalc ? ? C K . K ? ? ? 1_555 G PGE . O3 ? ? A K 202 A PGE 206 1_555 ? ? ? ? ? ? ? 2.985 ? ? 
metalc12 metalc ? ? C K . K ? ? ? 1_555 G PGE . O4 ? ? A K 202 A PGE 206 1_555 ? ? ? ? ? ? ? 2.968 ? ? 
# 
_struct_conn_type.id          metalc 
_struct_conn_type.criteria    ? 
_struct_conn_type.reference   ? 
# 
loop_
_pdbx_struct_conn_angle.id 
_pdbx_struct_conn_angle.ptnr1_label_atom_id 
_pdbx_struct_conn_angle.ptnr1_label_alt_id 
_pdbx_struct_conn_angle.ptnr1_label_asym_id 
_pdbx_struct_conn_angle.ptnr1_label_comp_id 
_pdbx_struct_conn_angle.ptnr1_label_seq_id 
_pdbx_struct_conn_angle.ptnr1_auth_atom_id 
_pdbx_struct_conn_angle.ptnr1_auth_asym_id 
_pdbx_struct_conn_angle.ptnr1_auth_comp_id 
_pdbx_struct_conn_angle.ptnr1_auth_seq_id 
_pdbx_struct_conn_angle.ptnr1_PDB_ins_code 
_pdbx_struct_conn_angle.ptnr1_symmetry 
_pdbx_struct_conn_angle.ptnr2_label_atom_id 
_pdbx_struct_conn_angle.ptnr2_label_alt_id 
_pdbx_struct_conn_angle.ptnr2_label_asym_id 
_pdbx_struct_conn_angle.ptnr2_label_comp_id 
_pdbx_struct_conn_angle.ptnr2_label_seq_id 
_pdbx_struct_conn_angle.ptnr2_auth_atom_id 
_pdbx_struct_conn_angle.ptnr2_auth_asym_id 
_pdbx_struct_conn_angle.ptnr2_auth_comp_id 
_pdbx_struct_conn_angle.ptnr2_auth_seq_id 
_pdbx_struct_conn_angle.ptnr2_PDB_ins_code 
_pdbx_struct_conn_angle.ptnr2_symmetry 
_pdbx_struct_conn_angle.ptnr3_label_atom_id 
_pdbx_struct_conn_angle.ptnr3_label_alt_id 
_pdbx_struct_conn_angle.ptnr3_label_asym_id 
_pdbx_struct_conn_angle.ptnr3_label_comp_id 
_pdbx_struct_conn_angle.ptnr3_label_seq_id 
_pdbx_struct_conn_angle.ptnr3_auth_atom_id 
_pdbx_struct_conn_angle.ptnr3_auth_asym_id 
_pdbx_struct_conn_angle.ptnr3_auth_comp_id 
_pdbx_struct_conn_angle.ptnr3_auth_seq_id 
_pdbx_struct_conn_angle.ptnr3_PDB_ins_code 
_pdbx_struct_conn_angle.ptnr3_symmetry 
_pdbx_struct_conn_angle.value 
_pdbx_struct_conn_angle.value_esd 
1  O4 ? F PGE . ? A PGE 205 ? 1_555 K ? B K . ? A K 201 ? 1_555 O1 ? F PGE . ? A PGE 205 ? 1_555 102.4 ? 
2  O4 ? F PGE . ? A PGE 205 ? 1_555 K ? B K . ? A K 201 ? 1_555 O2 ? F PGE . ? A PGE 205 ? 1_555 99.3  ? 
3  O1 ? F PGE . ? A PGE 205 ? 1_555 K ? B K . ? A K 201 ? 1_555 O2 ? F PGE . ? A PGE 205 ? 1_555 55.3  ? 
4  O4 ? F PGE . ? A PGE 205 ? 1_555 K ? B K . ? A K 201 ? 1_555 O3 ? F PGE . ? A PGE 205 ? 1_555 53.6  ? 
5  O1 ? F PGE . ? A PGE 205 ? 1_555 K ? B K . ? A K 201 ? 1_555 O3 ? F PGE . ? A PGE 205 ? 1_555 100.9 ? 
6  O2 ? F PGE . ? A PGE 205 ? 1_555 K ? B K . ? A K 201 ? 1_555 O3 ? F PGE . ? A PGE 205 ? 1_555 58.1  ? 
7  O4 ? F PGE . ? A PGE 205 ? 1_555 K ? B K . ? A K 201 ? 1_555 O1 ? F PGE . ? A PGE 205 ? 7_555 62.3  ? 
8  O1 ? F PGE . ? A PGE 205 ? 1_555 K ? B K . ? A K 201 ? 1_555 O1 ? F PGE . ? A PGE 205 ? 7_555 42.2  ? 
9  O2 ? F PGE . ? A PGE 205 ? 1_555 K ? B K . ? A K 201 ? 1_555 O1 ? F PGE . ? A PGE 205 ? 7_555 77.2  ? 
10 O3 ? F PGE . ? A PGE 205 ? 1_555 K ? B K . ? A K 201 ? 1_555 O1 ? F PGE . ? A PGE 205 ? 7_555 87.1  ? 
11 O4 ? F PGE . ? A PGE 205 ? 1_555 K ? B K . ? A K 201 ? 1_555 O2 ? F PGE . ? A PGE 205 ? 7_555 74.0  ? 
12 O1 ? F PGE . ? A PGE 205 ? 1_555 K ? B K . ? A K 201 ? 1_555 O2 ? F PGE . ? A PGE 205 ? 7_555 77.2  ? 
13 O2 ? F PGE . ? A PGE 205 ? 1_555 K ? B K . ? A K 201 ? 1_555 O2 ? F PGE . ? A PGE 205 ? 7_555 129.8 ? 
14 O3 ? F PGE . ? A PGE 205 ? 1_555 K ? B K . ? A K 201 ? 1_555 O2 ? F PGE . ? A PGE 205 ? 7_555 126.2 ? 
15 O1 ? F PGE . ? A PGE 205 ? 7_555 K ? B K . ? A K 201 ? 1_555 O2 ? F PGE . ? A PGE 205 ? 7_555 55.3  ? 
16 O4 ? F PGE . ? A PGE 205 ? 1_555 K ? B K . ? A K 201 ? 1_555 O3 ? F PGE . ? A PGE 205 ? 7_555 127.8 ? 
17 O1 ? F PGE . ? A PGE 205 ? 1_555 K ? B K . ? A K 201 ? 1_555 O3 ? F PGE . ? A PGE 205 ? 7_555 87.1  ? 
18 O2 ? F PGE . ? A PGE 205 ? 1_555 K ? B K . ? A K 201 ? 1_555 O3 ? F PGE . ? A PGE 205 ? 7_555 126.2 ? 
19 O3 ? F PGE . ? A PGE 205 ? 1_555 K ? B K . ? A K 201 ? 1_555 O3 ? F PGE . ? A PGE 205 ? 7_555 171.4 ? 
20 O1 ? F PGE . ? A PGE 205 ? 7_555 K ? B K . ? A K 201 ? 1_555 O3 ? F PGE . ? A PGE 205 ? 7_555 100.9 ? 
21 O2 ? F PGE . ? A PGE 205 ? 7_555 K ? B K . ? A K 201 ? 1_555 O3 ? F PGE . ? A PGE 205 ? 7_555 58.1  ? 
22 O4 ? F PGE . ? A PGE 205 ? 1_555 K ? B K . ? A K 201 ? 1_555 O4 ? F PGE . ? A PGE 205 ? 7_555 164.6 ? 
23 O1 ? F PGE . ? A PGE 205 ? 1_555 K ? B K . ? A K 201 ? 1_555 O4 ? F PGE . ? A PGE 205 ? 7_555 62.3  ? 
24 O2 ? F PGE . ? A PGE 205 ? 1_555 K ? B K . ? A K 201 ? 1_555 O4 ? F PGE . ? A PGE 205 ? 7_555 74.0  ? 
25 O3 ? F PGE . ? A PGE 205 ? 1_555 K ? B K . ? A K 201 ? 1_555 O4 ? F PGE . ? A PGE 205 ? 7_555 127.8 ? 
26 O1 ? F PGE . ? A PGE 205 ? 7_555 K ? B K . ? A K 201 ? 1_555 O4 ? F PGE . ? A PGE 205 ? 7_555 102.4 ? 
27 O2 ? F PGE . ? A PGE 205 ? 7_555 K ? B K . ? A K 201 ? 1_555 O4 ? F PGE . ? A PGE 205 ? 7_555 99.3  ? 
28 O3 ? F PGE . ? A PGE 205 ? 7_555 K ? B K . ? A K 201 ? 1_555 O4 ? F PGE . ? A PGE 205 ? 7_555 53.6  ? 
29 O1 ? G PGE . ? A PGE 206 ? 1_555 K ? C K . ? A K 202 ? 1_555 O2 ? G PGE . ? A PGE 206 ? 1_555 62.3  ? 
30 O1 ? G PGE . ? A PGE 206 ? 1_555 K ? C K . ? A K 202 ? 1_555 O3 ? G PGE . ? A PGE 206 ? 1_555 117.1 ? 
31 O2 ? G PGE . ? A PGE 206 ? 1_555 K ? C K . ? A K 202 ? 1_555 O3 ? G PGE . ? A PGE 206 ? 1_555 56.2  ? 
32 O1 ? G PGE . ? A PGE 206 ? 1_555 K ? C K . ? A K 202 ? 1_555 O4 ? G PGE . ? A PGE 206 ? 1_555 147.7 ? 
33 O2 ? G PGE . ? A PGE 206 ? 1_555 K ? C K . ? A K 202 ? 1_555 O4 ? G PGE . ? A PGE 206 ? 1_555 113.1 ? 
34 O3 ? G PGE . ? A PGE 206 ? 1_555 K ? C K . ? A K 202 ? 1_555 O4 ? G PGE . ? A PGE 206 ? 1_555 60.5  ? 
# 
_struct_sheet.id               AA1 
_struct_sheet.type             ? 
_struct_sheet.number_strands   8 
_struct_sheet.details          ? 
# 
loop_
_struct_sheet_order.sheet_id 
_struct_sheet_order.range_id_1 
_struct_sheet_order.range_id_2 
_struct_sheet_order.offset 
_struct_sheet_order.sense 
AA1 1 2 ? anti-parallel 
AA1 2 3 ? anti-parallel 
AA1 3 4 ? anti-parallel 
AA1 4 5 ? anti-parallel 
AA1 5 6 ? anti-parallel 
AA1 6 7 ? anti-parallel 
AA1 7 8 ? anti-parallel 
# 
loop_
_struct_sheet_range.sheet_id 
_struct_sheet_range.id 
_struct_sheet_range.beg_label_comp_id 
_struct_sheet_range.beg_label_asym_id 
_struct_sheet_range.beg_label_seq_id 
_struct_sheet_range.pdbx_beg_PDB_ins_code 
_struct_sheet_range.end_label_comp_id 
_struct_sheet_range.end_label_asym_id 
_struct_sheet_range.end_label_seq_id 
_struct_sheet_range.pdbx_end_PDB_ins_code 
_struct_sheet_range.beg_auth_comp_id 
_struct_sheet_range.beg_auth_asym_id 
_struct_sheet_range.beg_auth_seq_id 
_struct_sheet_range.end_auth_comp_id 
_struct_sheet_range.end_auth_asym_id 
_struct_sheet_range.end_auth_seq_id 
AA1 1 PHE A 53  ? ILE A 57  ? PHE A 53  ILE A 57  
AA1 2 MET A 61  ? ALA A 64  ? MET A 61  ALA A 64  
AA1 3 PHE A 112 ? CYS A 115 ? PHE A 112 CYS A 115 
AA1 4 VAL A 97  ? MET A 100 ? VAL A 97  MET A 100 
AA1 5 VAL A 128 ? GLU A 134 ? VAL A 128 GLU A 134 
AA1 6 LYS A 15  ? LEU A 24  ? LYS A 15  LEU A 24  
AA1 7 LEU A 5   ? ALA A 12  ? LEU A 5   ALA A 12  
AA1 8 ILE A 156 ? GLN A 163 ? ILE A 156 GLN A 163 
# 
loop_
_pdbx_struct_sheet_hbond.sheet_id 
_pdbx_struct_sheet_hbond.range_id_1 
_pdbx_struct_sheet_hbond.range_id_2 
_pdbx_struct_sheet_hbond.range_1_label_atom_id 
_pdbx_struct_sheet_hbond.range_1_label_comp_id 
_pdbx_struct_sheet_hbond.range_1_label_asym_id 
_pdbx_struct_sheet_hbond.range_1_label_seq_id 
_pdbx_struct_sheet_hbond.range_1_PDB_ins_code 
_pdbx_struct_sheet_hbond.range_1_auth_atom_id 
_pdbx_struct_sheet_hbond.range_1_auth_comp_id 
_pdbx_struct_sheet_hbond.range_1_auth_asym_id 
_pdbx_struct_sheet_hbond.range_1_auth_seq_id 
_pdbx_struct_sheet_hbond.range_2_label_atom_id 
_pdbx_struct_sheet_hbond.range_2_label_comp_id 
_pdbx_struct_sheet_hbond.range_2_label_asym_id 
_pdbx_struct_sheet_hbond.range_2_label_seq_id 
_pdbx_struct_sheet_hbond.range_2_PDB_ins_code 
_pdbx_struct_sheet_hbond.range_2_auth_atom_id 
_pdbx_struct_sheet_hbond.range_2_auth_comp_id 
_pdbx_struct_sheet_hbond.range_2_auth_asym_id 
_pdbx_struct_sheet_hbond.range_2_auth_seq_id 
AA1 1 2 N ILE A 57  ? N ILE A 57  O MET A 61  ? O MET A 61  
AA1 2 3 N ALA A 64  ? N ALA A 64  O PHE A 112 ? O PHE A 112 
AA1 3 4 O PHE A 113 ? O PHE A 113 N SER A 99  ? N SER A 99  
AA1 4 5 N LEU A 98  ? N LEU A 98  O PHE A 129 ? O PHE A 129 
AA1 5 6 O ILE A 133 ? O ILE A 133 N VAL A 21  ? N VAL A 21  
AA1 6 7 O LEU A 17  ? O LEU A 17  N VAL A 10  ? N VAL A 10  
AA1 7 8 N ASP A 9   ? N ASP A 9   O ASP A 160 ? O ASP A 160 
# 
loop_
_struct_site.id 
_struct_site.pdbx_evidence_code 
_struct_site.pdbx_auth_asym_id 
_struct_site.pdbx_auth_comp_id 
_struct_site.pdbx_auth_seq_id 
_struct_site.pdbx_auth_ins_code 
_struct_site.pdbx_num_residues 
_struct_site.details 
AC1 Software A K   201 ? 2  'binding site for residue K A 201'   
AC2 Software A K   202 ? 2  'binding site for residue K A 202'   
AC3 Software A FMT 203 ? 8  'binding site for residue FMT A 203' 
AC4 Software A PG4 204 ? 3  'binding site for residue PG4 A 204' 
AC5 Software A PGE 205 ? 4  'binding site for residue PGE A 205' 
AC6 Software A PGE 206 ? 2  'binding site for residue PGE A 206' 
AC7 Software A 4ZT 207 ? 14 'binding site for residue 4ZT A 207' 
AC8 Software A PEG 208 ? 4  'binding site for residue PEG A 208' 
# 
loop_
_struct_site_gen.id 
_struct_site_gen.site_id 
_struct_site_gen.pdbx_num_res 
_struct_site_gen.label_comp_id 
_struct_site_gen.label_asym_id 
_struct_site_gen.label_seq_id 
_struct_site_gen.pdbx_auth_ins_code 
_struct_site_gen.auth_comp_id 
_struct_site_gen.auth_asym_id 
_struct_site_gen.auth_seq_id 
_struct_site_gen.label_atom_id 
_struct_site_gen.label_alt_id 
_struct_site_gen.symmetry 
_struct_site_gen.details 
1  AC1 2  PGE F .   ? PGE A 205 . ? 7_555 ? 
2  AC1 2  PGE F .   ? PGE A 205 . ? 1_555 ? 
3  AC2 2  PGE G .   ? PGE A 206 . ? 1_555 ? 
4  AC2 2  PEG I .   ? PEG A 208 . ? 1_555 ? 
5  AC3 8  CYS A 40  ? CYS A 40  . ? 1_555 ? 
6  AC3 8  THR A 41  ? THR A 41  . ? 1_555 ? 
7  AC3 8  LYS A 49  ? LYS A 49  . ? 1_555 ? 
8  AC3 8  CYS A 161 ? CYS A 161 . ? 1_555 ? 
9  AC3 8  HOH J .   ? HOH A 309 . ? 1_555 ? 
10 AC3 8  HOH J .   ? HOH A 329 . ? 1_555 ? 
11 AC3 8  HOH J .   ? HOH A 332 . ? 1_555 ? 
12 AC3 8  HOH J .   ? HOH A 389 . ? 1_555 ? 
13 AC4 3  PRO A 95  ? PRO A 95  . ? 1_555 ? 
14 AC4 3  HIS A 131 ? HIS A 131 . ? 1_555 ? 
15 AC4 3  HOH J .   ? HOH A 381 . ? 1_555 ? 
16 AC5 4  SER A 59  ? SER A 59  . ? 1_555 ? 
17 AC5 4  TRP A 121 ? TRP A 121 . ? 1_555 ? 
18 AC5 4  K   B .   ? K   A 201 . ? 7_555 ? 
19 AC5 4  K   B .   ? K   A 201 . ? 1_555 ? 
20 AC6 2  HIS A 70  ? HIS A 70  . ? 1_555 ? 
21 AC6 2  K   C .   ? K   A 202 . ? 1_555 ? 
22 AC7 14 ARG A 55  ? ARG A 55  . ? 1_555 ? 
23 AC7 14 GLN A 63  ? GLN A 63  . ? 1_555 ? 
24 AC7 14 GLY A 72  ? GLY A 72  . ? 1_555 ? 
25 AC7 14 ARG A 82  ? ARG A 82  . ? 1_555 ? 
26 AC7 14 ALA A 101 ? ALA A 101 . ? 1_555 ? 
27 AC7 14 ASN A 102 ? ASN A 102 . ? 1_555 ? 
28 AC7 14 GLY A 104 ? GLY A 104 . ? 1_555 ? 
29 AC7 14 THR A 107 ? THR A 107 . ? 1_555 ? 
30 AC7 14 GLY A 109 ? GLY A 109 . ? 1_555 ? 
31 AC7 14 GLN A 111 ? GLN A 111 . ? 1_555 ? 
32 AC7 14 PHE A 113 ? PHE A 113 . ? 1_555 ? 
33 AC7 14 HIS A 126 ? HIS A 126 . ? 1_555 ? 
34 AC7 14 HOH J .   ? HOH A 327 . ? 1_555 ? 
35 AC7 14 HOH J .   ? HOH A 340 . ? 1_555 ? 
36 AC8 4  GLY A 50  ? GLY A 50  . ? 1_555 ? 
37 AC8 4  HIS A 70  ? HIS A 70  . ? 1_555 ? 
38 AC8 4  LYS A 155 ? LYS A 155 . ? 1_555 ? 
39 AC8 4  K   C .   ? K   A 202 . ? 1_555 ? 
# 
_pdbx_validate_close_contact.id               1 
_pdbx_validate_close_contact.PDB_model_num    1 
_pdbx_validate_close_contact.auth_atom_id_1   O 
_pdbx_validate_close_contact.auth_asym_id_1   A 
_pdbx_validate_close_contact.auth_comp_id_1   HOH 
_pdbx_validate_close_contact.auth_seq_id_1    303 
_pdbx_validate_close_contact.PDB_ins_code_1   ? 
_pdbx_validate_close_contact.label_alt_id_1   ? 
_pdbx_validate_close_contact.auth_atom_id_2   O 
_pdbx_validate_close_contact.auth_asym_id_2   A 
_pdbx_validate_close_contact.auth_comp_id_2   HOH 
_pdbx_validate_close_contact.auth_seq_id_2    373 
_pdbx_validate_close_contact.PDB_ins_code_2   ? 
_pdbx_validate_close_contact.label_alt_id_2   ? 
_pdbx_validate_close_contact.dist             1.20 
# 
loop_
_pdbx_validate_rmsd_angle.id 
_pdbx_validate_rmsd_angle.PDB_model_num 
_pdbx_validate_rmsd_angle.auth_atom_id_1 
_pdbx_validate_rmsd_angle.auth_asym_id_1 
_pdbx_validate_rmsd_angle.auth_comp_id_1 
_pdbx_validate_rmsd_angle.auth_seq_id_1 
_pdbx_validate_rmsd_angle.PDB_ins_code_1 
_pdbx_validate_rmsd_angle.label_alt_id_1 
_pdbx_validate_rmsd_angle.auth_atom_id_2 
_pdbx_validate_rmsd_angle.auth_asym_id_2 
_pdbx_validate_rmsd_angle.auth_comp_id_2 
_pdbx_validate_rmsd_angle.auth_seq_id_2 
_pdbx_validate_rmsd_angle.PDB_ins_code_2 
_pdbx_validate_rmsd_angle.label_alt_id_2 
_pdbx_validate_rmsd_angle.auth_atom_id_3 
_pdbx_validate_rmsd_angle.auth_asym_id_3 
_pdbx_validate_rmsd_angle.auth_comp_id_3 
_pdbx_validate_rmsd_angle.auth_seq_id_3 
_pdbx_validate_rmsd_angle.PDB_ins_code_3 
_pdbx_validate_rmsd_angle.label_alt_id_3 
_pdbx_validate_rmsd_angle.angle_value 
_pdbx_validate_rmsd_angle.angle_target_value 
_pdbx_validate_rmsd_angle.angle_deviation 
_pdbx_validate_rmsd_angle.angle_standard_deviation 
_pdbx_validate_rmsd_angle.linker_flag 
1 1 NE A ARG 37  ? ? CZ A ARG 37  ? ? NH1 A ARG 37  ? ? 123.61 120.30 3.31  0.50 N 
2 1 NE A ARG 82  ? B CZ A ARG 82  ? B NH2 A ARG 82  ? B 116.54 120.30 -3.76 0.50 N 
3 1 NE A ARG 151 ? ? CZ A ARG 151 ? ? NH2 A ARG 151 ? ? 116.03 120.30 -4.27 0.50 N 
# 
loop_
_pdbx_validate_torsion.id 
_pdbx_validate_torsion.PDB_model_num 
_pdbx_validate_torsion.auth_comp_id 
_pdbx_validate_torsion.auth_asym_id 
_pdbx_validate_torsion.auth_seq_id 
_pdbx_validate_torsion.PDB_ins_code 
_pdbx_validate_torsion.label_alt_id 
_pdbx_validate_torsion.phi 
_pdbx_validate_torsion.psi 
1 1 PHE A 60  ? ? -146.64 -75.59 
2 1 ASN A 71  ? ? -147.70 10.19  
3 1 THR A 119 ? ? -114.93 54.02  
# 
_pdbx_struct_special_symmetry.id              1 
_pdbx_struct_special_symmetry.PDB_model_num   1 
_pdbx_struct_special_symmetry.auth_asym_id    A 
_pdbx_struct_special_symmetry.auth_comp_id    K 
_pdbx_struct_special_symmetry.auth_seq_id     201 
_pdbx_struct_special_symmetry.PDB_ins_code    ? 
_pdbx_struct_special_symmetry.label_asym_id   B 
_pdbx_struct_special_symmetry.label_comp_id   K 
_pdbx_struct_special_symmetry.label_seq_id    . 
# 
_pdbx_unobs_or_zero_occ_residues.id               1 
_pdbx_unobs_or_zero_occ_residues.PDB_model_num    1 
_pdbx_unobs_or_zero_occ_residues.polymer_flag     Y 
_pdbx_unobs_or_zero_occ_residues.occupancy_flag   1 
_pdbx_unobs_or_zero_occ_residues.auth_asym_id     A 
_pdbx_unobs_or_zero_occ_residues.auth_comp_id     MET 
_pdbx_unobs_or_zero_occ_residues.auth_seq_id      1 
_pdbx_unobs_or_zero_occ_residues.PDB_ins_code     ? 
_pdbx_unobs_or_zero_occ_residues.label_asym_id    A 
_pdbx_unobs_or_zero_occ_residues.label_comp_id    MET 
_pdbx_unobs_or_zero_occ_residues.label_seq_id     1 
# 
loop_
_chem_comp_atom.comp_id 
_chem_comp_atom.atom_id 
_chem_comp_atom.type_symbol 
_chem_comp_atom.pdbx_aromatic_flag 
_chem_comp_atom.pdbx_stereo_config 
_chem_comp_atom.pdbx_ordinal 
4ZT N1   N N N 1   
4ZT C1   C N N 2   
4ZT C2   C N N 3   
4ZT C3   C Y N 4   
4ZT C4   C Y N 5   
4ZT C5   C Y N 6   
4ZT C6   C Y N 7   
4ZT C7   C Y N 8   
4ZT C8   C Y N 9   
4ZT N9   N N N 10  
4ZT N10  N N N 11  
4ZT O13  O N N 12  
4ZT C14  C N S 13  
4ZT C15  C N N 14  
4ZT O16  O N N 15  
4ZT O17  O N N 16  
4ZT C18  C N N 17  
4ZT C19  C N N 18  
4ZT C20  C N N 19  
4ZT C21  C N N 20  
4ZT S22  S N N 21  
4ZT C23  C N N 22  
4ZT H1   H N N 23  
4ZT H2   H N N 24  
4ZT H3   H N N 25  
4ZT H4   H N N 26  
4ZT H5   H N N 27  
4ZT H6   H N N 28  
4ZT H7   H N N 29  
4ZT H8   H N N 30  
4ZT H9   H N N 31  
4ZT H10  H N N 32  
4ZT H11  H N N 33  
4ZT H12  H N N 34  
4ZT H13  H N N 35  
4ZT H14  H N N 36  
4ZT H15  H N N 37  
4ZT H16  H N N 38  
4ZT H17  H N N 39  
4ZT H18  H N N 40  
4ZT H19  H N N 41  
4ZT H20  H N N 42  
4ZT H21  H N N 43  
4ZT H22  H N N 44  
4ZT H23  H N N 45  
ALA N    N N N 46  
ALA CA   C N S 47  
ALA C    C N N 48  
ALA O    O N N 49  
ALA CB   C N N 50  
ALA OXT  O N N 51  
ALA H    H N N 52  
ALA H2   H N N 53  
ALA HA   H N N 54  
ALA HB1  H N N 55  
ALA HB2  H N N 56  
ALA HB3  H N N 57  
ALA HXT  H N N 58  
ARG N    N N N 59  
ARG CA   C N S 60  
ARG C    C N N 61  
ARG O    O N N 62  
ARG CB   C N N 63  
ARG CG   C N N 64  
ARG CD   C N N 65  
ARG NE   N N N 66  
ARG CZ   C N N 67  
ARG NH1  N N N 68  
ARG NH2  N N N 69  
ARG OXT  O N N 70  
ARG H    H N N 71  
ARG H2   H N N 72  
ARG HA   H N N 73  
ARG HB2  H N N 74  
ARG HB3  H N N 75  
ARG HG2  H N N 76  
ARG HG3  H N N 77  
ARG HD2  H N N 78  
ARG HD3  H N N 79  
ARG HE   H N N 80  
ARG HH11 H N N 81  
ARG HH12 H N N 82  
ARG HH21 H N N 83  
ARG HH22 H N N 84  
ARG HXT  H N N 85  
ASN N    N N N 86  
ASN CA   C N S 87  
ASN C    C N N 88  
ASN O    O N N 89  
ASN CB   C N N 90  
ASN CG   C N N 91  
ASN OD1  O N N 92  
ASN ND2  N N N 93  
ASN OXT  O N N 94  
ASN H    H N N 95  
ASN H2   H N N 96  
ASN HA   H N N 97  
ASN HB2  H N N 98  
ASN HB3  H N N 99  
ASN HD21 H N N 100 
ASN HD22 H N N 101 
ASN HXT  H N N 102 
ASP N    N N N 103 
ASP CA   C N S 104 
ASP C    C N N 105 
ASP O    O N N 106 
ASP CB   C N N 107 
ASP CG   C N N 108 
ASP OD1  O N N 109 
ASP OD2  O N N 110 
ASP OXT  O N N 111 
ASP H    H N N 112 
ASP H2   H N N 113 
ASP HA   H N N 114 
ASP HB2  H N N 115 
ASP HB3  H N N 116 
ASP HD2  H N N 117 
ASP HXT  H N N 118 
CYS N    N N N 119 
CYS CA   C N R 120 
CYS C    C N N 121 
CYS O    O N N 122 
CYS CB   C N N 123 
CYS SG   S N N 124 
CYS OXT  O N N 125 
CYS H    H N N 126 
CYS H2   H N N 127 
CYS HA   H N N 128 
CYS HB2  H N N 129 
CYS HB3  H N N 130 
CYS HG   H N N 131 
CYS HXT  H N N 132 
FMT C    C N N 133 
FMT O1   O N N 134 
FMT O2   O N N 135 
FMT H    H N N 136 
FMT HO2  H N N 137 
GLN N    N N N 138 
GLN CA   C N S 139 
GLN C    C N N 140 
GLN O    O N N 141 
GLN CB   C N N 142 
GLN CG   C N N 143 
GLN CD   C N N 144 
GLN OE1  O N N 145 
GLN NE2  N N N 146 
GLN OXT  O N N 147 
GLN H    H N N 148 
GLN H2   H N N 149 
GLN HA   H N N 150 
GLN HB2  H N N 151 
GLN HB3  H N N 152 
GLN HG2  H N N 153 
GLN HG3  H N N 154 
GLN HE21 H N N 155 
GLN HE22 H N N 156 
GLN HXT  H N N 157 
GLU N    N N N 158 
GLU CA   C N S 159 
GLU C    C N N 160 
GLU O    O N N 161 
GLU CB   C N N 162 
GLU CG   C N N 163 
GLU CD   C N N 164 
GLU OE1  O N N 165 
GLU OE2  O N N 166 
GLU OXT  O N N 167 
GLU H    H N N 168 
GLU H2   H N N 169 
GLU HA   H N N 170 
GLU HB2  H N N 171 
GLU HB3  H N N 172 
GLU HG2  H N N 173 
GLU HG3  H N N 174 
GLU HE2  H N N 175 
GLU HXT  H N N 176 
GLY N    N N N 177 
GLY CA   C N N 178 
GLY C    C N N 179 
GLY O    O N N 180 
GLY OXT  O N N 181 
GLY H    H N N 182 
GLY H2   H N N 183 
GLY HA2  H N N 184 
GLY HA3  H N N 185 
GLY HXT  H N N 186 
HIS N    N N N 187 
HIS CA   C N S 188 
HIS C    C N N 189 
HIS O    O N N 190 
HIS CB   C N N 191 
HIS CG   C Y N 192 
HIS ND1  N Y N 193 
HIS CD2  C Y N 194 
HIS CE1  C Y N 195 
HIS NE2  N Y N 196 
HIS OXT  O N N 197 
HIS H    H N N 198 
HIS H2   H N N 199 
HIS HA   H N N 200 
HIS HB2  H N N 201 
HIS HB3  H N N 202 
HIS HD1  H N N 203 
HIS HD2  H N N 204 
HIS HE1  H N N 205 
HIS HE2  H N N 206 
HIS HXT  H N N 207 
HOH O    O N N 208 
HOH H1   H N N 209 
HOH H2   H N N 210 
ILE N    N N N 211 
ILE CA   C N S 212 
ILE C    C N N 213 
ILE O    O N N 214 
ILE CB   C N S 215 
ILE CG1  C N N 216 
ILE CG2  C N N 217 
ILE CD1  C N N 218 
ILE OXT  O N N 219 
ILE H    H N N 220 
ILE H2   H N N 221 
ILE HA   H N N 222 
ILE HB   H N N 223 
ILE HG12 H N N 224 
ILE HG13 H N N 225 
ILE HG21 H N N 226 
ILE HG22 H N N 227 
ILE HG23 H N N 228 
ILE HD11 H N N 229 
ILE HD12 H N N 230 
ILE HD13 H N N 231 
ILE HXT  H N N 232 
K   K    K N N 233 
LEU N    N N N 234 
LEU CA   C N S 235 
LEU C    C N N 236 
LEU O    O N N 237 
LEU CB   C N N 238 
LEU CG   C N N 239 
LEU CD1  C N N 240 
LEU CD2  C N N 241 
LEU OXT  O N N 242 
LEU H    H N N 243 
LEU H2   H N N 244 
LEU HA   H N N 245 
LEU HB2  H N N 246 
LEU HB3  H N N 247 
LEU HG   H N N 248 
LEU HD11 H N N 249 
LEU HD12 H N N 250 
LEU HD13 H N N 251 
LEU HD21 H N N 252 
LEU HD22 H N N 253 
LEU HD23 H N N 254 
LEU HXT  H N N 255 
LYS N    N N N 256 
LYS CA   C N S 257 
LYS C    C N N 258 
LYS O    O N N 259 
LYS CB   C N N 260 
LYS CG   C N N 261 
LYS CD   C N N 262 
LYS CE   C N N 263 
LYS NZ   N N N 264 
LYS OXT  O N N 265 
LYS H    H N N 266 
LYS H2   H N N 267 
LYS HA   H N N 268 
LYS HB2  H N N 269 
LYS HB3  H N N 270 
LYS HG2  H N N 271 
LYS HG3  H N N 272 
LYS HD2  H N N 273 
LYS HD3  H N N 274 
LYS HE2  H N N 275 
LYS HE3  H N N 276 
LYS HZ1  H N N 277 
LYS HZ2  H N N 278 
LYS HZ3  H N N 279 
LYS HXT  H N N 280 
MET N    N N N 281 
MET CA   C N S 282 
MET C    C N N 283 
MET O    O N N 284 
MET CB   C N N 285 
MET CG   C N N 286 
MET SD   S N N 287 
MET CE   C N N 288 
MET OXT  O N N 289 
MET H    H N N 290 
MET H2   H N N 291 
MET HA   H N N 292 
MET HB2  H N N 293 
MET HB3  H N N 294 
MET HG2  H N N 295 
MET HG3  H N N 296 
MET HE1  H N N 297 
MET HE2  H N N 298 
MET HE3  H N N 299 
MET HXT  H N N 300 
PEG C1   C N N 301 
PEG O1   O N N 302 
PEG C2   C N N 303 
PEG O2   O N N 304 
PEG C3   C N N 305 
PEG C4   C N N 306 
PEG O4   O N N 307 
PEG H11  H N N 308 
PEG H12  H N N 309 
PEG HO1  H N N 310 
PEG H21  H N N 311 
PEG H22  H N N 312 
PEG H31  H N N 313 
PEG H32  H N N 314 
PEG H41  H N N 315 
PEG H42  H N N 316 
PEG HO4  H N N 317 
PG4 O1   O N N 318 
PG4 C1   C N N 319 
PG4 C2   C N N 320 
PG4 O2   O N N 321 
PG4 C3   C N N 322 
PG4 C4   C N N 323 
PG4 O3   O N N 324 
PG4 C5   C N N 325 
PG4 C6   C N N 326 
PG4 O4   O N N 327 
PG4 C7   C N N 328 
PG4 C8   C N N 329 
PG4 O5   O N N 330 
PG4 HO1  H N N 331 
PG4 H11  H N N 332 
PG4 H12  H N N 333 
PG4 H21  H N N 334 
PG4 H22  H N N 335 
PG4 H31  H N N 336 
PG4 H32  H N N 337 
PG4 H41  H N N 338 
PG4 H42  H N N 339 
PG4 H51  H N N 340 
PG4 H52  H N N 341 
PG4 H61  H N N 342 
PG4 H62  H N N 343 
PG4 H71  H N N 344 
PG4 H72  H N N 345 
PG4 H81  H N N 346 
PG4 H82  H N N 347 
PG4 HO5  H N N 348 
PGE C1   C N N 349 
PGE O1   O N N 350 
PGE C2   C N N 351 
PGE O2   O N N 352 
PGE C3   C N N 353 
PGE C4   C N N 354 
PGE O4   O N N 355 
PGE C6   C N N 356 
PGE C5   C N N 357 
PGE O3   O N N 358 
PGE H1   H N N 359 
PGE H12  H N N 360 
PGE HO1  H N N 361 
PGE H2   H N N 362 
PGE H22  H N N 363 
PGE H3   H N N 364 
PGE H32  H N N 365 
PGE H4   H N N 366 
PGE H42  H N N 367 
PGE HO4  H N N 368 
PGE H6   H N N 369 
PGE H62  H N N 370 
PGE H5   H N N 371 
PGE H52  H N N 372 
PHE N    N N N 373 
PHE CA   C N S 374 
PHE C    C N N 375 
PHE O    O N N 376 
PHE CB   C N N 377 
PHE CG   C Y N 378 
PHE CD1  C Y N 379 
PHE CD2  C Y N 380 
PHE CE1  C Y N 381 
PHE CE2  C Y N 382 
PHE CZ   C Y N 383 
PHE OXT  O N N 384 
PHE H    H N N 385 
PHE H2   H N N 386 
PHE HA   H N N 387 
PHE HB2  H N N 388 
PHE HB3  H N N 389 
PHE HD1  H N N 390 
PHE HD2  H N N 391 
PHE HE1  H N N 392 
PHE HE2  H N N 393 
PHE HZ   H N N 394 
PHE HXT  H N N 395 
PRO N    N N N 396 
PRO CA   C N S 397 
PRO C    C N N 398 
PRO O    O N N 399 
PRO CB   C N N 400 
PRO CG   C N N 401 
PRO CD   C N N 402 
PRO OXT  O N N 403 
PRO H    H N N 404 
PRO HA   H N N 405 
PRO HB2  H N N 406 
PRO HB3  H N N 407 
PRO HG2  H N N 408 
PRO HG3  H N N 409 
PRO HD2  H N N 410 
PRO HD3  H N N 411 
PRO HXT  H N N 412 
SER N    N N N 413 
SER CA   C N S 414 
SER C    C N N 415 
SER O    O N N 416 
SER CB   C N N 417 
SER OG   O N N 418 
SER OXT  O N N 419 
SER H    H N N 420 
SER H2   H N N 421 
SER HA   H N N 422 
SER HB2  H N N 423 
SER HB3  H N N 424 
SER HG   H N N 425 
SER HXT  H N N 426 
THR N    N N N 427 
THR CA   C N S 428 
THR C    C N N 429 
THR O    O N N 430 
THR CB   C N R 431 
THR OG1  O N N 432 
THR CG2  C N N 433 
THR OXT  O N N 434 
THR H    H N N 435 
THR H2   H N N 436 
THR HA   H N N 437 
THR HB   H N N 438 
THR HG1  H N N 439 
THR HG21 H N N 440 
THR HG22 H N N 441 
THR HG23 H N N 442 
THR HXT  H N N 443 
TRP N    N N N 444 
TRP CA   C N S 445 
TRP C    C N N 446 
TRP O    O N N 447 
TRP CB   C N N 448 
TRP CG   C Y N 449 
TRP CD1  C Y N 450 
TRP CD2  C Y N 451 
TRP NE1  N Y N 452 
TRP CE2  C Y N 453 
TRP CE3  C Y N 454 
TRP CZ2  C Y N 455 
TRP CZ3  C Y N 456 
TRP CH2  C Y N 457 
TRP OXT  O N N 458 
TRP H    H N N 459 
TRP H2   H N N 460 
TRP HA   H N N 461 
TRP HB2  H N N 462 
TRP HB3  H N N 463 
TRP HD1  H N N 464 
TRP HE1  H N N 465 
TRP HE3  H N N 466 
TRP HZ2  H N N 467 
TRP HZ3  H N N 468 
TRP HH2  H N N 469 
TRP HXT  H N N 470 
TYR N    N N N 471 
TYR CA   C N S 472 
TYR C    C N N 473 
TYR O    O N N 474 
TYR CB   C N N 475 
TYR CG   C Y N 476 
TYR CD1  C Y N 477 
TYR CD2  C Y N 478 
TYR CE1  C Y N 479 
TYR CE2  C Y N 480 
TYR CZ   C Y N 481 
TYR OH   O N N 482 
TYR OXT  O N N 483 
TYR H    H N N 484 
TYR H2   H N N 485 
TYR HA   H N N 486 
TYR HB2  H N N 487 
TYR HB3  H N N 488 
TYR HD1  H N N 489 
TYR HD2  H N N 490 
TYR HE1  H N N 491 
TYR HE2  H N N 492 
TYR HH   H N N 493 
TYR HXT  H N N 494 
VAL N    N N N 495 
VAL CA   C N S 496 
VAL C    C N N 497 
VAL O    O N N 498 
VAL CB   C N N 499 
VAL CG1  C N N 500 
VAL CG2  C N N 501 
VAL OXT  O N N 502 
VAL H    H N N 503 
VAL H2   H N N 504 
VAL HA   H N N 505 
VAL HB   H N N 506 
VAL HG11 H N N 507 
VAL HG12 H N N 508 
VAL HG13 H N N 509 
VAL HG21 H N N 510 
VAL HG22 H N N 511 
VAL HG23 H N N 512 
VAL HXT  H N N 513 
# 
loop_
_chem_comp_bond.comp_id 
_chem_comp_bond.atom_id_1 
_chem_comp_bond.atom_id_2 
_chem_comp_bond.value_order 
_chem_comp_bond.pdbx_aromatic_flag 
_chem_comp_bond.pdbx_stereo_config 
_chem_comp_bond.pdbx_ordinal 
4ZT O13 C2   doub N N 1   
4ZT N1  C2   sing N N 2   
4ZT N1  C1   sing N N 3   
4ZT C2  N10  sing N N 4   
4ZT C1  C3   sing N N 5   
4ZT N10 C14  sing N N 6   
4ZT C14 C15  sing N N 7   
4ZT C14 C20  sing N N 8   
4ZT C4  C3   doub Y N 9   
4ZT C4  C5   sing Y N 10  
4ZT C3  C8   sing Y N 11  
4ZT C21 C20  sing N N 12  
4ZT C21 S22  sing N N 13  
4ZT O16 C15  sing N N 14  
4ZT O16 C18  sing N N 15  
4ZT C15 O17  doub N N 16  
4ZT C19 C18  sing N N 17  
4ZT C5  C6   doub Y N 18  
4ZT C8  C7   doub Y N 19  
4ZT S22 C23  sing N N 20  
4ZT C6  C7   sing Y N 21  
4ZT C6  N9   sing N N 22  
4ZT N1  H1   sing N N 23  
4ZT C1  H2   sing N N 24  
4ZT C1  H3   sing N N 25  
4ZT C4  H4   sing N N 26  
4ZT C5  H5   sing N N 27  
4ZT C7  H6   sing N N 28  
4ZT C8  H7   sing N N 29  
4ZT N9  H8   sing N N 30  
4ZT N9  H9   sing N N 31  
4ZT N10 H10  sing N N 32  
4ZT C14 H11  sing N N 33  
4ZT C18 H12  sing N N 34  
4ZT C18 H13  sing N N 35  
4ZT C19 H14  sing N N 36  
4ZT C19 H15  sing N N 37  
4ZT C19 H16  sing N N 38  
4ZT C20 H17  sing N N 39  
4ZT C20 H18  sing N N 40  
4ZT C21 H19  sing N N 41  
4ZT C21 H20  sing N N 42  
4ZT C23 H21  sing N N 43  
4ZT C23 H22  sing N N 44  
4ZT C23 H23  sing N N 45  
ALA N   CA   sing N N 46  
ALA N   H    sing N N 47  
ALA N   H2   sing N N 48  
ALA CA  C    sing N N 49  
ALA CA  CB   sing N N 50  
ALA CA  HA   sing N N 51  
ALA C   O    doub N N 52  
ALA C   OXT  sing N N 53  
ALA CB  HB1  sing N N 54  
ALA CB  HB2  sing N N 55  
ALA CB  HB3  sing N N 56  
ALA OXT HXT  sing N N 57  
ARG N   CA   sing N N 58  
ARG N   H    sing N N 59  
ARG N   H2   sing N N 60  
ARG CA  C    sing N N 61  
ARG CA  CB   sing N N 62  
ARG CA  HA   sing N N 63  
ARG C   O    doub N N 64  
ARG C   OXT  sing N N 65  
ARG CB  CG   sing N N 66  
ARG CB  HB2  sing N N 67  
ARG CB  HB3  sing N N 68  
ARG CG  CD   sing N N 69  
ARG CG  HG2  sing N N 70  
ARG CG  HG3  sing N N 71  
ARG CD  NE   sing N N 72  
ARG CD  HD2  sing N N 73  
ARG CD  HD3  sing N N 74  
ARG NE  CZ   sing N N 75  
ARG NE  HE   sing N N 76  
ARG CZ  NH1  sing N N 77  
ARG CZ  NH2  doub N N 78  
ARG NH1 HH11 sing N N 79  
ARG NH1 HH12 sing N N 80  
ARG NH2 HH21 sing N N 81  
ARG NH2 HH22 sing N N 82  
ARG OXT HXT  sing N N 83  
ASN N   CA   sing N N 84  
ASN N   H    sing N N 85  
ASN N   H2   sing N N 86  
ASN CA  C    sing N N 87  
ASN CA  CB   sing N N 88  
ASN CA  HA   sing N N 89  
ASN C   O    doub N N 90  
ASN C   OXT  sing N N 91  
ASN CB  CG   sing N N 92  
ASN CB  HB2  sing N N 93  
ASN CB  HB3  sing N N 94  
ASN CG  OD1  doub N N 95  
ASN CG  ND2  sing N N 96  
ASN ND2 HD21 sing N N 97  
ASN ND2 HD22 sing N N 98  
ASN OXT HXT  sing N N 99  
ASP N   CA   sing N N 100 
ASP N   H    sing N N 101 
ASP N   H2   sing N N 102 
ASP CA  C    sing N N 103 
ASP CA  CB   sing N N 104 
ASP CA  HA   sing N N 105 
ASP C   O    doub N N 106 
ASP C   OXT  sing N N 107 
ASP CB  CG   sing N N 108 
ASP CB  HB2  sing N N 109 
ASP CB  HB3  sing N N 110 
ASP CG  OD1  doub N N 111 
ASP CG  OD2  sing N N 112 
ASP OD2 HD2  sing N N 113 
ASP OXT HXT  sing N N 114 
CYS N   CA   sing N N 115 
CYS N   H    sing N N 116 
CYS N   H2   sing N N 117 
CYS CA  C    sing N N 118 
CYS CA  CB   sing N N 119 
CYS CA  HA   sing N N 120 
CYS C   O    doub N N 121 
CYS C   OXT  sing N N 122 
CYS CB  SG   sing N N 123 
CYS CB  HB2  sing N N 124 
CYS CB  HB3  sing N N 125 
CYS SG  HG   sing N N 126 
CYS OXT HXT  sing N N 127 
FMT C   O1   doub N N 128 
FMT C   O2   sing N N 129 
FMT C   H    sing N N 130 
FMT O2  HO2  sing N N 131 
GLN N   CA   sing N N 132 
GLN N   H    sing N N 133 
GLN N   H2   sing N N 134 
GLN CA  C    sing N N 135 
GLN CA  CB   sing N N 136 
GLN CA  HA   sing N N 137 
GLN C   O    doub N N 138 
GLN C   OXT  sing N N 139 
GLN CB  CG   sing N N 140 
GLN CB  HB2  sing N N 141 
GLN CB  HB3  sing N N 142 
GLN CG  CD   sing N N 143 
GLN CG  HG2  sing N N 144 
GLN CG  HG3  sing N N 145 
GLN CD  OE1  doub N N 146 
GLN CD  NE2  sing N N 147 
GLN NE2 HE21 sing N N 148 
GLN NE2 HE22 sing N N 149 
GLN OXT HXT  sing N N 150 
GLU N   CA   sing N N 151 
GLU N   H    sing N N 152 
GLU N   H2   sing N N 153 
GLU CA  C    sing N N 154 
GLU CA  CB   sing N N 155 
GLU CA  HA   sing N N 156 
GLU C   O    doub N N 157 
GLU C   OXT  sing N N 158 
GLU CB  CG   sing N N 159 
GLU CB  HB2  sing N N 160 
GLU CB  HB3  sing N N 161 
GLU CG  CD   sing N N 162 
GLU CG  HG2  sing N N 163 
GLU CG  HG3  sing N N 164 
GLU CD  OE1  doub N N 165 
GLU CD  OE2  sing N N 166 
GLU OE2 HE2  sing N N 167 
GLU OXT HXT  sing N N 168 
GLY N   CA   sing N N 169 
GLY N   H    sing N N 170 
GLY N   H2   sing N N 171 
GLY CA  C    sing N N 172 
GLY CA  HA2  sing N N 173 
GLY CA  HA3  sing N N 174 
GLY C   O    doub N N 175 
GLY C   OXT  sing N N 176 
GLY OXT HXT  sing N N 177 
HIS N   CA   sing N N 178 
HIS N   H    sing N N 179 
HIS N   H2   sing N N 180 
HIS CA  C    sing N N 181 
HIS CA  CB   sing N N 182 
HIS CA  HA   sing N N 183 
HIS C   O    doub N N 184 
HIS C   OXT  sing N N 185 
HIS CB  CG   sing N N 186 
HIS CB  HB2  sing N N 187 
HIS CB  HB3  sing N N 188 
HIS CG  ND1  sing Y N 189 
HIS CG  CD2  doub Y N 190 
HIS ND1 CE1  doub Y N 191 
HIS ND1 HD1  sing N N 192 
HIS CD2 NE2  sing Y N 193 
HIS CD2 HD2  sing N N 194 
HIS CE1 NE2  sing Y N 195 
HIS CE1 HE1  sing N N 196 
HIS NE2 HE2  sing N N 197 
HIS OXT HXT  sing N N 198 
HOH O   H1   sing N N 199 
HOH O   H2   sing N N 200 
ILE N   CA   sing N N 201 
ILE N   H    sing N N 202 
ILE N   H2   sing N N 203 
ILE CA  C    sing N N 204 
ILE CA  CB   sing N N 205 
ILE CA  HA   sing N N 206 
ILE C   O    doub N N 207 
ILE C   OXT  sing N N 208 
ILE CB  CG1  sing N N 209 
ILE CB  CG2  sing N N 210 
ILE CB  HB   sing N N 211 
ILE CG1 CD1  sing N N 212 
ILE CG1 HG12 sing N N 213 
ILE CG1 HG13 sing N N 214 
ILE CG2 HG21 sing N N 215 
ILE CG2 HG22 sing N N 216 
ILE CG2 HG23 sing N N 217 
ILE CD1 HD11 sing N N 218 
ILE CD1 HD12 sing N N 219 
ILE CD1 HD13 sing N N 220 
ILE OXT HXT  sing N N 221 
LEU N   CA   sing N N 222 
LEU N   H    sing N N 223 
LEU N   H2   sing N N 224 
LEU CA  C    sing N N 225 
LEU CA  CB   sing N N 226 
LEU CA  HA   sing N N 227 
LEU C   O    doub N N 228 
LEU C   OXT  sing N N 229 
LEU CB  CG   sing N N 230 
LEU CB  HB2  sing N N 231 
LEU CB  HB3  sing N N 232 
LEU CG  CD1  sing N N 233 
LEU CG  CD2  sing N N 234 
LEU CG  HG   sing N N 235 
LEU CD1 HD11 sing N N 236 
LEU CD1 HD12 sing N N 237 
LEU CD1 HD13 sing N N 238 
LEU CD2 HD21 sing N N 239 
LEU CD2 HD22 sing N N 240 
LEU CD2 HD23 sing N N 241 
LEU OXT HXT  sing N N 242 
LYS N   CA   sing N N 243 
LYS N   H    sing N N 244 
LYS N   H2   sing N N 245 
LYS CA  C    sing N N 246 
LYS CA  CB   sing N N 247 
LYS CA  HA   sing N N 248 
LYS C   O    doub N N 249 
LYS C   OXT  sing N N 250 
LYS CB  CG   sing N N 251 
LYS CB  HB2  sing N N 252 
LYS CB  HB3  sing N N 253 
LYS CG  CD   sing N N 254 
LYS CG  HG2  sing N N 255 
LYS CG  HG3  sing N N 256 
LYS CD  CE   sing N N 257 
LYS CD  HD2  sing N N 258 
LYS CD  HD3  sing N N 259 
LYS CE  NZ   sing N N 260 
LYS CE  HE2  sing N N 261 
LYS CE  HE3  sing N N 262 
LYS NZ  HZ1  sing N N 263 
LYS NZ  HZ2  sing N N 264 
LYS NZ  HZ3  sing N N 265 
LYS OXT HXT  sing N N 266 
MET N   CA   sing N N 267 
MET N   H    sing N N 268 
MET N   H2   sing N N 269 
MET CA  C    sing N N 270 
MET CA  CB   sing N N 271 
MET CA  HA   sing N N 272 
MET C   O    doub N N 273 
MET C   OXT  sing N N 274 
MET CB  CG   sing N N 275 
MET CB  HB2  sing N N 276 
MET CB  HB3  sing N N 277 
MET CG  SD   sing N N 278 
MET CG  HG2  sing N N 279 
MET CG  HG3  sing N N 280 
MET SD  CE   sing N N 281 
MET CE  HE1  sing N N 282 
MET CE  HE2  sing N N 283 
MET CE  HE3  sing N N 284 
MET OXT HXT  sing N N 285 
PEG C1  O1   sing N N 286 
PEG C1  C2   sing N N 287 
PEG C1  H11  sing N N 288 
PEG C1  H12  sing N N 289 
PEG O1  HO1  sing N N 290 
PEG C2  O2   sing N N 291 
PEG C2  H21  sing N N 292 
PEG C2  H22  sing N N 293 
PEG O2  C3   sing N N 294 
PEG C3  C4   sing N N 295 
PEG C3  H31  sing N N 296 
PEG C3  H32  sing N N 297 
PEG C4  O4   sing N N 298 
PEG C4  H41  sing N N 299 
PEG C4  H42  sing N N 300 
PEG O4  HO4  sing N N 301 
PG4 O1  C1   sing N N 302 
PG4 O1  HO1  sing N N 303 
PG4 C1  C2   sing N N 304 
PG4 C1  H11  sing N N 305 
PG4 C1  H12  sing N N 306 
PG4 C2  O2   sing N N 307 
PG4 C2  H21  sing N N 308 
PG4 C2  H22  sing N N 309 
PG4 O2  C3   sing N N 310 
PG4 C3  C4   sing N N 311 
PG4 C3  H31  sing N N 312 
PG4 C3  H32  sing N N 313 
PG4 C4  O3   sing N N 314 
PG4 C4  H41  sing N N 315 
PG4 C4  H42  sing N N 316 
PG4 O3  C5   sing N N 317 
PG4 C5  C6   sing N N 318 
PG4 C5  H51  sing N N 319 
PG4 C5  H52  sing N N 320 
PG4 C6  O4   sing N N 321 
PG4 C6  H61  sing N N 322 
PG4 C6  H62  sing N N 323 
PG4 O4  C7   sing N N 324 
PG4 C7  C8   sing N N 325 
PG4 C7  H71  sing N N 326 
PG4 C7  H72  sing N N 327 
PG4 C8  O5   sing N N 328 
PG4 C8  H81  sing N N 329 
PG4 C8  H82  sing N N 330 
PG4 O5  HO5  sing N N 331 
PGE C1  O1   sing N N 332 
PGE C1  C2   sing N N 333 
PGE C1  H1   sing N N 334 
PGE C1  H12  sing N N 335 
PGE O1  HO1  sing N N 336 
PGE C2  O2   sing N N 337 
PGE C2  H2   sing N N 338 
PGE C2  H22  sing N N 339 
PGE O2  C3   sing N N 340 
PGE C3  C4   sing N N 341 
PGE C3  H3   sing N N 342 
PGE C3  H32  sing N N 343 
PGE C4  O3   sing N N 344 
PGE C4  H4   sing N N 345 
PGE C4  H42  sing N N 346 
PGE O4  C6   sing N N 347 
PGE O4  HO4  sing N N 348 
PGE C6  C5   sing N N 349 
PGE C6  H6   sing N N 350 
PGE C6  H62  sing N N 351 
PGE C5  O3   sing N N 352 
PGE C5  H5   sing N N 353 
PGE C5  H52  sing N N 354 
PHE N   CA   sing N N 355 
PHE N   H    sing N N 356 
PHE N   H2   sing N N 357 
PHE CA  C    sing N N 358 
PHE CA  CB   sing N N 359 
PHE CA  HA   sing N N 360 
PHE C   O    doub N N 361 
PHE C   OXT  sing N N 362 
PHE CB  CG   sing N N 363 
PHE CB  HB2  sing N N 364 
PHE CB  HB3  sing N N 365 
PHE CG  CD1  doub Y N 366 
PHE CG  CD2  sing Y N 367 
PHE CD1 CE1  sing Y N 368 
PHE CD1 HD1  sing N N 369 
PHE CD2 CE2  doub Y N 370 
PHE CD2 HD2  sing N N 371 
PHE CE1 CZ   doub Y N 372 
PHE CE1 HE1  sing N N 373 
PHE CE2 CZ   sing Y N 374 
PHE CE2 HE2  sing N N 375 
PHE CZ  HZ   sing N N 376 
PHE OXT HXT  sing N N 377 
PRO N   CA   sing N N 378 
PRO N   CD   sing N N 379 
PRO N   H    sing N N 380 
PRO CA  C    sing N N 381 
PRO CA  CB   sing N N 382 
PRO CA  HA   sing N N 383 
PRO C   O    doub N N 384 
PRO C   OXT  sing N N 385 
PRO CB  CG   sing N N 386 
PRO CB  HB2  sing N N 387 
PRO CB  HB3  sing N N 388 
PRO CG  CD   sing N N 389 
PRO CG  HG2  sing N N 390 
PRO CG  HG3  sing N N 391 
PRO CD  HD2  sing N N 392 
PRO CD  HD3  sing N N 393 
PRO OXT HXT  sing N N 394 
SER N   CA   sing N N 395 
SER N   H    sing N N 396 
SER N   H2   sing N N 397 
SER CA  C    sing N N 398 
SER CA  CB   sing N N 399 
SER CA  HA   sing N N 400 
SER C   O    doub N N 401 
SER C   OXT  sing N N 402 
SER CB  OG   sing N N 403 
SER CB  HB2  sing N N 404 
SER CB  HB3  sing N N 405 
SER OG  HG   sing N N 406 
SER OXT HXT  sing N N 407 
THR N   CA   sing N N 408 
THR N   H    sing N N 409 
THR N   H2   sing N N 410 
THR CA  C    sing N N 411 
THR CA  CB   sing N N 412 
THR CA  HA   sing N N 413 
THR C   O    doub N N 414 
THR C   OXT  sing N N 415 
THR CB  OG1  sing N N 416 
THR CB  CG2  sing N N 417 
THR CB  HB   sing N N 418 
THR OG1 HG1  sing N N 419 
THR CG2 HG21 sing N N 420 
THR CG2 HG22 sing N N 421 
THR CG2 HG23 sing N N 422 
THR OXT HXT  sing N N 423 
TRP N   CA   sing N N 424 
TRP N   H    sing N N 425 
TRP N   H2   sing N N 426 
TRP CA  C    sing N N 427 
TRP CA  CB   sing N N 428 
TRP CA  HA   sing N N 429 
TRP C   O    doub N N 430 
TRP C   OXT  sing N N 431 
TRP CB  CG   sing N N 432 
TRP CB  HB2  sing N N 433 
TRP CB  HB3  sing N N 434 
TRP CG  CD1  doub Y N 435 
TRP CG  CD2  sing Y N 436 
TRP CD1 NE1  sing Y N 437 
TRP CD1 HD1  sing N N 438 
TRP CD2 CE2  doub Y N 439 
TRP CD2 CE3  sing Y N 440 
TRP NE1 CE2  sing Y N 441 
TRP NE1 HE1  sing N N 442 
TRP CE2 CZ2  sing Y N 443 
TRP CE3 CZ3  doub Y N 444 
TRP CE3 HE3  sing N N 445 
TRP CZ2 CH2  doub Y N 446 
TRP CZ2 HZ2  sing N N 447 
TRP CZ3 CH2  sing Y N 448 
TRP CZ3 HZ3  sing N N 449 
TRP CH2 HH2  sing N N 450 
TRP OXT HXT  sing N N 451 
TYR N   CA   sing N N 452 
TYR N   H    sing N N 453 
TYR N   H2   sing N N 454 
TYR CA  C    sing N N 455 
TYR CA  CB   sing N N 456 
TYR CA  HA   sing N N 457 
TYR C   O    doub N N 458 
TYR C   OXT  sing N N 459 
TYR CB  CG   sing N N 460 
TYR CB  HB2  sing N N 461 
TYR CB  HB3  sing N N 462 
TYR CG  CD1  doub Y N 463 
TYR CG  CD2  sing Y N 464 
TYR CD1 CE1  sing Y N 465 
TYR CD1 HD1  sing N N 466 
TYR CD2 CE2  doub Y N 467 
TYR CD2 HD2  sing N N 468 
TYR CE1 CZ   doub Y N 469 
TYR CE1 HE1  sing N N 470 
TYR CE2 CZ   sing Y N 471 
TYR CE2 HE2  sing N N 472 
TYR CZ  OH   sing N N 473 
TYR OH  HH   sing N N 474 
TYR OXT HXT  sing N N 475 
VAL N   CA   sing N N 476 
VAL N   H    sing N N 477 
VAL N   H2   sing N N 478 
VAL CA  C    sing N N 479 
VAL CA  CB   sing N N 480 
VAL CA  HA   sing N N 481 
VAL C   O    doub N N 482 
VAL C   OXT  sing N N 483 
VAL CB  CG1  sing N N 484 
VAL CB  CG2  sing N N 485 
VAL CB  HB   sing N N 486 
VAL CG1 HG11 sing N N 487 
VAL CG1 HG12 sing N N 488 
VAL CG1 HG13 sing N N 489 
VAL CG2 HG21 sing N N 490 
VAL CG2 HG22 sing N N 491 
VAL CG2 HG23 sing N N 492 
VAL OXT HXT  sing N N 493 
# 
_pdbx_initial_refinement_model.id               1 
_pdbx_initial_refinement_model.entity_id_list   ? 
_pdbx_initial_refinement_model.type             'experimental model' 
_pdbx_initial_refinement_model.source_name      PDB 
_pdbx_initial_refinement_model.accession_code   2BIT 
_pdbx_initial_refinement_model.details          ? 
# 
_atom_sites.entry_id                    5CCR 
_atom_sites.fract_transf_matrix[1][1]   -0.00052018 
_atom_sites.fract_transf_matrix[1][2]   0.00986353 
_atom_sites.fract_transf_matrix[1][3]   -0.01428106 
_atom_sites.fract_transf_matrix[2][1]   -0.01406641 
_atom_sites.fract_transf_matrix[2][2]   -0.00860922 
_atom_sites.fract_transf_matrix[2][3]   -0.00543379 
_atom_sites.fract_transf_matrix[3][1]   -0.00523941 
_atom_sites.fract_transf_matrix[3][2]   0.00587782 
_atom_sites.fract_transf_matrix[3][3]   0.00425048 
_atom_sites.fract_transf_vector[1]      0.151456 
_atom_sites.fract_transf_vector[2]      -0.185040 
_atom_sites.fract_transf_vector[3]      0.050127 
# 
loop_
_atom_type.symbol 
C 
K 
N 
O 
S 
# 
loop_
_atom_site.group_PDB 
_atom_site.id 
_atom_site.type_symbol 
_atom_site.label_atom_id 
_atom_site.label_alt_id 
_atom_site.label_comp_id 
_atom_site.label_asym_id 
_atom_site.label_entity_id 
_atom_site.label_seq_id 
_atom_site.pdbx_PDB_ins_code 
_atom_site.Cartn_x 
_atom_site.Cartn_y 
_atom_site.Cartn_z 
_atom_site.occupancy 
_atom_site.B_iso_or_equiv 
_atom_site.pdbx_formal_charge 
_atom_site.auth_seq_id 
_atom_site.auth_comp_id 
_atom_site.auth_asym_id 
_atom_site.auth_atom_id 
_atom_site.pdbx_PDB_model_num 
ATOM   1    N N   . GLY A 1 2   ? -1.926  20.460  4.666   1.00 25.21 ? 2   GLY A N   1 
ATOM   2    C CA  . GLY A 1 2   ? -2.759  19.642  3.786   1.00 22.82 ? 2   GLY A CA  1 
ATOM   3    C C   . GLY A 1 2   ? -2.394  18.157  3.962   1.00 21.68 ? 2   GLY A C   1 
ATOM   4    O O   . GLY A 1 2   ? -1.555  17.771  4.785   1.00 21.75 ? 2   GLY A O   1 
ATOM   5    N N   . ASN A 1 3   ? -3.080  17.329  3.209   1.00 16.63 ? 3   ASN A N   1 
ATOM   6    C CA  . ASN A 1 3   ? -2.883  15.905  3.236   1.00 13.24 ? 3   ASN A CA  1 
ATOM   7    C C   . ASN A 1 3   ? -1.531  15.583  2.687   1.00 12.06 ? 3   ASN A C   1 
ATOM   8    O O   . ASN A 1 3   ? -1.127  16.158  1.699   1.00 12.16 ? 3   ASN A O   1 
ATOM   9    C CB  . ASN A 1 3   ? -3.959  15.262  2.384   1.00 11.63 ? 3   ASN A CB  1 
ATOM   10   C CG  . ASN A 1 3   ? -5.271  15.189  3.086   1.00 11.08 ? 3   ASN A CG  1 
ATOM   11   O OD1 . ASN A 1 3   ? -5.355  15.203  4.311   1.00 11.18 ? 3   ASN A OD1 1 
ATOM   12   N ND2 . ASN A 1 3   ? -6.273  15.003  2.343   1.00 12.04 ? 3   ASN A ND2 1 
ATOM   13   N N   . PRO A 1 4   ? -0.818  14.613  3.285   1.00 11.01 ? 4   PRO A N   1 
ATOM   14   C CA  . PRO A 1 4   ? 0.495   14.263  2.769   1.00 9.79  ? 4   PRO A CA  1 
ATOM   15   C C   . PRO A 1 4   ? 0.435   13.704  1.332   1.00 9.22  ? 4   PRO A C   1 
ATOM   16   O O   . PRO A 1 4   ? -0.561  13.022  0.959   1.00 8.98  ? 4   PRO A O   1 
ATOM   17   C CB  . PRO A 1 4   ? 0.954   13.137  3.721   1.00 10.24 ? 4   PRO A CB  1 
ATOM   18   C CG  . PRO A 1 4   ? 0.182   13.368  4.935   1.00 10.95 ? 4   PRO A CG  1 
ATOM   19   C CD  . PRO A 1 4   ? -1.104  13.978  4.576   1.00 10.70 ? 4   PRO A CD  1 
ATOM   20   N N   . LEU A 1 5   ? 1.451   14.034  0.559   1.00 9.05  ? 5   LEU A N   1 
ATOM   21   C CA  . LEU A 1 5   ? 1.715   13.461  -0.744  1.00 9.40  ? 5   LEU A CA  1 
ATOM   22   C C   . LEU A 1 5   ? 2.999   12.685  -0.589  1.00 8.17  ? 5   LEU A C   1 
ATOM   23   O O   . LEU A 1 5   ? 4.030   13.265  -0.225  1.00 7.40  ? 5   LEU A O   1 
ATOM   24   C CB  . LEU A 1 5   ? 2.064   14.553  -1.793  1.00 11.64 ? 5   LEU A CB  1 
ATOM   25   C CG  . LEU A 1 5   ? 1.220   14.914  -2.908  1.00 13.10 ? 5   LEU A CG  1 
ATOM   26   C CD1 . LEU A 1 5   ? 1.945   15.768  -3.957  1.00 13.10 ? 5   LEU A CD1 1 
ATOM   27   C CD2 . LEU A 1 5   ? 0.421   13.773  -3.473  1.00 13.36 ? 5   LEU A CD2 1 
ATOM   28   N N   . VAL A 1 6   ? 2.959   11.391  -0.899  1.00 7.05  ? 6   VAL A N   1 
ATOM   29   C CA  . VAL A 1 6   ? 4.082   10.504  -0.730  1.00 6.79  ? 6   VAL A CA  1 
ATOM   30   C C   . VAL A 1 6   ? 4.330   9.785   -2.050  1.00 6.73  ? 6   VAL A C   1 
ATOM   31   O O   . VAL A 1 6   ? 3.499   9.815   -2.939  1.00 6.06  ? 6   VAL A O   1 
ATOM   32   C CB  . VAL A 1 6   ? 3.886   9.479   0.428   1.00 6.97  ? 6   VAL A CB  1 
ATOM   33   C CG1 . VAL A 1 6   ? 3.762   10.227  1.772   1.00 7.10  ? 6   VAL A CG1 1 
ATOM   34   C CG2 . VAL A 1 6   ? 2.658   8.596   0.261   1.00 7.16  ? 6   VAL A CG2 1 
ATOM   35   N N   . TYR A 1 7   ? 5.476   9.149   -2.138  1.00 7.19  ? 7   TYR A N   1 
ATOM   36   C CA  . TYR A 1 7   ? 5.870   8.410   -3.344  1.00 7.87  ? 7   TYR A CA  1 
ATOM   37   C C   . TYR A 1 7   ? 6.480   7.054   -3.020  1.00 7.69  ? 7   TYR A C   1 
ATOM   38   O O   . TYR A 1 7   ? 7.162   6.846   -1.997  1.00 6.81  ? 7   TYR A O   1 
ATOM   39   C CB  . TYR A 1 7   ? 6.851   9.183   -4.242  1.00 9.04  ? 7   TYR A CB  1 
ATOM   40   C CG  . TYR A 1 7   ? 8.229   9.427   -3.672  1.00 9.69  ? 7   TYR A CG  1 
ATOM   41   C CD1 . TYR A 1 7   ? 8.462   10.488  -2.798  1.00 10.26 ? 7   TYR A CD1 1 
ATOM   42   C CD2 . TYR A 1 7   ? 9.276   8.559   -3.933  1.00 10.99 ? 7   TYR A CD2 1 
ATOM   43   C CE1 . TYR A 1 7   ? 9.721   10.700  -2.290  1.00 11.22 ? 7   TYR A CE1 1 
ATOM   44   C CE2 . TYR A 1 7   ? 10.535  8.739   -3.392  1.00 11.28 ? 7   TYR A CE2 1 
ATOM   45   C CZ  . TYR A 1 7   ? 10.731  9.802   -2.561  1.00 12.01 ? 7   TYR A CZ  1 
ATOM   46   O OH  . TYR A 1 7   ? 11.911  9.984   -1.991  1.00 14.65 ? 7   TYR A OH  1 
ATOM   47   N N   . LEU A 1 8   ? 6.275   6.165   -3.979  1.00 7.23  ? 8   LEU A N   1 
ATOM   48   C CA  . LEU A 1 8   ? 6.988   4.878   -4.059  1.00 8.05  ? 8   LEU A CA  1 
ATOM   49   C C   . LEU A 1 8   ? 7.675   4.776   -5.415  1.00 8.21  ? 8   LEU A C   1 
ATOM   50   O O   . LEU A 1 8   ? 6.994   4.948   -6.418  1.00 8.12  ? 8   LEU A O   1 
ATOM   51   C CB  . LEU A 1 8   ? 5.971   3.738   -3.960  1.00 8.14  ? 8   LEU A CB  1 
ATOM   52   C CG  . LEU A 1 8   ? 4.994   3.732   -2.792  1.00 8.50  ? 8   LEU A CG  1 
ATOM   53   C CD1 . LEU A 1 8   ? 4.017   2.554   -3.001  1.00 9.30  ? 8   LEU A CD1 1 
ATOM   54   C CD2 . LEU A 1 8   ? 5.630   3.676   -1.402  1.00 8.71  ? 8   LEU A CD2 1 
ATOM   55   N N   . ASP A 1 9   ? 8.968   4.514   -5.444  1.00 8.81  ? 9   ASP A N   1 
ATOM   56   C CA  . ASP A 1 9   ? 9.729   4.238   -6.685  1.00 9.93  ? 9   ASP A CA  1 
ATOM   57   C C   . ASP A 1 9   ? 9.871   2.723   -6.724  1.00 9.40  ? 9   ASP A C   1 
ATOM   58   O O   . ASP A 1 9   ? 10.324  2.112   -5.771  1.00 9.25  ? 9   ASP A O   1 
ATOM   59   C CB  . ASP A 1 9   ? 11.110  4.873   -6.653  1.00 11.04 ? 9   ASP A CB  1 
ATOM   60   C CG  . ASP A 1 9   ? 11.071  6.393   -6.855  1.00 13.00 ? 9   ASP A CG  1 
ATOM   61   O OD1 . ASP A 1 9   ? 10.161  6.900   -7.540  1.00 13.84 ? 9   ASP A OD1 1 
ATOM   62   O OD2 . ASP A 1 9   ? 11.839  7.072   -6.163  1.00 14.99 ? 9   ASP A OD2 1 
ATOM   63   N N   . VAL A 1 10  ? 9.373   2.128   -7.790  1.00 9.84  ? 10  VAL A N   1 
ATOM   64   C CA  . VAL A 1 10  ? 9.261   0.677   -7.862  1.00 10.40 ? 10  VAL A CA  1 
ATOM   65   C C   . VAL A 1 10  ? 10.104  0.142   -9.016  1.00 12.29 ? 10  VAL A C   1 
ATOM   66   O O   . VAL A 1 10  ? 10.036  0.687   -10.189 1.00 10.37 ? 10  VAL A O   1 
ATOM   67   C CB  . VAL A 1 10  ? 7.809   0.281   -8.044  1.00 11.02 ? 10  VAL A CB  1 
ATOM   68   C CG1 . VAL A 1 10  ? 7.679   -1.234  -8.006  1.00 11.44 ? 10  VAL A CG1 1 
ATOM   69   C CG2 . VAL A 1 10  ? 6.926   0.922   -6.914  1.00 11.12 ? 10  VAL A CG2 1 
ATOM   70   N N   . ASP A 1 11  ? 10.766  -0.971  -8.745  1.00 11.97 ? 11  ASP A N   1 
ATOM   71   C CA  . ASP A 1 11  ? 11.476  -1.696  -9.813  1.00 14.73 ? 11  ASP A CA  1 
ATOM   72   C C   . ASP A 1 11  ? 11.016  -3.148  -9.956  1.00 13.55 ? 11  ASP A C   1 
ATOM   73   O O   . ASP A 1 11  ? 10.357  -3.695  -9.064  1.00 12.48 ? 11  ASP A O   1 
ATOM   74   C CB  . ASP A 1 11  ? 12.981  -1.525  -9.585  1.00 19.28 ? 11  ASP A CB  1 
ATOM   75   C CG  . ASP A 1 11  ? 13.534  -2.539  -8.728  1.00 26.62 ? 11  ASP A CG  1 
ATOM   76   O OD1 . ASP A 1 11  ? 13.546  -3.714  -9.109  1.00 43.14 ? 11  ASP A OD1 1 
ATOM   77   O OD2 . ASP A 1 11  ? 13.993  -2.217  -7.630  1.00 40.07 ? 11  ASP A OD2 1 
ATOM   78   N N   . ALA A 1 12  ? 11.339  -3.779  -11.090 1.00 13.76 ? 12  ALA A N   1 
ATOM   79   C CA  . ALA A 1 12  ? 10.989  -5.174  -11.349 1.00 13.17 ? 12  ALA A CA  1 
ATOM   80   C C   . ALA A 1 12  ? 12.263  -5.862  -11.784 1.00 15.48 ? 12  ALA A C   1 
ATOM   81   O O   . ALA A 1 12  ? 12.880  -5.425  -12.793 1.00 11.59 ? 12  ALA A O   1 
ATOM   82   C CB  . ALA A 1 12  ? 9.965   -5.309  -12.446 1.00 14.29 ? 12  ALA A CB  1 
ATOM   83   N N   . ASN A 1 13  ? 12.671  -6.872  -11.001 1.00 14.94 ? 13  ASN A N   1 
ATOM   84   C CA  . ASN A 1 13  ? 14.044  -7.441  -11.105 1.00 18.68 ? 13  ASN A CA  1 
ATOM   85   C C   . ASN A 1 13  ? 15.156  -6.432  -11.282 1.00 21.02 ? 13  ASN A C   1 
ATOM   86   O O   . ASN A 1 13  ? 16.020  -6.581  -12.157 1.00 21.60 ? 13  ASN A O   1 
ATOM   87   C CB  . ASN A 1 13  ? 14.080  -8.470  -12.249 1.00 19.50 ? 13  ASN A CB  1 
ATOM   88   C CG  . ASN A 1 13  ? 13.339  -9.732  -11.920 1.00 21.83 ? 13  ASN A CG  1 
ATOM   89   O OD1 . ASN A 1 13  ? 12.995  -9.969  -10.786 1.00 22.43 ? 13  ASN A OD1 1 
ATOM   90   N ND2 . ASN A 1 13  ? 13.166  -10.596 -12.915 1.00 22.79 ? 13  ASN A ND2 1 
ATOM   91   N N   . GLY A 1 14  ? 15.113  -5.349  -10.526 1.00 18.96 ? 14  GLY A N   1 
ATOM   92   C CA  . GLY A 1 14  ? 16.141  -4.336  -10.593 1.00 20.71 ? 14  GLY A CA  1 
ATOM   93   C C   . GLY A 1 14  ? 16.004  -3.300  -11.707 1.00 18.80 ? 14  GLY A C   1 
ATOM   94   O O   . GLY A 1 14  ? 16.765  -2.356  -11.739 1.00 18.91 ? 14  GLY A O   1 
ATOM   95   N N   . LYS A 1 15  ? 14.980  -3.412  -12.539 1.00 18.33 ? 15  LYS A N   1 
ATOM   96   C CA  . LYS A 1 15  ? 14.698  -2.411  -13.597 1.00 18.97 ? 15  LYS A CA  1 
ATOM   97   C C   . LYS A 1 15  ? 13.566  -1.450  -13.149 1.00 16.41 ? 15  LYS A C   1 
ATOM   98   O O   . LYS A 1 15  ? 12.476  -1.901  -12.769 1.00 13.36 ? 15  LYS A O   1 
ATOM   99   C CB  . LYS A 1 15  ? 14.439  -3.148  -14.926 1.00 25.40 ? 15  LYS A CB  1 
ATOM   100  C CG  . LYS A 1 15  ? 13.021  -3.412  -15.378 1.00 35.53 ? 15  LYS A CG  1 
ATOM   101  C CD  . LYS A 1 15  ? 12.363  -2.196  -16.108 1.00 40.72 ? 15  LYS A CD  1 
ATOM   102  C CE  . LYS A 1 15  ? 12.337  -2.307  -17.642 1.00 41.95 ? 15  LYS A CE  1 
ATOM   103  N NZ  . LYS A 1 15  ? 13.628  -1.815  -18.214 1.00 41.41 ? 15  LYS A NZ  1 
ATOM   104  N N   . PRO A 1 16  ? 13.833  -0.149  -13.143 1.00 15.54 ? 16  PRO A N   1 
ATOM   105  C CA  . PRO A 1 16  ? 12.827  0.861   -12.700 1.00 14.59 ? 16  PRO A CA  1 
ATOM   106  C C   . PRO A 1 16  ? 11.605  0.891   -13.526 1.00 13.84 ? 16  PRO A C   1 
ATOM   107  O O   . PRO A 1 16  ? 11.677  0.826   -14.750 1.00 12.45 ? 16  PRO A O   1 
ATOM   108  C CB  . PRO A 1 16  ? 13.551  2.190   -12.776 1.00 15.48 ? 16  PRO A CB  1 
ATOM   109  C CG  . PRO A 1 16  ? 14.988  1.866   -12.892 1.00 16.39 ? 16  PRO A CG  1 
ATOM   110  C CD  . PRO A 1 16  ? 15.167  0.449   -13.347 1.00 15.98 ? 16  PRO A CD  1 
ATOM   111  N N   . LEU A 1 17  ? 10.450  0.884   -12.868 1.00 11.21 ? 17  LEU A N   1 
ATOM   112  C CA  . LEU A 1 17  ? 9.161   0.949   -13.502 1.00 10.66 ? 17  LEU A CA  1 
ATOM   113  C C   . LEU A 1 17  ? 8.626   2.373   -13.464 1.00 10.75 ? 17  LEU A C   1 
ATOM   114  O O   . LEU A 1 17  ? 7.774   2.729   -14.283 1.00 10.43 ? 17  LEU A O   1 
ATOM   115  C CB  . LEU A 1 17  ? 8.158   0.035   -12.827 1.00 10.90 ? 17  LEU A CB  1 
ATOM   116  C CG  . LEU A 1 17  ? 8.488   -1.432  -12.727 1.00 11.40 ? 17  LEU A CG  1 
ATOM   117  C CD1 . LEU A 1 17  ? 7.301   -2.130  -12.065 1.00 12.42 ? 17  LEU A CD1 1 
ATOM   118  C CD2 . LEU A 1 17  ? 8.774   -1.972  -14.147 1.00 12.73 ? 17  LEU A CD2 1 
ATOM   119  N N   . GLY A 1 18  ? 9.060   3.157   -12.476 1.00 10.84 ? 18  GLY A N   1 
ATOM   120  C CA  . GLY A 1 18  ? 8.617   4.513   -12.326 1.00 10.51 ? 18  GLY A CA  1 
ATOM   121  C C   . GLY A 1 18  ? 8.145   4.786   -10.915 1.00 9.52  ? 18  GLY A C   1 
ATOM   122  O O   . GLY A 1 18  ? 8.389   4.007   -9.998  1.00 9.24  ? 18  GLY A O   1 
ATOM   123  N N   . ARG A 1 19  ? 7.460   5.910   -10.783 1.00 9.00  ? 19  ARG A N   1 
ATOM   124  C CA  . ARG A 1 19  ? 7.045   6.422   -9.476  1.00 8.79  ? 19  ARG A CA  1 
ATOM   125  C C   . ARG A 1 19  ? 5.525   6.419   -9.331  1.00 8.16  ? 19  ARG A C   1 
ATOM   126  O O   . ARG A 1 19  ? 4.776   6.853   -10.214 1.00 8.57  ? 19  ARG A O   1 
ATOM   127  C CB  . ARG A 1 19  ? 7.617   7.829   -9.291  1.00 9.91  ? 19  ARG A CB  1 
ATOM   128  C CG  . ARG A 1 19  ? 7.104   8.522   -8.017  1.00 9.56  ? 19  ARG A CG  1 
ATOM   129  C CD  . ARG A 1 19  ? 7.876   9.830   -7.799  1.00 10.15 ? 19  ARG A CD  1 
ATOM   130  N NE  . ARG A 1 19  ? 9.212   9.549   -7.349  1.00 10.39 ? 19  ARG A NE  1 
ATOM   131  C CZ  . ARG A 1 19  ? 10.053  10.433  -6.833  1.00 12.94 ? 19  ARG A CZ  1 
ATOM   132  N NH1 . ARG A 1 19  ? 9.717   11.686  -6.682  1.00 13.64 ? 19  ARG A NH1 1 
ATOM   133  N NH2 . ARG A 1 19  ? 11.258  10.036  -6.498  1.00 13.01 ? 19  ARG A NH2 1 
ATOM   134  N N   . VAL A 1 20  ? 5.055   5.921   -8.180  1.00 7.00  ? 20  VAL A N   1 
ATOM   135  C CA  . VAL A 1 20  ? 3.666   6.032   -7.785  1.00 7.00  ? 20  VAL A CA  1 
ATOM   136  C C   . VAL A 1 20  ? 3.570   7.143   -6.732  1.00 6.72  ? 20  VAL A C   1 
ATOM   137  O O   . VAL A 1 20  ? 4.237   7.083   -5.719  1.00 6.91  ? 20  VAL A O   1 
ATOM   138  C CB  . VAL A 1 20  ? 3.076   4.704   -7.239  1.00 7.02  ? 20  VAL A CB  1 
ATOM   139  C CG1 . VAL A 1 20  ? 1.583   4.862   -6.971  1.00 7.26  ? 20  VAL A CG1 1 
ATOM   140  C CG2 . VAL A 1 20  ? 3.348   3.577   -8.269  1.00 7.35  ? 20  VAL A CG2 1 
ATOM   141  N N   . VAL A 1 21  ? 2.763   8.143   -7.021  1.00 6.37  ? 21  VAL A N   1 
ATOM   142  C CA  . VAL A 1 21  ? 2.460   9.218   -6.049  1.00 6.25  ? 21  VAL A CA  1 
ATOM   143  C C   . VAL A 1 21  ? 1.079   9.012   -5.477  1.00 6.09  ? 21  VAL A C   1 
ATOM   144  O O   . VAL A 1 21  ? 0.052   8.822   -6.252  1.00 7.04  ? 21  VAL A O   1 
ATOM   145  C CB  . VAL A 1 21  ? 2.568   10.590  -6.706  1.00 6.33  ? 21  VAL A CB  1 
ATOM   146  C CG1 . VAL A 1 21  ? 2.308   11.680  -5.657  1.00 6.38  ? 21  VAL A CG1 1 
ATOM   147  C CG2 . VAL A 1 21  ? 3.959   10.758  -7.329  1.00 6.48  ? 21  VAL A CG2 1 
ATOM   148  N N   . LEU A 1 22  ? 1.007   9.101   -4.152  1.00 5.68  ? 22  LEU A N   1 
ATOM   149  C CA  . LEU A 1 22  ? -0.189  8.866   -3.395  1.00 5.85  ? 22  LEU A CA  1 
ATOM   150  C C   . LEU A 1 22  ? -0.549  10.053  -2.461  1.00 5.65  ? 22  LEU A C   1 
ATOM   151  O O   . LEU A 1 22  ? 0.317   10.578  -1.787  1.00 5.81  ? 22  LEU A O   1 
ATOM   152  C CB  . LEU A 1 22  ? 0.003   7.605   -2.534  1.00 6.16  ? 22  LEU A CB  1 
ATOM   153  C CG  . LEU A 1 22  ? 0.383   6.331   -3.292  1.00 6.25  ? 22  LEU A CG  1 
ATOM   154  C CD1 . LEU A 1 22  ? 1.117   5.372   -2.386  1.00 7.14  ? 22  LEU A CD1 1 
ATOM   155  C CD2 . LEU A 1 22  ? -0.864  5.699   -3.795  1.00 6.63  ? 22  LEU A CD2 1 
ATOM   156  N N   . GLU A 1 23  ? -1.821  10.399  -2.427  1.00 5.62  ? 23  GLU A N   1 
ATOM   157  C CA  . GLU A 1 23  ? -2.376  11.308  -1.447  1.00 6.70  ? 23  GLU A CA  1 
ATOM   158  C C   . GLU A 1 23  ? -2.898  10.499  -0.281  1.00 6.25  ? 23  GLU A C   1 
ATOM   159  O O   . GLU A 1 23  ? -3.648  9.521   -0.461  1.00 5.90  ? 23  GLU A O   1 
ATOM   160  C CB  . GLU A 1 23  ? -3.563  12.102  -2.037  1.00 8.01  ? 23  GLU A CB  1 
ATOM   161  C CG  . GLU A 1 23  ? -4.185  13.018  -0.997  1.00 9.49  ? 23  GLU A CG  1 
ATOM   162  C CD  . GLU A 1 23  ? -5.313  13.953  -1.483  1.00 11.25 ? 23  GLU A CD  1 
ATOM   163  O OE1 . GLU A 1 23  ? -5.507  14.159  -2.712  1.00 10.10 ? 23  GLU A OE1 1 
ATOM   164  O OE2 . GLU A 1 23  ? -5.997  14.496  -0.566  1.00 13.16 ? 23  GLU A OE2 1 
ATOM   165  N N   . LEU A 1 24  ? -2.510  10.881  0.909   1.00 6.06  ? 24  LEU A N   1 
ATOM   166  C CA  . LEU A 1 24  ? -2.992  10.223  2.121   1.00 6.09  ? 24  LEU A CA  1 
ATOM   167  C C   . LEU A 1 24  ? -4.031  11.106  2.790   1.00 6.41  ? 24  LEU A C   1 
ATOM   168  O O   . LEU A 1 24  ? -3.735  12.279  3.046   1.00 6.35  ? 24  LEU A O   1 
ATOM   169  C CB  . LEU A 1 24  ? -1.791  9.967   3.089   1.00 6.36  ? 24  LEU A CB  1 
ATOM   170  C CG  . LEU A 1 24  ? -0.580  9.331   2.489   1.00 6.43  ? 24  LEU A CG  1 
ATOM   171  C CD1 . LEU A 1 24  ? 0.472   9.090   3.507   1.00 7.21  ? 24  LEU A CD1 1 
ATOM   172  C CD2 . LEU A 1 24  ? -0.956  8.011   1.780   1.00 6.49  ? 24  LEU A CD2 1 
ATOM   173  N N   . LYS A 1 25  ? -5.182  10.546  3.099   1.00 7.15  ? 25  LYS A N   1 
ATOM   174  C CA  . LYS A 1 25  ? -6.388  11.260  3.572   1.00 8.77  ? 25  LYS A CA  1 
ATOM   175  C C   . LYS A 1 25  ? -6.330  11.440  5.105   1.00 8.39  ? 25  LYS A C   1 
ATOM   176  O O   . LYS A 1 25  ? -7.205  11.009  5.849   1.00 8.61  ? 25  LYS A O   1 
ATOM   177  C CB  . LYS A 1 25  ? -7.658  10.596  3.076   1.00 10.54 ? 25  LYS A CB  1 
ATOM   178  C CG  . LYS A 1 25  ? -7.718  10.638  1.526   1.00 12.28 ? 25  LYS A CG  1 
ATOM   179  C CD  . LYS A 1 25  ? -8.240  11.863  0.931   1.00 15.43 ? 25  LYS A CD  1 
ATOM   180  C CE  . LYS A 1 25  ? -9.773  11.897  0.984   1.00 21.17 ? 25  LYS A CE  1 
ATOM   181  N NZ  . LYS A 1 25  ? -10.271 13.237  1.347   1.00 25.42 ? 25  LYS A NZ  1 
ATOM   182  N N   . ALA A 1 26  ? -5.333  12.227  5.506   1.00 8.76  ? 26  ALA A N   1 
ATOM   183  C CA  . ALA A 1 26  ? -5.124  12.566  6.939   1.00 9.42  ? 26  ALA A CA  1 
ATOM   184  C C   . ALA A 1 26  ? -6.325  13.356  7.528   1.00 11.17 ? 26  ALA A C   1 
ATOM   185  O O   . ALA A 1 26  ? -6.625  13.250  8.740   1.00 10.99 ? 26  ALA A O   1 
ATOM   186  C CB  . ALA A 1 26  ? -3.839  13.285  7.115   1.00 9.85  ? 26  ALA A CB  1 
ATOM   187  N N   . ASP A 1 27  ? -7.073  14.031  6.648   1.00 11.42 ? 27  ASP A N   1 
ATOM   188  C CA  . ASP A 1 27  ? -8.259  14.726  7.012   1.00 13.79 ? 27  ASP A CA  1 
ATOM   189  C C   . ASP A 1 27  ? -9.411  13.794  7.377   1.00 13.44 ? 27  ASP A C   1 
ATOM   190  O O   . ASP A 1 27  ? -10.329 14.207  8.049   1.00 12.46 ? 27  ASP A O   1 
ATOM   191  C CB  . ASP A 1 27  ? -8.673  15.743  5.946   1.00 17.07 ? 27  ASP A CB  1 
ATOM   192  C CG  . ASP A 1 27  ? -8.942  15.123  4.599   1.00 21.74 ? 27  ASP A CG  1 
ATOM   193  O OD1 . ASP A 1 27  ? -8.485  13.997  4.279   1.00 21.82 ? 27  ASP A OD1 1 
ATOM   194  O OD2 . ASP A 1 27  ? -9.609  15.774  3.802   1.00 30.58 ? 27  ASP A OD2 1 
ATOM   195  N N   . VAL A 1 28  ? -9.344  12.536  6.975   1.00 9.59  ? 28  VAL A N   1 
ATOM   196  C CA  . VAL A 1 28  ? -10.391 11.588  7.258   1.00 9.13  ? 28  VAL A CA  1 
ATOM   197  C C   . VAL A 1 28  ? -9.889  10.494  8.225   1.00 7.78  ? 28  VAL A C   1 
ATOM   198  O O   . VAL A 1 28  ? -10.635 10.086  9.107   1.00 6.49  ? 28  VAL A O   1 
ATOM   199  C CB  . VAL A 1 28  ? -10.940 10.959  5.951   1.00 9.24  ? 28  VAL A CB  1 
ATOM   200  C CG1 . VAL A 1 28  ? -12.077 9.963   6.264   1.00 10.35 ? 28  VAL A CG1 1 
ATOM   201  C CG2 . VAL A 1 28  ? -11.397 12.008  4.947   1.00 11.00 ? 28  VAL A CG2 1 
ATOM   202  N N   . VAL A 1 29  ? -8.640  10.000  8.008   1.00 6.67  ? 29  VAL A N   1 
ATOM   203  C CA  . VAL A 1 29  ? -8.052  8.869   8.799   1.00 7.05  ? 29  VAL A CA  1 
ATOM   204  C C   . VAL A 1 29  ? -6.660  9.283   9.186   1.00 6.86  ? 29  VAL A C   1 
ATOM   205  O O   . VAL A 1 29  ? -5.659  8.819   8.678   1.00 6.72  ? 29  VAL A O   1 
ATOM   206  C CB  . VAL A 1 29  ? -8.089  7.524   8.011   1.00 7.25  ? 29  VAL A CB  1 
ATOM   207  C CG1 . VAL A 1 29  ? -9.407  6.866   8.084   1.00 8.07  ? 29  VAL A CG1 1 
ATOM   208  C CG2 . VAL A 1 29  ? -7.849  7.755   6.547   1.00 7.55  ? 29  VAL A CG2 1 
ATOM   209  N N   . PRO A 1 30  ? -6.555  10.238  10.104  1.00 7.34  ? 30  PRO A N   1 
ATOM   210  C CA  . PRO A 1 30  ? -5.251  10.729  10.493  1.00 7.00  ? 30  PRO A CA  1 
ATOM   211  C C   . PRO A 1 30  ? -4.240  9.708   11.018  1.00 6.73  ? 30  PRO A C   1 
ATOM   212  O O   . PRO A 1 30  ? -3.034  9.778   10.710  1.00 6.50  ? 30  PRO A O   1 
ATOM   213  C CB  . PRO A 1 30  ? -5.607  11.786  11.559  1.00 7.87  ? 30  PRO A CB  1 
ATOM   214  C CG  . PRO A 1 30  ? -6.925  11.376  12.025  1.00 8.10  ? 30  PRO A CG  1 
ATOM   215  C CD  . PRO A 1 30  ? -7.643  10.911  10.838  1.00 7.39  ? 30  PRO A CD  1 
ATOM   216  N N   . LYS A 1 31  ? -4.693  8.757   11.814  1.00 7.17  ? 31  LYS A N   1 
ATOM   217  C CA  . LYS A 1 31  ? -3.760  7.791   12.374  1.00 7.56  ? 31  LYS A CA  1 
ATOM   218  C C   . LYS A 1 31  ? -3.252  6.781   11.334  1.00 6.69  ? 31  LYS A C   1 
ATOM   219  O O   . LYS A 1 31  ? -2.093  6.436   11.350  1.00 5.99  ? 31  LYS A O   1 
ATOM   220  C CB  . LYS A 1 31  ? -4.413  7.008   13.552  1.00 9.26  ? 31  LYS A CB  1 
ATOM   221  C CG  . LYS A 1 31  ? -4.975  7.877   14.700  1.00 10.98 ? 31  LYS A CG  1 
ATOM   222  C CD  . LYS A 1 31  ? -5.825  6.999   15.632  1.00 13.47 ? 31  LYS A CD  1 
ATOM   223  C CE  . LYS A 1 31  ? -6.166  7.772   16.897  1.00 17.35 ? 31  LYS A CE  1 
ATOM   224  N NZ  . LYS A 1 31  ? -7.044  8.895   16.581  1.00 21.65 ? 31  LYS A NZ  1 
ATOM   225  N N   . THR A 1 32  ? -4.109  6.406   10.401  1.00 6.16  ? 32  THR A N   1 
ATOM   226  C CA  . THR A 1 32  ? -3.791  5.467   9.319   1.00 6.25  ? 32  THR A CA  1 
ATOM   227  C C   . THR A 1 32  ? -2.881  6.165   8.324   1.00 5.83  ? 32  THR A C   1 
ATOM   228  O O   . THR A 1 32  ? -1.888  5.624   7.868   1.00 5.55  ? 32  THR A O   1 
ATOM   229  C CB  . THR A 1 32  ? -5.088  4.964   8.651   1.00 6.36  ? 32  THR A CB  1 
ATOM   230  O OG1 . THR A 1 32  ? -5.971  4.436   9.656   1.00 6.71  ? 32  THR A OG1 1 
ATOM   231  C CG2 . THR A 1 32  ? -4.795  3.834   7.696   1.00 6.56  ? 32  THR A CG2 1 
ATOM   232  N N   . ALA A 1 33  ? -3.232  7.398   7.957   1.00 6.34  ? 33  ALA A N   1 
ATOM   233  C CA  . ALA A 1 33  ? -2.378  8.214   7.095   1.00 6.34  ? 33  ALA A CA  1 
ATOM   234  C C   . ALA A 1 33  ? -1.043  8.438   7.693   1.00 6.28  ? 33  ALA A C   1 
ATOM   235  O O   . ALA A 1 33  ? -0.042  8.330   6.990   1.00 6.05  ? 33  ALA A O   1 
ATOM   236  C CB  . ALA A 1 33  ? -3.019  9.569   6.788   1.00 7.12  ? 33  ALA A CB  1 
ATOM   237  N N   . GLU A 1 34  ? -0.973  8.768   8.980   1.00 6.23  ? 34  GLU A N   1 
ATOM   238  C CA  . GLU A 1 34  ? 0.341   9.032   9.583   1.00 6.66  ? 34  GLU A CA  1 
ATOM   239  C C   . GLU A 1 34  ? 1.239   7.776   9.565   1.00 5.84  ? 34  GLU A C   1 
ATOM   240  O O   . GLU A 1 34  ? 2.437   7.868   9.371   1.00 5.99  ? 34  GLU A O   1 
ATOM   241  C CB  . GLU A 1 34  ? 0.198   9.577   11.029  1.00 8.04  ? 34  GLU A CB  1 
ATOM   242  C CG  . GLU A 1 34  ? 1.513   9.739   11.783  1.00 9.95  ? 34  GLU A CG  1 
ATOM   243  C CD  . GLU A 1 34  ? 2.491   10.724  11.151  1.00 13.18 ? 34  GLU A CD  1 
ATOM   244  O OE1 . GLU A 1 34  ? 2.069   11.565  10.295  1.00 13.68 ? 34  GLU A OE1 1 
ATOM   245  O OE2 . GLU A 1 34  ? 3.666   10.723  11.542  1.00 14.24 ? 34  GLU A OE2 1 
ATOM   246  N N   . ASN A 1 35  ? 0.659   6.621   9.842   1.00 5.19  ? 35  ASN A N   1 
ATOM   247  C CA  . ASN A 1 35  ? 1.412   5.371   9.799   1.00 4.85  ? 35  ASN A CA  1 
ATOM   248  C C   . ASN A 1 35  ? 2.074   5.152   8.438   1.00 4.64  ? 35  ASN A C   1 
ATOM   249  O O   . ASN A 1 35  ? 3.284   4.967   8.339   1.00 4.98  ? 35  ASN A O   1 
ATOM   250  C CB  . ASN A 1 35  ? 0.485   4.231   10.123  1.00 4.69  ? 35  ASN A CB  1 
ATOM   251  C CG  . ASN A 1 35  ? 1.172   2.860   10.082  1.00 4.89  ? 35  ASN A CG  1 
ATOM   252  O OD1 . ASN A 1 35  ? 2.116   2.597   10.838  1.00 5.28  ? 35  ASN A OD1 1 
ATOM   253  N ND2 . ASN A 1 35  ? 0.673   1.969   9.215   1.00 4.72  ? 35  ASN A ND2 1 
ATOM   254  N N   . PHE A 1 36  ? 1.283   5.267   7.398   1.00 4.39  ? 36  PHE A N   1 
ATOM   255  C CA  . PHE A 1 36  ? 1.806   5.070   6.052   1.00 4.72  ? 36  PHE A CA  1 
ATOM   256  C C   . PHE A 1 36  ? 2.879   6.109   5.699   1.00 4.73  ? 36  PHE A C   1 
ATOM   257  O O   . PHE A 1 36  ? 3.936   5.769   5.177   1.00 4.88  ? 36  PHE A O   1 
ATOM   258  C CB  . PHE A 1 36  ? 0.670   5.085   5.054   1.00 4.52  ? 36  PHE A CB  1 
ATOM   259  C CG  . PHE A 1 36  ? 1.072   4.588   3.667   1.00 4.52  ? 36  PHE A CG  1 
ATOM   260  C CD1 . PHE A 1 36  ? 1.027   3.266   3.359   1.00 4.34  ? 36  PHE A CD1 1 
ATOM   261  C CD2 . PHE A 1 36  ? 1.547   5.493   2.707   1.00 4.51  ? 36  PHE A CD2 1 
ATOM   262  C CE1 . PHE A 1 36  ? 1.350   2.802   2.085   1.00 4.46  ? 36  PHE A CE1 1 
ATOM   263  C CE2 . PHE A 1 36  ? 1.895   5.048   1.412   1.00 4.64  ? 36  PHE A CE2 1 
ATOM   264  C CZ  . PHE A 1 36  ? 1.810   3.691   1.103   1.00 4.50  ? 36  PHE A CZ  1 
ATOM   265  N N   . ARG A 1 37  ? 2.598   7.380   6.016   1.00 4.80  ? 37  ARG A N   1 
ATOM   266  C CA  . ARG A 1 37  ? 3.549   8.445   5.779   1.00 5.21  ? 37  ARG A CA  1 
ATOM   267  C C   . ARG A 1 37  ? 4.898   8.209   6.390   1.00 5.53  ? 37  ARG A C   1 
ATOM   268  O O   . ARG A 1 37  ? 5.923   8.310   5.730   1.00 5.03  ? 37  ARG A O   1 
ATOM   269  C CB  . ARG A 1 37  ? 2.987   9.762   6.301   1.00 5.73  ? 37  ARG A CB  1 
ATOM   270  C CG  . ARG A 1 37  ? 3.808   11.004  5.950   1.00 6.78  ? 37  ARG A CG  1 
ATOM   271  C CD  . ARG A 1 37  ? 3.422   12.236  6.840   1.00 7.24  ? 37  ARG A CD  1 
ATOM   272  N NE  . ARG A 1 37  ? 3.889   11.973  8.189   1.00 8.54  ? 37  ARG A NE  1 
ATOM   273  C CZ  . ARG A 1 37  ? 5.166   11.897  8.529   1.00 9.90  ? 37  ARG A CZ  1 
ATOM   274  N NH1 . ARG A 1 37  ? 6.155   12.258  7.736   1.00 10.17 ? 37  ARG A NH1 1 
ATOM   275  N NH2 . ARG A 1 37  ? 5.456   11.529  9.776   1.00 11.88 ? 37  ARG A NH2 1 
ATOM   276  N N   . ALA A 1 38  ? 4.909   7.804   7.680   1.00 5.85  ? 38  ALA A N   1 
ATOM   277  C CA  . ALA A 1 38  ? 6.128   7.555   8.380   1.00 5.96  ? 38  ALA A CA  1 
ATOM   278  C C   . ALA A 1 38  ? 6.874   6.315   7.870   1.00 6.47  ? 38  ALA A C   1 
ATOM   279  O O   . ALA A 1 38  ? 8.093   6.302   7.823   1.00 6.34  ? 38  ALA A O   1 
ATOM   280  C CB  . ALA A 1 38  ? 5.811   7.477   9.864   1.00 6.48  ? 38  ALA A CB  1 
ATOM   281  N N   . LEU A 1 39  ? 6.125   5.309   7.422   1.00 5.90  ? 39  LEU A N   1 
ATOM   282  C CA  . LEU A 1 39  ? 6.742   4.137   6.855   1.00 5.97  ? 39  LEU A CA  1 
ATOM   283  C C   . LEU A 1 39  ? 7.374   4.449   5.484   1.00 6.38  ? 39  LEU A C   1 
ATOM   284  O O   . LEU A 1 39  ? 8.340   3.804   5.098   1.00 6.13  ? 39  LEU A O   1 
ATOM   285  C CB  . LEU A 1 39  ? 5.705   3.036   6.762   1.00 5.68  ? 39  LEU A CB  1 
ATOM   286  C CG  . LEU A 1 39  ? 5.249   2.510   8.134   1.00 5.88  ? 39  LEU A CG  1 
ATOM   287  C CD1 . LEU A 1 39  ? 4.112   1.542   7.906   1.00 5.87  ? 39  LEU A CD1 1 
ATOM   288  C CD2 . LEU A 1 39  ? 6.363   1.883   8.948   1.00 6.11  ? 39  LEU A CD2 1 
ATOM   289  N N   . CYS A 1 40  ? 6.826   5.445   4.773   1.00 6.98  ? 40  CYS A N   1 
ATOM   290  C CA  . CYS A 1 40  ? 7.457   5.926   3.519   1.00 7.85  ? 40  CYS A CA  1 
ATOM   291  C C   . CYS A 1 40  ? 8.752   6.707   3.808   1.00 8.32  ? 40  CYS A C   1 
ATOM   292  O O   . CYS A 1 40  ? 9.732   6.533   3.103   1.00 9.35  ? 40  CYS A O   1 
ATOM   293  C CB  . CYS A 1 40  ? 6.510   6.819   2.742   1.00 8.21  ? 40  CYS A CB  1 
ATOM   294  S SG  . CYS A 1 40  ? 5.148   5.920   1.954   1.00 8.72  ? 40  CYS A SG  1 
ATOM   295  N N   . THR A 1 41  ? 8.737   7.592   4.778   1.00 8.16  ? 41  THR A N   1 
ATOM   296  C CA  . THR A 1 41  ? 9.980   8.355   5.044   1.00 9.70  ? 41  THR A CA  1 
ATOM   297  C C   . THR A 1 41  ? 11.058  7.484   5.726   1.00 10.59 ? 41  THR A C   1 
ATOM   298  O O   . THR A 1 41  ? 12.227  7.810   5.668   1.00 11.72 ? 41  THR A O   1 
ATOM   299  C CB  . THR A 1 41  ? 9.713   9.593   5.933   1.00 9.58  ? 41  THR A CB  1 
ATOM   300  O OG1 . THR A 1 41  ? 9.253   9.168   7.242   1.00 9.84  ? 41  THR A OG1 1 
ATOM   301  C CG2 . THR A 1 41  ? 8.644   10.514  5.284   1.00 9.28  ? 41  THR A CG2 1 
ATOM   302  N N   . GLY A 1 42  ? 10.660  6.410   6.415   1.00 10.88 ? 42  GLY A N   1 
ATOM   303  C CA  . GLY A 1 42  ? 11.543  5.632   7.252   1.00 12.13 ? 42  GLY A CA  1 
ATOM   304  C C   . GLY A 1 42  ? 11.972  6.346   8.542   1.00 13.56 ? 42  GLY A C   1 
ATOM   305  O O   . GLY A 1 42  ? 12.929  5.918   9.172   1.00 13.99 ? 42  GLY A O   1 
ATOM   306  N N   . GLU A 1 43  ? 11.300  7.416   8.936   1.00 13.73 ? 43  GLU A N   1 
ATOM   307  C CA  . GLU A 1 43  ? 11.767  8.262   10.041  1.00 14.52 ? 43  GLU A CA  1 
ATOM   308  C C   . GLU A 1 43  ? 11.732  7.557   11.397  1.00 15.70 ? 43  GLU A C   1 
ATOM   309  O O   . GLU A 1 43  ? 12.421  8.008   12.319  1.00 15.59 ? 43  GLU A O   1 
ATOM   310  C CB  . GLU A 1 43  ? 10.991  9.569   10.154  1.00 15.05 ? 43  GLU A CB  1 
ATOM   311  C CG  . GLU A 1 43  ? 9.518   9.442   10.493  1.00 14.29 ? 43  GLU A CG  1 
ATOM   312  C CD  . GLU A 1 43  ? 8.789   10.702  10.113  1.00 16.64 ? 43  GLU A CD  1 
ATOM   313  O OE1 . GLU A 1 43  ? 8.718   11.078  8.876   1.00 15.79 ? 43  GLU A OE1 1 
ATOM   314  O OE2 . GLU A 1 43  ? 8.261   11.286  11.024  1.00 17.14 ? 43  GLU A OE2 1 
ATOM   315  N N   . LYS A 1 44  ? 10.970  6.473   11.552  1.00 14.72 ? 44  LYS A N   1 
ATOM   316  C CA  . LYS A 1 44  ? 10.995  5.716   12.806  1.00 15.67 ? 44  LYS A CA  1 
ATOM   317  C C   . LYS A 1 44  ? 12.103  4.672   12.838  1.00 15.86 ? 44  LYS A C   1 
ATOM   318  O O   . LYS A 1 44  ? 12.220  3.952   13.857  1.00 17.12 ? 44  LYS A O   1 
ATOM   319  C CB  . LYS A 1 44  ? 9.669   5.038   13.145  1.00 16.65 ? 44  LYS A CB  1 
ATOM   320  C CG  . LYS A 1 44  ? 8.487   5.916   13.097  1.00 16.33 ? 44  LYS A CG  1 
ATOM   321  C CD  . LYS A 1 44  ? 8.485   7.094   14.018  1.00 18.33 ? 44  LYS A CD  1 
ATOM   322  C CE  . LYS A 1 44  ? 7.129   7.697   13.853  1.00 19.52 ? 44  LYS A CE  1 
ATOM   323  N NZ  . LYS A 1 44  ? 7.001   8.910   14.644  1.00 23.01 ? 44  LYS A NZ  1 
ATOM   324  N N   . GLY A 1 45  ? 12.907  4.564   11.787  1.00 13.51 ? 45  GLY A N   1 
ATOM   325  C CA  . GLY A 1 45  ? 13.930  3.543   11.693  1.00 15.00 ? 45  GLY A CA  1 
ATOM   326  C C   . GLY A 1 45  ? 13.577  2.225   11.007  1.00 14.78 ? 45  GLY A C   1 
ATOM   327  O O   . GLY A 1 45  ? 14.404  1.349   10.910  1.00 12.88 ? 45  GLY A O   1 
ATOM   328  N N   . PHE A 1 46  ? 12.359  2.124   10.472  1.00 13.27 ? 46  PHE A N   1 
ATOM   329  C CA  . PHE A 1 46  ? 11.942  0.999   9.659   1.00 11.73 ? 46  PHE A CA  1 
ATOM   330  C C   . PHE A 1 46  ? 10.893  1.538   8.660   1.00 10.82 ? 46  PHE A C   1 
ATOM   331  O O   . PHE A 1 46  ? 10.340  2.628   8.858   1.00 10.08 ? 46  PHE A O   1 
ATOM   332  C CB  . PHE A 1 46  ? 11.356  -0.137  10.524  1.00 12.65 ? 46  PHE A CB  1 
ATOM   333  C CG  . PHE A 1 46  ? 10.312  0.289   11.471  1.00 13.75 ? 46  PHE A CG  1 
ATOM   334  C CD1 . PHE A 1 46  ? 8.982   0.286   11.114  1.00 13.71 ? 46  PHE A CD1 1 
ATOM   335  C CD2 . PHE A 1 46  ? 10.643  0.625   12.793  1.00 15.76 ? 46  PHE A CD2 1 
ATOM   336  C CE1 . PHE A 1 46  ? 7.998   0.657   12.003  1.00 15.19 ? 46  PHE A CE1 1 
ATOM   337  C CE2 . PHE A 1 46  ? 9.659   1.027   13.685  1.00 16.76 ? 46  PHE A CE2 1 
ATOM   338  C CZ  . PHE A 1 46  ? 8.331   1.015   13.310  1.00 17.55 ? 46  PHE A CZ  1 
ATOM   339  N N   . GLY A 1 47  ? 10.568  0.753   7.635   1.00 9.95  ? 47  GLY A N   1 
ATOM   340  C CA  . GLY A 1 47  ? 9.480   1.166   6.715   1.00 8.81  ? 47  GLY A CA  1 
ATOM   341  C C   . GLY A 1 47  ? 9.610   0.432   5.424   1.00 7.62  ? 47  GLY A C   1 
ATOM   342  O O   . GLY A 1 47  ? 10.255  -0.632  5.361   1.00 6.91  ? 47  GLY A O   1 
ATOM   343  N N   . TYR A 1 48  ? 9.013   1.005   4.384   1.00 6.78  ? 48  TYR A N   1 
ATOM   344  C CA  . TYR A 1 48  ? 8.859   0.316   3.115   1.00 6.24  ? 48  TYR A CA  1 
ATOM   345  C C   . TYR A 1 48  ? 10.043  0.205   2.192   1.00 7.24  ? 48  TYR A C   1 
ATOM   346  O O   . TYR A 1 48  ? 10.118  -0.750  1.355   1.00 7.47  ? 48  TYR A O   1 
ATOM   347  C CB  . TYR A 1 48  ? 7.736   1.008   2.333   1.00 5.53  ? 48  TYR A CB  1 
ATOM   348  C CG  . TYR A 1 48  ? 6.405   0.961   3.010   1.00 4.92  ? 48  TYR A CG  1 
ATOM   349  C CD1 . TYR A 1 48  ? 5.917   -0.218  3.583   1.00 4.65  ? 48  TYR A CD1 1 
ATOM   350  C CD2 . TYR A 1 48  ? 5.621   2.094   3.089   1.00 4.72  ? 48  TYR A CD2 1 
ATOM   351  C CE1 . TYR A 1 48  ? 4.662   -0.267  4.178   1.00 4.44  ? 48  TYR A CE1 1 
ATOM   352  C CE2 . TYR A 1 48  ? 4.354   2.077   3.679   1.00 4.49  ? 48  TYR A CE2 1 
ATOM   353  C CZ  . TYR A 1 48  ? 3.885   0.872   4.228   1.00 4.52  ? 48  TYR A CZ  1 
ATOM   354  O OH  . TYR A 1 48  ? 2.654   0.838   4.807   1.00 4.45  ? 48  TYR A OH  1 
ATOM   355  N N   . LYS A 1 49  ? 11.053  1.057   2.380   1.00 8.75  ? 49  LYS A N   1 
ATOM   356  C CA  . LYS A 1 49  ? 12.166  1.061   1.414   1.00 10.19 ? 49  LYS A CA  1 
ATOM   357  C C   . LYS A 1 49  ? 12.860  -0.331  1.413   1.00 10.24 ? 49  LYS A C   1 
ATOM   358  O O   . LYS A 1 49  ? 13.269  -0.840  2.474   1.00 8.56  ? 49  LYS A O   1 
ATOM   359  C CB  . LYS A 1 49  ? 13.175  2.119   1.792   1.00 11.47 ? 49  LYS A CB  1 
ATOM   360  C CG  . LYS A 1 49  ? 14.304  2.172   0.778   1.00 13.79 ? 49  LYS A CG  1 
ATOM   361  C CD  . LYS A 1 49  ? 15.147  3.399   1.043   1.00 17.10 ? 49  LYS A CD  1 
ATOM   362  C CE  . LYS A 1 49  ? 16.139  3.584   -0.093  1.00 20.38 ? 49  LYS A CE  1 
ATOM   363  N NZ  . LYS A 1 49  ? 16.438  5.012   -0.186  1.00 27.43 ? 49  LYS A NZ  1 
ATOM   364  N N   . GLY A 1 50  ? 13.049  -0.895  0.250   1.00 10.00 ? 50  GLY A N   1 
ATOM   365  C CA  . GLY A 1 50  ? 13.671  -2.187  0.075   1.00 12.20 ? 50  GLY A CA  1 
ATOM   366  C C   . GLY A 1 50  ? 12.720  -3.372  0.194   1.00 13.10 ? 50  GLY A C   1 
ATOM   367  O O   . GLY A 1 50  ? 13.116  -4.467  -0.051  1.00 17.60 ? 50  GLY A O   1 
ATOM   368  N N   . SER A 1 51  ? 11.449  -3.170  0.490   1.00 11.56 ? 51  SER A N   1 
ATOM   369  C CA  . SER A 1 51  ? 10.516  -4.267  0.590   1.00 11.62 ? 51  SER A CA  1 
ATOM   370  C C   . SER A 1 51  ? 9.768   -4.463  -0.749  1.00 10.16 ? 51  SER A C   1 
ATOM   371  O O   . SER A 1 51  ? 10.042  -3.771  -1.722  1.00 9.78  ? 51  SER A O   1 
ATOM   372  C CB  . SER A 1 51  ? 9.584   -4.062  1.791   1.00 11.60 ? 51  SER A CB  1 
ATOM   373  O OG  . SER A 1 51  ? 8.764   -2.945  1.650   1.00 10.88 ? 51  SER A OG  1 
ATOM   374  N N   . THR A 1 52  ? 8.860   -5.452  -0.801  1.00 10.08 ? 52  THR A N   1 
ATOM   375  C CA  . THR A 1 52  ? 8.300   -5.931  -2.099  1.00 9.24  ? 52  THR A CA  1 
ATOM   376  C C   . THR A 1 52  ? 6.780   -5.757  -2.208  1.00 8.22  ? 52  THR A C   1 
ATOM   377  O O   . THR A 1 52  ? 6.092   -5.592  -1.192  1.00 8.11  ? 52  THR A O   1 
ATOM   378  C CB  . THR A 1 52  ? 8.622   -7.434  -2.352  1.00 10.04 ? 52  THR A CB  1 
ATOM   379  O OG1 . THR A 1 52  ? 7.865   -8.249  -1.447  1.00 9.53  ? 52  THR A OG1 1 
ATOM   380  C CG2 . THR A 1 52  ? 10.075  -7.712  -2.197  1.00 10.52 ? 52  THR A CG2 1 
ATOM   381  N N   . PHE A 1 53  ? 6.260   -5.781  -3.449  1.00 7.07  ? 53  PHE A N   1 
ATOM   382  C CA  . PHE A 1 53  ? 4.877   -6.138  -3.713  1.00 6.81  ? 53  PHE A CA  1 
ATOM   383  C C   . PHE A 1 53  ? 4.855   -7.643  -3.761  1.00 6.99  ? 53  PHE A C   1 
ATOM   384  O O   . PHE A 1 53  ? 5.321   -8.207  -4.764  1.00 7.13  ? 53  PHE A O   1 
ATOM   385  C CB  . PHE A 1 53  ? 4.374   -5.521  -5.042  1.00 6.64  ? 53  PHE A CB  1 
ATOM   386  C CG  . PHE A 1 53  ? 3.996   -4.089  -4.924  1.00 6.47  ? 53  PHE A CG  1 
ATOM   387  C CD1 . PHE A 1 53  ? 4.966   -3.115  -4.905  1.00 6.95  ? 53  PHE A CD1 1 
ATOM   388  C CD2 . PHE A 1 53  ? 2.682   -3.710  -4.769  1.00 6.50  ? 53  PHE A CD2 1 
ATOM   389  C CE1 . PHE A 1 53  ? 4.643   -1.772  -4.694  1.00 6.99  ? 53  PHE A CE1 1 
ATOM   390  C CE2 . PHE A 1 53  ? 2.355   -2.363  -4.642  1.00 6.95  ? 53  PHE A CE2 1 
ATOM   391  C CZ  . PHE A 1 53  ? 3.333   -1.407  -4.600  1.00 6.97  ? 53  PHE A CZ  1 
ATOM   392  N N   . HIS A 1 54  ? 4.350   -8.297  -2.713  1.00 6.65  ? 54  HIS A N   1 
ATOM   393  C CA  . HIS A 1 54  ? 4.427   -9.770  -2.588  1.00 7.17  ? 54  HIS A CA  1 
ATOM   394  C C   . HIS A 1 54  ? 3.215   -10.474 -3.192  1.00 8.07  ? 54  HIS A C   1 
ATOM   395  O O   . HIS A 1 54  ? 3.287   -11.663 -3.390  1.00 7.53  ? 54  HIS A O   1 
ATOM   396  C CB  . HIS A 1 54  ? 4.573   -10.222 -1.127  1.00 7.10  ? 54  HIS A CB  1 
ATOM   397  C CG  . HIS A 1 54  ? 3.425   -9.834  -0.297  1.00 7.95  ? 54  HIS A CG  1 
ATOM   398  N ND1 . HIS A 1 54  ? 2.333   -10.656 -0.053  1.00 9.43  ? 54  HIS A ND1 1 
ATOM   399  C CD2 . HIS A 1 54  ? 3.161   -8.671  0.326   1.00 7.78  ? 54  HIS A CD2 1 
ATOM   400  C CE1 . HIS A 1 54  ? 1.435   -9.985  0.638   1.00 8.02  ? 54  HIS A CE1 1 
ATOM   401  N NE2 . HIS A 1 54  ? 1.937   -8.816  0.925   1.00 8.97  ? 54  HIS A NE2 1 
ATOM   402  N N   . ARG A 1 55  ? 2.091   -9.768  -3.436  1.00 7.68  ? 55  ARG A N   1 
ATOM   403  C CA  . ARG A 1 55  ? 0.901   -10.406 -3.943  1.00 8.06  ? 55  ARG A CA  1 
ATOM   404  C C   . ARG A 1 55  ? 0.196   -9.491  -4.916  1.00 7.77  ? 55  ARG A C   1 
ATOM   405  O O   . ARG A 1 55  ? -0.318  -8.440  -4.514  1.00 7.19  ? 55  ARG A O   1 
ATOM   406  C CB  . ARG A 1 55  ? -0.041  -10.723 -2.828  1.00 9.53  ? 55  ARG A CB  1 
ATOM   407  C CG  . ARG A 1 55  ? -1.175  -11.637 -3.273  1.00 10.84 ? 55  ARG A CG  1 
ATOM   408  C CD  . ARG A 1 55  ? -1.870  -12.305 -2.063  1.00 12.58 ? 55  ARG A CD  1 
ATOM   409  N NE  . ARG A 1 55  ? -2.799  -11.390 -1.482  1.00 12.48 ? 55  ARG A NE  1 
ATOM   410  C CZ  . ARG A 1 55  ? -4.125  -11.394 -1.552  1.00 13.20 ? 55  ARG A CZ  1 
ATOM   411  N NH1 . ARG A 1 55  ? -4.807  -10.438 -0.935  1.00 12.52 ? 55  ARG A NH1 1 
ATOM   412  N NH2 . ARG A 1 55  ? -4.795  -12.286 -2.249  1.00 14.99 ? 55  ARG A NH2 1 
ATOM   413  N N   . VAL A 1 56  ? 0.172   -9.866  -6.190  1.00 6.88  ? 56  VAL A N   1 
ATOM   414  C CA  . VAL A 1 56  ? -0.329  -8.960  -7.230  1.00 7.69  ? 56  VAL A CA  1 
ATOM   415  C C   . VAL A 1 56  ? -1.332  -9.756  -8.093  1.00 7.68  ? 56  VAL A C   1 
ATOM   416  O O   . VAL A 1 56  ? -0.914  -10.738 -8.737  1.00 8.05  ? 56  VAL A O   1 
ATOM   417  C CB  . VAL A 1 56  ? 0.795   -8.422  -8.076  1.00 7.95  ? 56  VAL A CB  1 
ATOM   418  C CG1 . VAL A 1 56  ? 0.226   -7.582  -9.213  1.00 8.70  ? 56  VAL A CG1 1 
ATOM   419  C CG2 . VAL A 1 56  ? 1.832   -7.618  -7.251  1.00 8.36  ? 56  VAL A CG2 1 
ATOM   420  N N   . ILE A 1 57  ? -2.612  -9.393  -8.057  1.00 7.22  ? 57  ILE A N   1 
ATOM   421  C CA  . ILE A 1 57  ? -3.652  -10.128 -8.761  1.00 7.55  ? 57  ILE A CA  1 
ATOM   422  C C   . ILE A 1 57  ? -4.256  -9.225  -9.841  1.00 8.00  ? 57  ILE A C   1 
ATOM   423  O O   . ILE A 1 57  ? -4.899  -8.222  -9.504  1.00 7.64  ? 57  ILE A O   1 
ATOM   424  C CB  . ILE A 1 57  ? -4.701  -10.647 -7.830  1.00 7.70  ? 57  ILE A CB  1 
ATOM   425  C CG1 . ILE A 1 57  ? -4.043  -11.640 -6.832  1.00 7.46  ? 57  ILE A CG1 1 
ATOM   426  C CG2 . ILE A 1 57  ? -5.822  -11.308 -8.592  1.00 8.36  ? 57  ILE A CG2 1 
ATOM   427  C CD1 . ILE A 1 57  ? -4.951  -12.078 -5.743  1.00 7.74  ? 57  ILE A CD1 1 
ATOM   428  N N   . PRO A 1 58  ? -4.040  -9.562  -11.137 1.00 9.09  ? 58  PRO A N   1 
ATOM   429  C CA  . PRO A 1 58  ? -4.615  -8.740  -12.223 1.00 9.48  ? 58  PRO A CA  1 
ATOM   430  C C   . PRO A 1 58  ? -6.106  -8.617  -12.135 1.00 9.75  ? 58  PRO A C   1 
ATOM   431  O O   . PRO A 1 58  ? -6.794  -9.535  -11.677 1.00 9.64  ? 58  PRO A O   1 
ATOM   432  C CB  . PRO A 1 58  ? -4.082  -9.400  -13.493 1.00 10.61 ? 58  PRO A CB  1 
ATOM   433  C CG  . PRO A 1 58  ? -2.789  -10.085 -13.086 1.00 10.04 ? 58  PRO A CG  1 
ATOM   434  C CD  . PRO A 1 58  ? -3.045  -10.532 -11.657 1.00 9.79  ? 58  PRO A CD  1 
ATOM   435  N N   . SER A 1 59  ? -6.645  -7.423  -12.488 1.00 10.09 ? 59  SER A N   1 
ATOM   436  C CA  . SER A 1 59  ? -8.048  -7.123  -12.312 1.00 10.29 ? 59  SER A CA  1 
ATOM   437  C C   . SER A 1 59  ? -8.493  -7.187  -10.872 1.00 8.98  ? 59  SER A C   1 
ATOM   438  O O   . SER A 1 59  ? -9.646  -7.430  -10.590 1.00 8.99  ? 59  SER A O   1 
ATOM   439  C CB  . SER A 1 59  ? -8.920  -8.018  -13.230 1.00 12.61 ? 59  SER A CB  1 
ATOM   440  O OG  . SER A 1 59  ? -8.476  -7.800  -14.542 1.00 14.40 ? 59  SER A OG  1 
ATOM   441  N N   . PHE A 1 60  ? -7.573  -6.921  -9.913  1.00 7.83  ? 60  PHE A N   1 
ATOM   442  C CA  . PHE A 1 60  ? -8.011  -6.832  -8.526  1.00 7.86  ? 60  PHE A CA  1 
ATOM   443  C C   . PHE A 1 60  ? -7.170  -5.797  -7.779  1.00 7.50  ? 60  PHE A C   1 
ATOM   444  O O   . PHE A 1 60  ? -7.622  -4.684  -7.593  1.00 7.06  ? 60  PHE A O   1 
ATOM   445  C CB  . PHE A 1 60  ? -7.902  -8.204  -7.875  1.00 7.78  ? 60  PHE A CB  1 
ATOM   446  C CG  . PHE A 1 60  ? -8.257  -8.260  -6.412  1.00 8.28  ? 60  PHE A CG  1 
ATOM   447  C CD1 . PHE A 1 60  ? -9.040  -7.277  -5.769  1.00 8.63  ? 60  PHE A CD1 1 
ATOM   448  C CD2 . PHE A 1 60  ? -7.907  -9.393  -5.697  1.00 9.14  ? 60  PHE A CD2 1 
ATOM   449  C CE1 . PHE A 1 60  ? -9.410  -7.421  -4.468  1.00 9.37  ? 60  PHE A CE1 1 
ATOM   450  C CE2 . PHE A 1 60  ? -8.227  -9.518  -4.355  1.00 9.51  ? 60  PHE A CE2 1 
ATOM   451  C CZ  . PHE A 1 60  ? -8.986  -8.529  -3.747  1.00 9.27  ? 60  PHE A CZ  1 
ATOM   452  N N   . MET A 1 61  ? -5.933  -6.157  -7.441  1.00 7.30  ? 61  MET A N   1 
ATOM   453  C CA  . MET A 1 61  ? -5.080  -5.263  -6.640  1.00 7.88  ? 61  MET A CA  1 
ATOM   454  C C   . MET A 1 61  ? -3.628  -5.719  -6.564  1.00 7.68  ? 61  MET A C   1 
ATOM   455  O O   . MET A 1 61  ? -3.333  -6.890  -6.894  1.00 7.14  ? 61  MET A O   1 
ATOM   456  C CB  . MET A 1 61  ? -5.680  -5.057  -5.204  1.00 8.02  ? 61  MET A CB  1 
ATOM   457  C CG  . MET A 1 61  ? -5.782  -6.343  -4.368  1.00 9.13  ? 61  MET A CG  1 
ATOM   458  S SD  . MET A 1 61  ? -4.206  -6.763  -3.576  1.00 9.54  ? 61  MET A SD  1 
ATOM   459  C CE  . MET A 1 61  ? -4.068  -8.525  -3.967  1.00 9.37  ? 61  MET A CE  1 
ATOM   460  N N   . CYS A 1 62  ? -2.763  -4.769  -6.193  1.00 6.75  ? 62  CYS A N   1 
ATOM   461  C CA  . CYS A 1 62  ? -1.341  -4.935  -5.945  1.00 6.90  ? 62  CYS A CA  1 
ATOM   462  C C   . CYS A 1 62  ? -1.100  -4.708  -4.454  1.00 6.43  ? 62  CYS A C   1 
ATOM   463  O O   . CYS A 1 62  ? -1.376  -3.585  -3.941  1.00 5.66  ? 62  CYS A O   1 
ATOM   464  C CB  . CYS A 1 62  ? -0.544  -3.906  -6.734  1.00 7.82  ? 62  CYS A CB  1 
ATOM   465  S SG  . CYS A 1 62  ? -0.906  -3.983  -8.550  1.00 9.92  ? 62  CYS A SG  1 
ATOM   466  N N   . GLN A 1 63  ? -0.582  -5.739  -3.783  1.00 5.48  ? 63  GLN A N   1 
ATOM   467  C CA  . GLN A 1 63  ? -0.426  -5.755  -2.334  1.00 5.79  ? 63  GLN A CA  1 
ATOM   468  C C   . GLN A 1 63  ? 1.082   -5.727  -1.944  1.00 5.57  ? 63  GLN A C   1 
ATOM   469  O O   . GLN A 1 63  ? 1.896   -6.453  -2.532  1.00 5.77  ? 63  GLN A O   1 
ATOM   470  C CB  . GLN A 1 63  ? -1.110  -6.957  -1.744  1.00 5.95  ? 63  GLN A CB  1 
ATOM   471  C CG  . GLN A 1 63  ? -1.160  -6.904  -0.221  1.00 6.56  ? 63  GLN A CG  1 
ATOM   472  C CD  . GLN A 1 63  ? -1.971  -7.961  0.387   1.00 7.63  ? 63  GLN A CD  1 
ATOM   473  O OE1 . GLN A 1 63  ? -2.859  -8.520  -0.271  1.00 8.74  ? 63  GLN A OE1 1 
ATOM   474  N NE2 . GLN A 1 63  ? -1.698  -8.284  1.688   1.00 7.88  ? 63  GLN A NE2 1 
ATOM   475  N N   . ALA A 1 64  ? 1.411   -4.944  -0.931  1.00 5.30  ? 64  ALA A N   1 
ATOM   476  C CA  . ALA A 1 64  ? 2.770   -4.717  -0.469  1.00 4.82  ? 64  ALA A CA  1 
ATOM   477  C C   . ALA A 1 64  ? 2.799   -4.421  1.035   1.00 4.89  ? 64  ALA A C   1 
ATOM   478  O O   . ALA A 1 64  ? 1.782   -4.496  1.715   1.00 4.35  ? 64  ALA A O   1 
ATOM   479  C CB  . ALA A 1 64  ? 3.376   -3.520  -1.226  1.00 4.92  ? 64  ALA A CB  1 
ATOM   480  N N   . GLY A 1 65  ? 3.982   -4.051  1.499   1.00 5.22  ? 65  GLY A N   1 
ATOM   481  C CA  . GLY A 1 65  ? 4.190   -3.538  2.874   1.00 5.35  ? 65  GLY A CA  1 
ATOM   482  C C   . GLY A 1 65  ? 4.540   -4.572  3.932   1.00 5.74  ? 65  GLY A C   1 
ATOM   483  O O   . GLY A 1 65  ? 4.672   -4.214  5.087   1.00 5.96  ? 65  GLY A O   1 
ATOM   484  N N   . ASP A 1 66  ? 4.702   -5.847  3.573   1.00 5.93  ? 66  ASP A N   1 
ATOM   485  C CA  . ASP A 1 66  ? 5.203   -6.853  4.536   1.00 6.50  ? 66  ASP A CA  1 
ATOM   486  C C   . ASP A 1 66  ? 6.714   -6.819  4.545   1.00 6.60  ? 66  ASP A C   1 
ATOM   487  O O   . ASP A 1 66  ? 7.408   -7.609  3.864   1.00 5.81  ? 66  ASP A O   1 
ATOM   488  C CB  . ASP A 1 66  ? 4.735   -8.242  4.215   1.00 6.72  ? 66  ASP A CB  1 
ATOM   489  C CG  . ASP A 1 66  ? 5.194   -9.222  5.260   1.00 6.97  ? 66  ASP A CG  1 
ATOM   490  O OD1 . ASP A 1 66  ? 5.999   -8.841  6.112   1.00 6.92  ? 66  ASP A OD1 1 
ATOM   491  O OD2 . ASP A 1 66  ? 4.800   -10.420 5.139   1.00 8.15  ? 66  ASP A OD2 1 
ATOM   492  N N   . PHE A 1 67  ? 7.249   -5.838  5.254   1.00 7.25  ? 67  PHE A N   1 
ATOM   493  C CA  . PHE A 1 67  ? 8.684   -5.646  5.207   1.00 8.25  ? 67  PHE A CA  1 
ATOM   494  C C   . PHE A 1 67  ? 9.409   -6.525  6.215   1.00 9.50  ? 67  PHE A C   1 
ATOM   495  O O   . PHE A 1 67  ? 10.634  -6.377  6.355   1.00 9.76  ? 67  PHE A O   1 
ATOM   496  C CB  . PHE A 1 67  ? 9.119   -4.152  5.352   1.00 8.04  ? 67  PHE A CB  1 
ATOM   497  C CG  . PHE A 1 67  ? 8.562   -3.471  6.549   1.00 8.02  ? 67  PHE A CG  1 
ATOM   498  C CD1 . PHE A 1 67  ? 9.137   -3.658  7.812   1.00 8.14  ? 67  PHE A CD1 1 
ATOM   499  C CD2 . PHE A 1 67  ? 7.465   -2.638  6.435   1.00 8.34  ? 67  PHE A CD2 1 
ATOM   500  C CE1 . PHE A 1 67  ? 8.600   -2.999  8.943   1.00 8.60  ? 67  PHE A CE1 1 
ATOM   501  C CE2 . PHE A 1 67  ? 6.958   -1.979  7.537   1.00 8.23  ? 67  PHE A CE2 1 
ATOM   502  C CZ  . PHE A 1 67  ? 7.470   -2.220  8.792   1.00 8.07  ? 67  PHE A CZ  1 
ATOM   503  N N   . THR A 1 68  ? 8.710   -7.363  6.986   1.00 9.80  ? 68  THR A N   1 
ATOM   504  C CA  . THR A 1 68  ? 9.415   -8.274  7.919   1.00 11.11 ? 68  THR A CA  1 
ATOM   505  C C   . THR A 1 68  ? 9.513   -9.686  7.358   1.00 11.59 ? 68  THR A C   1 
ATOM   506  O O   . THR A 1 68  ? 10.559  -10.343 7.480   1.00 12.13 ? 68  THR A O   1 
ATOM   507  C CB  . THR A 1 68  ? 8.771   -8.302  9.312   1.00 10.64 ? 68  THR A CB  1 
ATOM   508  O OG1 . THR A 1 68  ? 7.418   -8.701  9.229   1.00 10.58 ? 68  THR A OG1 1 
ATOM   509  C CG2 . THR A 1 68  ? 8.738   -6.927  9.957   1.00 10.87 ? 68  THR A CG2 1 
ATOM   510  N N   . ASN A 1 69  ? 8.441   -10.171 6.769   1.00 9.88  ? 69  ASN A N   1 
ATOM   511  C CA  . ASN A 1 69  ? 8.371   -11.554 6.274   1.00 10.53 ? 69  ASN A CA  1 
ATOM   512  C C   . ASN A 1 69  ? 8.262   -11.689 4.773   1.00 9.95  ? 69  ASN A C   1 
ATOM   513  O O   . ASN A 1 69  ? 8.403   -12.797 4.189   1.00 8.21  ? 69  ASN A O   1 
ATOM   514  C CB  . ASN A 1 69  ? 7.190   -12.259 6.930   1.00 11.46 ? 69  ASN A CB  1 
ATOM   515  C CG  . ASN A 1 69  ? 7.385   -12.510 8.409   1.00 14.15 ? 69  ASN A CG  1 
ATOM   516  O OD1 . ASN A 1 69  ? 8.509   -12.524 8.914   1.00 13.79 ? 69  ASN A OD1 1 
ATOM   517  N ND2 . ASN A 1 69  ? 6.288   -12.787 9.100   1.00 13.26 ? 69  ASN A ND2 1 
ATOM   518  N N   . HIS A 1 70  ? 7.917   -10.595 4.119   1.00 8.74  ? 70  HIS A N   1 
ATOM   519  C CA  . HIS A 1 70  ? 7.894   -10.538 2.660   1.00 9.50  ? 70  HIS A CA  1 
ATOM   520  C C   . HIS A 1 70  ? 6.909   -11.513 2.000   1.00 8.93  ? 70  HIS A C   1 
ATOM   521  O O   . HIS A 1 70  ? 7.120   -11.880 0.855   1.00 8.11  ? 70  HIS A O   1 
ATOM   522  C CB  . HIS A 1 70  ? 9.293   -10.729 2.108   1.00 9.83  ? 70  HIS A CB  1 
ATOM   523  C CG  . HIS A 1 70  ? 10.278  -9.823  2.768   1.00 11.71 ? 70  HIS A CG  1 
ATOM   524  N ND1 . HIS A 1 70  ? 10.304  -8.468  2.494   1.00 12.11 ? 70  HIS A ND1 1 
ATOM   525  C CD2 . HIS A 1 70  ? 11.248  -10.052 3.685   1.00 13.14 ? 70  HIS A CD2 1 
ATOM   526  C CE1 . HIS A 1 70  ? 11.281  -7.904  3.192   1.00 13.28 ? 70  HIS A CE1 1 
ATOM   527  N NE2 . HIS A 1 70  ? 11.840  -8.836  3.950   1.00 12.72 ? 70  HIS A NE2 1 
ATOM   528  N N   . ASN A 1 71  ? 5.857   -11.882 2.704   1.00 7.82  ? 71  ASN A N   1 
ATOM   529  C CA  . ASN A 1 71  ? 4.967   -12.873 2.169   1.00 7.97  ? 71  ASN A CA  1 
ATOM   530  C C   . ASN A 1 71  ? 3.530   -12.703 2.567   1.00 7.73  ? 71  ASN A C   1 
ATOM   531  O O   . ASN A 1 71  ? 2.748   -13.607 2.253   1.00 8.41  ? 71  ASN A O   1 
ATOM   532  C CB  . ASN A 1 71  ? 5.457   -14.286 2.572   1.00 8.20  ? 71  ASN A CB  1 
ATOM   533  C CG  . ASN A 1 71  ? 5.443   -14.511 4.061   1.00 9.16  ? 71  ASN A CG  1 
ATOM   534  O OD1 . ASN A 1 71  ? 4.892   -13.720 4.894   1.00 8.49  ? 71  ASN A OD1 1 
ATOM   535  N ND2 . ASN A 1 71  ? 6.102   -15.576 4.441   1.00 9.48  ? 71  ASN A ND2 1 
ATOM   536  N N   . GLY A 1 72  ? 3.148   -11.583 3.184   1.00 6.47  ? 72  GLY A N   1 
ATOM   537  C CA  . GLY A 1 72  ? 1.797   -11.362 3.595   1.00 6.68  ? 72  GLY A CA  1 
ATOM   538  C C   . GLY A 1 72  ? 1.419   -11.824 4.957   1.00 6.73  ? 72  GLY A C   1 
ATOM   539  O O   . GLY A 1 72  ? 0.244   -11.720 5.315   1.00 8.28  ? 72  GLY A O   1 
ATOM   540  N N   . THR A 1 73  ? 2.381   -12.303 5.747   1.00 7.22  ? 73  THR A N   1 
ATOM   541  C CA  . THR A 1 73  ? 2.129   -12.633 7.133   1.00 7.75  ? 73  THR A CA  1 
ATOM   542  C C   . THR A 1 73  ? 2.649   -11.614 8.113   1.00 8.08  ? 73  THR A C   1 
ATOM   543  O O   . THR A 1 73  ? 2.254   -11.674 9.247   1.00 8.87  ? 73  THR A O   1 
ATOM   544  C CB  . THR A 1 73  ? 2.747   -13.977 7.523   1.00 7.99  ? 73  THR A CB  1 
ATOM   545  O OG1 . THR A 1 73  ? 4.171   -13.982 7.325   1.00 7.39  ? 73  THR A OG1 1 
ATOM   546  C CG2 . THR A 1 73  ? 2.129   -15.047 6.672   1.00 8.47  ? 73  THR A CG2 1 
ATOM   547  N N   . GLY A 1 74  ? 3.510   -10.683 7.703   1.00 7.44  ? 74  GLY A N   1 
ATOM   548  C CA  . GLY A 1 74  ? 4.062   -9.754  8.675   1.00 7.06  ? 74  GLY A CA  1 
ATOM   549  C C   . GLY A 1 74  ? 3.846   -8.281  8.424   1.00 7.30  ? 74  GLY A C   1 
ATOM   550  O O   . GLY A 1 74  ? 2.793   -7.831  7.972   1.00 6.58  ? 74  GLY A O   1 
ATOM   551  N N   . GLY A 1 75  ? 4.886   -7.526  8.736   1.00 7.62  ? 75  GLY A N   1 
ATOM   552  C CA  . GLY A 1 75  ? 4.776   -6.082  8.828   1.00 8.33  ? 75  GLY A CA  1 
ATOM   553  C C   . GLY A 1 75  ? 4.437   -5.633  10.229  1.00 9.28  ? 75  GLY A C   1 
ATOM   554  O O   . GLY A 1 75  ? 4.084   -6.425  11.110  1.00 8.81  ? 75  GLY A O   1 
ATOM   555  N N   . LYS A 1 76  ? 4.558   -4.329  10.441  1.00 9.08  ? 76  LYS A N   1 
ATOM   556  C CA  . LYS A 1 76  ? 4.215   -3.740  11.716  1.00 9.37  ? 76  LYS A CA  1 
ATOM   557  C C   . LYS A 1 76  ? 3.998   -2.234  11.503  1.00 8.26  ? 76  LYS A C   1 
ATOM   558  O O   . LYS A 1 76  ? 4.596   -1.648  10.579  1.00 7.05  ? 76  LYS A O   1 
ATOM   559  C CB  . LYS A 1 76  ? 5.320   -3.955  12.727  1.00 11.33 ? 76  LYS A CB  1 
ATOM   560  C CG  . LYS A 1 76  ? 6.617   -3.289  12.418  1.00 12.86 ? 76  LYS A CG  1 
ATOM   561  C CD  . LYS A 1 76  ? 7.696   -3.581  13.458  1.00 16.22 ? 76  LYS A CD  1 
ATOM   562  C CE  . LYS A 1 76  ? 8.973   -2.978  12.992  1.00 18.74 ? 76  LYS A CE  1 
ATOM   563  N NZ  . LYS A 1 76  ? 9.959   -3.071  14.062  1.00 23.06 ? 76  LYS A NZ  1 
ATOM   564  N N   . SER A 1 77  ? 3.225   -1.636  12.395  1.00 7.17  ? 77  SER A N   1 
ATOM   565  C CA  . SER A 1 77  ? 2.947   -0.211  12.298  1.00 6.76  ? 77  SER A CA  1 
ATOM   566  C C   . SER A 1 77  ? 3.919   0.611   13.142  1.00 6.81  ? 77  SER A C   1 
ATOM   567  O O   . SER A 1 77  ? 4.704   0.081   13.949  1.00 6.96  ? 77  SER A O   1 
ATOM   568  C CB  . SER A 1 77  ? 1.528   0.074   12.756  1.00 7.33  ? 77  SER A CB  1 
ATOM   569  O OG  . SER A 1 77  ? 1.406   0.147   14.175  1.00 8.21  ? 77  SER A OG  1 
ATOM   570  N N   . ILE A 1 78  ? 3.833   1.916   12.991  1.00 6.66  ? 78  ILE A N   1 
ATOM   571  C CA  . ILE A 1 78  ? 4.633   2.808   13.789  1.00 6.75  ? 78  ILE A CA  1 
ATOM   572  C C   . ILE A 1 78  ? 4.157   2.840   15.249  1.00 6.96  ? 78  ILE A C   1 
ATOM   573  O O   . ILE A 1 78  ? 4.874   3.384   16.116  1.00 7.35  ? 78  ILE A O   1 
ATOM   574  C CB  . ILE A 1 78  ? 4.580   4.263   13.196  1.00 7.00  ? 78  ILE A CB  1 
ATOM   575  C CG1 . ILE A 1 78  ? 3.226   4.893   13.309  1.00 6.90  ? 78  ILE A CG1 1 
ATOM   576  C CG2 . ILE A 1 78  ? 5.129   4.242   11.790  1.00 6.62  ? 78  ILE A CG2 1 
ATOM   577  C CD1 . ILE A 1 78  ? 3.213   6.407   13.022  1.00 7.33  ? 78  ILE A CD1 1 
ATOM   578  N N   . TYR A 1 79  ? 2.993   2.287   15.528  1.00 6.81  ? 79  TYR A N   1 
ATOM   579  C CA  . TYR A 1 79  ? 2.362   2.323   16.887  1.00 7.37  ? 79  TYR A CA  1 
ATOM   580  C C   . TYR A 1 79  ? 2.694   1.041   17.682  1.00 8.44  ? 79  TYR A C   1 
ATOM   581  O O   . TYR A 1 79  ? 2.614   1.019   18.922  1.00 8.73  ? 79  TYR A O   1 
ATOM   582  C CB  . TYR A 1 79  ? 0.867   2.470   16.850  1.00 6.97  ? 79  TYR A CB  1 
ATOM   583  C CG  . TYR A 1 79  ? 0.431   3.596   15.930  1.00 7.32  ? 79  TYR A CG  1 
ATOM   584  C CD1 . TYR A 1 79  ? 0.732   4.921   16.255  1.00 7.40  ? 79  TYR A CD1 1 
ATOM   585  C CD2 . TYR A 1 79  ? -0.312  3.357   14.760  1.00 7.41  ? 79  TYR A CD2 1 
ATOM   586  C CE1 . TYR A 1 79  ? 0.341   5.958   15.455  1.00 7.82  ? 79  TYR A CE1 1 
ATOM   587  C CE2 . TYR A 1 79  ? -0.719  4.431   13.939  1.00 7.45  ? 79  TYR A CE2 1 
ATOM   588  C CZ  . TYR A 1 79  ? -0.372  5.733   14.288  1.00 7.69  ? 79  TYR A CZ  1 
ATOM   589  O OH  . TYR A 1 79  ? -0.701  6.865   13.513  1.00 6.56  ? 79  TYR A OH  1 
ATOM   590  N N   . GLY A 1 80  ? 3.076   -0.013  16.977  1.00 8.21  ? 80  GLY A N   1 
ATOM   591  C CA  . GLY A 1 80  ? 3.189   -1.340  17.547  1.00 8.65  ? 80  GLY A CA  1 
ATOM   592  C C   . GLY A 1 80  ? 2.844   -2.343  16.435  1.00 9.08  ? 80  GLY A C   1 
ATOM   593  O O   . GLY A 1 80  ? 2.755   -1.986  15.231  1.00 8.23  ? 80  GLY A O   1 
ATOM   594  N N   . SER A 1 81  ? 2.622   -3.597  16.809  1.00 9.30  ? 81  SER A N   1 
ATOM   595  C CA  . SER A 1 81  ? 2.493   -4.588  15.791  1.00 10.69 ? 81  SER A CA  1 
ATOM   596  C C   . SER A 1 81  ? 1.208   -4.340  14.939  1.00 9.97  ? 81  SER A C   1 
ATOM   597  O O   . SER A 1 81  ? 1.236   -4.466  13.694  1.00 10.30 ? 81  SER A O   1 
ATOM   598  C CB  . SER A 1 81  ? 2.664   -6.024  16.443  1.00 14.04 ? 81  SER A CB  1 
ATOM   599  O OG  . SER A 1 81  ? 1.459   -6.539  16.856  1.00 21.30 ? 81  SER A OG  1 
ATOM   600  N N   . ARG A 1 82  ? 0.096   -3.995  15.606  1.00 8.40  ? 82  ARG A N   1 
ATOM   601  C CA  A ARG A 1 82  ? -1.198  -3.821  14.939  0.50 8.00  ? 82  ARG A CA  1 
ATOM   602  C CA  B ARG A 1 82  ? -1.220  -3.800  14.968  0.50 8.00  ? 82  ARG A CA  1 
ATOM   603  C C   . ARG A 1 82  ? -1.931  -2.642  15.593  1.00 7.64  ? 82  ARG A C   1 
ATOM   604  O O   . ARG A 1 82  ? -1.697  -2.310  16.756  1.00 6.36  ? 82  ARG A O   1 
ATOM   605  C CB  A ARG A 1 82  ? -2.038  -5.126  15.010  0.50 8.47  ? 82  ARG A CB  1 
ATOM   606  C CB  B ARG A 1 82  ? -2.110  -5.018  15.169  0.50 8.50  ? 82  ARG A CB  1 
ATOM   607  C CG  A ARG A 1 82  ? -1.336  -6.440  14.536  0.50 8.67  ? 82  ARG A CG  1 
ATOM   608  C CG  B ARG A 1 82  ? -1.827  -6.114  14.172  0.50 8.68  ? 82  ARG A CG  1 
ATOM   609  C CD  A ARG A 1 82  ? -1.250  -6.580  13.010  0.50 8.53  ? 82  ARG A CD  1 
ATOM   610  C CD  B ARG A 1 82  ? -2.215  -7.451  14.744  0.50 8.90  ? 82  ARG A CD  1 
ATOM   611  N NE  A ARG A 1 82  ? -0.568  -7.776  12.479  0.50 9.08  ? 82  ARG A NE  1 
ATOM   612  N NE  B ARG A 1 82  ? -1.882  -8.468  13.786  0.50 8.51  ? 82  ARG A NE  1 
ATOM   613  C CZ  A ARG A 1 82  ? 0.713   -7.808  12.134  0.50 8.18  ? 82  ARG A CZ  1 
ATOM   614  C CZ  B ARG A 1 82  ? -2.339  -9.690  13.870  0.50 8.55  ? 82  ARG A CZ  1 
ATOM   615  N NH1 A ARG A 1 82  ? 1.490   -6.756  12.300  0.50 7.63  ? 82  ARG A NH1 1 
ATOM   616  N NH1 B ARG A 1 82  ? -3.156  -10.032 14.896  0.50 7.71  ? 82  ARG A NH1 1 
ATOM   617  N NH2 A ARG A 1 82  ? 1.218   -8.911  11.663  0.50 8.92  ? 82  ARG A NH2 1 
ATOM   618  N NH2 B ARG A 1 82  ? -2.019  -10.505 12.891  0.50 9.15  ? 82  ARG A NH2 1 
ATOM   619  N N   . PHE A 1 83  ? -2.834  -2.013  14.829  1.00 6.73  ? 83  PHE A N   1 
ATOM   620  C CA  . PHE A 1 83  ? -3.677  -0.958  15.366  1.00 6.15  ? 83  PHE A CA  1 
ATOM   621  C C   . PHE A 1 83  ? -5.102  -1.058  14.846  1.00 6.40  ? 83  PHE A C   1 
ATOM   622  O O   . PHE A 1 83  ? -5.368  -1.731  13.805  1.00 6.37  ? 83  PHE A O   1 
ATOM   623  C CB  . PHE A 1 83  ? -3.017  0.395   15.139  1.00 5.70  ? 83  PHE A CB  1 
ATOM   624  C CG  . PHE A 1 83  ? -2.928  0.835   13.631  1.00 5.04  ? 83  PHE A CG  1 
ATOM   625  C CD1 . PHE A 1 83  ? -1.955  0.341   12.787  1.00 4.80  ? 83  PHE A CD1 1 
ATOM   626  C CD2 . PHE A 1 83  ? -3.789  1.823   13.162  1.00 4.89  ? 83  PHE A CD2 1 
ATOM   627  C CE1 . PHE A 1 83  ? -1.821  0.833   11.466  1.00 4.70  ? 83  PHE A CE1 1 
ATOM   628  C CE2 . PHE A 1 83  ? -3.698  2.268   11.833  1.00 4.66  ? 83  PHE A CE2 1 
ATOM   629  C CZ  . PHE A 1 83  ? -2.713  1.747   11.004  1.00 4.51  ? 83  PHE A CZ  1 
ATOM   630  N N   . PRO A 1 84  ? -6.036  -0.417  15.566  1.00 7.17  ? 84  PRO A N   1 
ATOM   631  C CA  . PRO A 1 84  ? -7.438  -0.610  15.232  1.00 7.41  ? 84  PRO A CA  1 
ATOM   632  C C   . PRO A 1 84  ? -7.832  -0.010  13.882  1.00 7.47  ? 84  PRO A C   1 
ATOM   633  O O   . PRO A 1 84  ? -7.143  0.893   13.334  1.00 7.84  ? 84  PRO A O   1 
ATOM   634  C CB  . PRO A 1 84  ? -8.180  0.159   16.327  1.00 7.96  ? 84  PRO A CB  1 
ATOM   635  C CG  . PRO A 1 84  ? -7.208  0.229   17.477  1.00 8.01  ? 84  PRO A CG  1 
ATOM   636  C CD  . PRO A 1 84  ? -5.884  0.370   16.811  1.00 7.28  ? 84  PRO A CD  1 
ATOM   637  N N   . ASP A 1 85  ? -8.979  -0.479  13.430  1.00 7.31  ? 85  ASP A N   1 
ATOM   638  C CA  . ASP A 1 85  ? -9.632  0.103   12.284  1.00 7.82  ? 85  ASP A CA  1 
ATOM   639  C C   . ASP A 1 85  ? -10.107 1.477   12.634  1.00 8.35  ? 85  ASP A C   1 
ATOM   640  O O   . ASP A 1 85  ? -10.890 1.616   13.532  1.00 8.06  ? 85  ASP A O   1 
ATOM   641  C CB  . ASP A 1 85  ? -10.790 -0.733  11.842  1.00 7.81  ? 85  ASP A CB  1 
ATOM   642  C CG  . ASP A 1 85  ? -10.394 -2.124  11.342  1.00 8.06  ? 85  ASP A CG  1 
ATOM   643  O OD1 . ASP A 1 85  ? -9.409  -2.238  10.603  1.00 9.31  ? 85  ASP A OD1 1 
ATOM   644  O OD2 . ASP A 1 85  ? -11.160 -3.093  11.612  1.00 7.51  ? 85  ASP A OD2 1 
ATOM   645  N N   . GLU A 1 86  ? -9.576  2.489   11.980  1.00 7.55  ? 86  GLU A N   1 
ATOM   646  C CA  . GLU A 1 86  ? -9.853  3.875   12.338  1.00 7.91  ? 86  GLU A CA  1 
ATOM   647  C C   . GLU A 1 86  ? -11.288 4.318   12.034  1.00 8.33  ? 86  GLU A C   1 
ATOM   648  O O   . GLU A 1 86  ? -11.992 4.762   12.935  1.00 8.60  ? 86  GLU A O   1 
ATOM   649  C CB  . GLU A 1 86  ? -8.779  4.811   11.762  1.00 7.97  ? 86  GLU A CB  1 
ATOM   650  C CG  . GLU A 1 86  ? -8.906  6.253   12.187  1.00 8.21  ? 86  GLU A CG  1 
ATOM   651  C CD  . GLU A 1 86  ? -7.694  7.055   11.750  1.00 8.79  ? 86  GLU A CD  1 
ATOM   652  O OE1 . GLU A 1 86  ? -6.892  6.609   10.844  1.00 8.23  ? 86  GLU A OE1 1 
ATOM   653  O OE2 . GLU A 1 86  ? -7.458  8.119   12.347  1.00 8.50  ? 86  GLU A OE2 1 
ATOM   654  N N   . ASN A 1 87  ? -11.749 4.076   10.818  1.00 7.96  ? 87  ASN A N   1 
ATOM   655  C CA  . ASN A 1 87  ? -13.134 4.245   10.435  1.00 8.61  ? 87  ASN A CA  1 
ATOM   656  C C   . ASN A 1 87  ? -13.255 3.667   9.056   1.00 8.65  ? 87  ASN A C   1 
ATOM   657  O O   . ASN A 1 87  ? -12.247 3.300   8.463   1.00 7.90  ? 87  ASN A O   1 
ATOM   658  C CB  . ASN A 1 87  ? -13.586 5.761   10.494  1.00 8.84  ? 87  ASN A CB  1 
ATOM   659  C CG  . ASN A 1 87  ? -12.810 6.661   9.547   1.00 9.02  ? 87  ASN A CG  1 
ATOM   660  O OD1 . ASN A 1 87  ? -12.732 6.397   8.321   1.00 9.12  ? 87  ASN A OD1 1 
ATOM   661  N ND2 . ASN A 1 87  ? -12.158 7.649   10.097  1.00 8.47  ? 87  ASN A ND2 1 
ATOM   662  N N   . PHE A 1 88  ? -14.465 3.569   8.543   1.00 8.51  ? 88  PHE A N   1 
ATOM   663  C CA  . PHE A 1 88  ? -14.662 3.054   7.182   1.00 9.15  ? 88  PHE A CA  1 
ATOM   664  C C   . PHE A 1 88  ? -15.368 4.131   6.335   1.00 9.27  ? 88  PHE A C   1 
ATOM   665  O O   . PHE A 1 88  ? -16.214 3.831   5.512   1.00 9.71  ? 88  PHE A O   1 
ATOM   666  C CB  . PHE A 1 88  ? -15.475 1.787   7.247   1.00 9.19  ? 88  PHE A CB  1 
ATOM   667  C CG  . PHE A 1 88  ? -14.759 0.692   7.936   1.00 9.48  ? 88  PHE A CG  1 
ATOM   668  C CD1 . PHE A 1 88  ? -13.678 0.102   7.312   1.00 9.61  ? 88  PHE A CD1 1 
ATOM   669  C CD2 . PHE A 1 88  ? -15.110 0.297   9.224   1.00 10.03 ? 88  PHE A CD2 1 
ATOM   670  C CE1 . PHE A 1 88  ? -12.961 -0.924  7.936   1.00 9.96  ? 88  PHE A CE1 1 
ATOM   671  C CE2 . PHE A 1 88  ? -14.398 -0.726  9.866   1.00 10.27 ? 88  PHE A CE2 1 
ATOM   672  C CZ  . PHE A 1 88  ? -13.323 -1.347  9.210   1.00 9.61  ? 88  PHE A CZ  1 
ATOM   673  N N   . THR A 1 89  ? -15.011 5.372   6.569   1.00 9.82  ? 89  THR A N   1 
ATOM   674  C CA  . THR A 1 89  ? -15.645 6.501   5.875   1.00 10.60 ? 89  THR A CA  1 
ATOM   675  C C   . THR A 1 89  ? -15.403 6.474   4.370   1.00 10.34 ? 89  THR A C   1 
ATOM   676  O O   . THR A 1 89  ? -16.339 6.651   3.578   1.00 10.75 ? 89  THR A O   1 
ATOM   677  C CB  . THR A 1 89  ? -15.167 7.793   6.520   1.00 11.61 ? 89  THR A CB  1 
ATOM   678  O OG1 . THR A 1 89  ? -15.545 7.733   7.920   1.00 11.35 ? 89  THR A OG1 1 
ATOM   679  C CG2 . THR A 1 89  ? -15.756 9.046   5.772   1.00 12.75 ? 89  THR A CG2 1 
ATOM   680  N N   . LEU A 1 90  ? -14.159 6.261   3.969   1.00 8.68  ? 90  LEU A N   1 
ATOM   681  C CA  . LEU A 1 90  ? -13.787 6.218   2.534   1.00 9.28  ? 90  LEU A CA  1 
ATOM   682  C C   . LEU A 1 90  ? -14.066 4.846   1.963   1.00 9.28  ? 90  LEU A C   1 
ATOM   683  O O   . LEU A 1 90  ? -13.878 3.804   2.645   1.00 8.74  ? 90  LEU A O   1 
ATOM   684  C CB  . LEU A 1 90  ? -12.350 6.592   2.357   1.00 8.80  ? 90  LEU A CB  1 
ATOM   685  C CG  . LEU A 1 90  ? -12.042 7.998   2.824   1.00 9.79  ? 90  LEU A CG  1 
ATOM   686  C CD1 . LEU A 1 90  ? -10.561 8.212   2.800   1.00 9.66  ? 90  LEU A CD1 1 
ATOM   687  C CD2 . LEU A 1 90  ? -12.727 9.035   1.932   1.00 10.48 ? 90  LEU A CD2 1 
ATOM   688  N N   . LYS A 1 91  ? -14.529 4.832   0.715   1.00 9.72  ? 91  LYS A N   1 
ATOM   689  C CA  . LYS A 1 91  ? -14.927 3.578   0.069   1.00 9.61  ? 91  LYS A CA  1 
ATOM   690  C C   . LYS A 1 91  ? -14.022 3.203   -1.058  1.00 8.24  ? 91  LYS A C   1 
ATOM   691  O O   . LYS A 1 91  ? -13.225 3.990   -1.605  1.00 7.90  ? 91  LYS A O   1 
ATOM   692  C CB  . LYS A 1 91  ? -16.385 3.606   -0.391  1.00 11.83 ? 91  LYS A CB  1 
ATOM   693  C CG  . LYS A 1 91  ? -17.403 4.065   0.652   1.00 13.66 ? 91  LYS A CG  1 
ATOM   694  C CD  . LYS A 1 91  ? -17.387 3.230   1.894   1.00 15.82 ? 91  LYS A CD  1 
ATOM   695  C CE  . LYS A 1 91  ? -18.449 3.799   2.833   1.00 18.63 ? 91  LYS A CE  1 
ATOM   696  N NZ  . LYS A 1 91  ? -18.403 3.023   4.073   1.00 23.08 ? 91  LYS A NZ  1 
ATOM   697  N N   . HIS A 1 92  ? -14.113 1.938   -1.411  1.00 7.69  ? 92  HIS A N   1 
ATOM   698  C CA  . HIS A 1 92  ? -13.284 1.371   -2.455  1.00 7.39  ? 92  HIS A CA  1 
ATOM   699  C C   . HIS A 1 92  ? -14.013 1.658   -3.805  1.00 8.68  ? 92  HIS A C   1 
ATOM   700  O O   . HIS A 1 92  ? -14.797 0.883   -4.267  1.00 9.32  ? 92  HIS A O   1 
ATOM   701  C CB  . HIS A 1 92  ? -13.128 -0.115  -2.295  1.00 7.24  ? 92  HIS A CB  1 
ATOM   702  C CG  . HIS A 1 92  ? -12.393 -0.516  -1.065  1.00 6.68  ? 92  HIS A CG  1 
ATOM   703  N ND1 . HIS A 1 92  ? -13.007 -0.579  0.154   1.00 6.35  ? 92  HIS A ND1 1 
ATOM   704  C CD2 . HIS A 1 92  ? -11.095 -0.854  -0.875  1.00 6.85  ? 92  HIS A CD2 1 
ATOM   705  C CE1 . HIS A 1 92  ? -12.117 -0.992  1.042   1.00 6.74  ? 92  HIS A CE1 1 
ATOM   706  N NE2 . HIS A 1 92  ? -10.952 -1.138  0.445   1.00 6.89  ? 92  HIS A NE2 1 
ATOM   707  N N   . VAL A 1 93  ? -13.760 2.825   -4.341  1.00 9.32  ? 93  VAL A N   1 
ATOM   708  C CA  . VAL A 1 93  ? -14.613 3.365   -5.368  1.00 11.14 ? 93  VAL A CA  1 
ATOM   709  C C   . VAL A 1 93  ? -14.127 3.085   -6.778  1.00 11.02 ? 93  VAL A C   1 
ATOM   710  O O   . VAL A 1 93  ? -14.881 3.324   -7.748  1.00 11.59 ? 93  VAL A O   1 
ATOM   711  C CB  . VAL A 1 93  ? -14.840 4.894   -5.192  1.00 12.11 ? 93  VAL A CB  1 
ATOM   712  C CG1 . VAL A 1 93  ? -15.613 5.241   -3.924  1.00 13.32 ? 93  VAL A CG1 1 
ATOM   713  C CG2 . VAL A 1 93  ? -13.582 5.667   -5.277  1.00 12.74 ? 93  VAL A CG2 1 
ATOM   714  N N   . GLY A 1 94  ? -12.905 2.616   -6.923  1.00 9.95  ? 94  GLY A N   1 
ATOM   715  C CA  . GLY A 1 94  ? -12.340 2.371   -8.230  1.00 10.84 ? 94  GLY A CA  1 
ATOM   716  C C   . GLY A 1 94  ? -10.871 2.097   -8.214  1.00 10.45 ? 94  GLY A C   1 
ATOM   717  O O   . GLY A 1 94  ? -10.275 1.996   -7.130  1.00 8.84  ? 94  GLY A O   1 
ATOM   718  N N   . PRO A 1 95  ? -10.265 1.971   -9.404  1.00 10.19 ? 95  PRO A N   1 
ATOM   719  C CA  . PRO A 1 95  ? -8.855  1.789   -9.526  1.00 10.42 ? 95  PRO A CA  1 
ATOM   720  C C   . PRO A 1 95  ? -8.101  2.984   -8.938  1.00 10.01 ? 95  PRO A C   1 
ATOM   721  O O   . PRO A 1 95  ? -8.582  4.109   -9.019  1.00 9.26  ? 95  PRO A O   1 
ATOM   722  C CB  . PRO A 1 95  ? -8.596  1.706   -11.041 1.00 11.30 ? 95  PRO A CB  1 
ATOM   723  C CG  . PRO A 1 95  ? -9.881  1.782   -11.682 1.00 12.23 ? 95  PRO A CG  1 
ATOM   724  C CD  . PRO A 1 95  ? -10.977 1.877   -10.712 1.00 11.60 ? 95  PRO A CD  1 
ATOM   725  N N   . GLY A 1 96  ? -6.993  2.707   -8.272  1.00 8.29  ? 96  GLY A N   1 
ATOM   726  C CA  . GLY A 1 96  ? -6.181  3.744   -7.637  1.00 8.11  ? 96  GLY A CA  1 
ATOM   727  C C   . GLY A 1 96  ? -6.426  3.969   -6.155  1.00 7.57  ? 96  GLY A C   1 
ATOM   728  O O   . GLY A 1 96  ? -5.707  4.725   -5.533  1.00 7.84  ? 96  GLY A O   1 
ATOM   729  N N   . VAL A 1 97  ? -7.435  3.336   -5.585  1.00 6.76  ? 97  VAL A N   1 
ATOM   730  C CA  . VAL A 1 97  ? -7.689  3.446   -4.132  1.00 6.69  ? 97  VAL A CA  1 
ATOM   731  C C   . VAL A 1 97  ? -6.541  2.744   -3.397  1.00 5.93  ? 97  VAL A C   1 
ATOM   732  O O   . VAL A 1 97  ? -6.114  1.671   -3.799  1.00 5.75  ? 97  VAL A O   1 
ATOM   733  C CB  . VAL A 1 97  ? -9.054  2.816   -3.793  1.00 7.14  ? 97  VAL A CB  1 
ATOM   734  C CG1 . VAL A 1 97  ? -9.240  2.491   -2.306  1.00 7.43  ? 97  VAL A CG1 1 
ATOM   735  C CG2 . VAL A 1 97  ? -10.199 3.659   -4.312  1.00 7.50  ? 97  VAL A CG2 1 
ATOM   736  N N   . LEU A 1 98  ? -6.109  3.354   -2.296  1.00 5.50  ? 98  LEU A N   1 
ATOM   737  C CA  . LEU A 1 98  ? -5.097  2.857   -1.386  1.00 5.45  ? 98  LEU A CA  1 
ATOM   738  C C   . LEU A 1 98  ? -5.801  2.482   -0.064  1.00 4.90  ? 98  LEU A C   1 
ATOM   739  O O   . LEU A 1 98  ? -6.512  3.303   0.542   1.00 4.77  ? 98  LEU A O   1 
ATOM   740  C CB  . LEU A 1 98  ? -4.053  3.919   -1.172  1.00 5.75  ? 98  LEU A CB  1 
ATOM   741  C CG  . LEU A 1 98  ? -2.942  3.663   -0.175  1.00 6.00  ? 98  LEU A CG  1 
ATOM   742  C CD1 . LEU A 1 98  ? -1.925  2.682   -0.718  1.00 5.88  ? 98  LEU A CD1 1 
ATOM   743  C CD2 . LEU A 1 98  ? -2.231  4.945   0.152   1.00 6.43  ? 98  LEU A CD2 1 
ATOM   744  N N   . SER A 1 99  ? -5.639  1.223   0.315   1.00 4.46  ? 99  SER A N   1 
ATOM   745  C CA  . SER A 1 99  ? -6.363  0.626   1.423   1.00 4.47  ? 99  SER A CA  1 
ATOM   746  C C   . SER A 1 99  ? -5.471  -0.287  2.232   1.00 4.50  ? 99  SER A C   1 
ATOM   747  O O   . SER A 1 99  ? -4.450  -0.817  1.704   1.00 3.74  ? 99  SER A O   1 
ATOM   748  C CB  . SER A 1 99  ? -7.607  -0.090  0.833   1.00 4.72  ? 99  SER A CB  1 
ATOM   749  O OG  . SER A 1 99  ? -8.444  -0.590  1.865   1.00 5.29  ? 99  SER A OG  1 
ATOM   750  N N   . MET A 1 100 ? -5.828  -0.469  3.516   1.00 4.54  ? 100 MET A N   1 
ATOM   751  C CA  . MET A 1 100 ? -5.061  -1.273  4.435   1.00 5.03  ? 100 MET A CA  1 
ATOM   752  C C   . MET A 1 100 ? -5.420  -2.764  4.290   1.00 4.78  ? 100 MET A C   1 
ATOM   753  O O   . MET A 1 100 ? -6.595  -3.146  4.309   1.00 4.79  ? 100 MET A O   1 
ATOM   754  C CB  . MET A 1 100 ? -5.290  -0.833  5.860   1.00 5.54  ? 100 MET A CB  1 
ATOM   755  C CG  . MET A 1 100 ? -4.609  0.466   6.277   1.00 5.69  ? 100 MET A CG  1 
ATOM   756  S SD  . MET A 1 100 ? -2.844  0.569   5.928   1.00 7.25  ? 100 MET A SD  1 
ATOM   757  C CE  . MET A 1 100 ? -2.079  -0.377  7.278   1.00 7.10  ? 100 MET A CE  1 
ATOM   758  N N   . ALA A 1 101 ? -4.380  -3.602  4.136   1.00 4.87  ? 101 ALA A N   1 
ATOM   759  C CA  . ALA A 1 101 ? -4.530  -5.062  4.186   1.00 4.93  ? 101 ALA A CA  1 
ATOM   760  C C   . ALA A 1 101 ? -4.813  -5.417  5.653   1.00 5.03  ? 101 ALA A C   1 
ATOM   761  O O   . ALA A 1 101 ? -4.455  -4.648  6.579   1.00 4.94  ? 101 ALA A O   1 
ATOM   762  C CB  . ALA A 1 101 ? -3.239  -5.752  3.689   1.00 5.15  ? 101 ALA A CB  1 
ATOM   763  N N   . ASN A 1 102 ? -5.433  -6.563  5.913   1.00 4.90  ? 102 ASN A N   1 
ATOM   764  C CA  . ASN A 1 102 ? -5.642  -6.993  7.270   1.00 5.21  ? 102 ASN A CA  1 
ATOM   765  C C   . ASN A 1 102 ? -5.935  -8.476  7.319   1.00 6.09  ? 102 ASN A C   1 
ATOM   766  O O   . ASN A 1 102 ? -6.044  -9.159  6.270   1.00 6.43  ? 102 ASN A O   1 
ATOM   767  C CB  . ASN A 1 102 ? -6.718  -6.202  8.002   1.00 4.91  ? 102 ASN A CB  1 
ATOM   768  C CG  . ASN A 1 102 ? -8.109  -6.416  7.443   1.00 4.81  ? 102 ASN A CG  1 
ATOM   769  O OD1 . ASN A 1 102 ? -8.571  -7.568  7.271   1.00 4.95  ? 102 ASN A OD1 1 
ATOM   770  N ND2 . ASN A 1 102 ? -8.819  -5.330  7.236   1.00 4.62  ? 102 ASN A ND2 1 
ATOM   771  N N   . ALA A 1 103 ? -5.937  -8.947  8.542   1.00 6.55  ? 103 ALA A N   1 
ATOM   772  C CA  . ALA A 1 103 ? -6.335  -10.356 8.807   1.00 7.57  ? 103 ALA A CA  1 
ATOM   773  C C   . ALA A 1 103 ? -7.593  -10.431 9.641   1.00 8.68  ? 103 ALA A C   1 
ATOM   774  O O   . ALA A 1 103 ? -7.693  -11.252 10.584  1.00 9.43  ? 103 ALA A O   1 
ATOM   775  C CB  . ALA A 1 103 ? -5.193  -11.065 9.480   1.00 7.48  ? 103 ALA A CB  1 
ATOM   776  N N   . GLY A 1 104 ? -8.542  -9.565  9.350   1.00 7.84  ? 104 GLY A N   1 
ATOM   777  C CA  . GLY A 1 104 ? -9.725  -9.425  10.179  1.00 8.61  ? 104 GLY A CA  1 
ATOM   778  C C   . GLY A 1 104 ? -9.796  -8.084  10.838  1.00 7.53  ? 104 GLY A C   1 
ATOM   779  O O   . GLY A 1 104 ? -8.858  -7.240  10.685  1.00 7.44  ? 104 GLY A O   1 
ATOM   780  N N   . PRO A 1 105 ? -10.852 -7.869  11.629  1.00 8.30  ? 105 PRO A N   1 
ATOM   781  C CA  . PRO A 1 105 ? -11.012 -6.593  12.367  1.00 8.24  ? 105 PRO A CA  1 
ATOM   782  C C   . PRO A 1 105 ? -9.805  -6.221  13.239  1.00 7.57  ? 105 PRO A C   1 
ATOM   783  O O   . PRO A 1 105 ? -9.215  -7.068  13.912  1.00 6.53  ? 105 PRO A O   1 
ATOM   784  C CB  . PRO A 1 105 ? -12.262 -6.823  13.207  1.00 9.21  ? 105 PRO A CB  1 
ATOM   785  C CG  . PRO A 1 105 ? -13.078 -7.842  12.447  1.00 9.81  ? 105 PRO A CG  1 
ATOM   786  C CD  . PRO A 1 105 ? -12.039 -8.756  11.822  1.00 9.60  ? 105 PRO A CD  1 
ATOM   787  N N   . ASN A 1 106 ? -9.450  -4.946  13.210  1.00 6.94  ? 106 ASN A N   1 
ATOM   788  C CA  . ASN A 1 106 ? -8.424  -4.401  14.075  1.00 6.84  ? 106 ASN A CA  1 
ATOM   789  C C   . ASN A 1 106 ? -7.061  -5.084  13.985  1.00 6.50  ? 106 ASN A C   1 
ATOM   790  O O   . ASN A 1 106 ? -6.406  -5.363  15.011  1.00 6.54  ? 106 ASN A O   1 
ATOM   791  C CB  . ASN A 1 106 ? -8.985  -4.368  15.478  1.00 6.92  ? 106 ASN A CB  1 
ATOM   792  C CG  . ASN A 1 106 ? -10.260 -3.615  15.530  1.00 7.06  ? 106 ASN A CG  1 
ATOM   793  O OD1 . ASN A 1 106 ? -10.294 -2.410  15.232  1.00 6.04  ? 106 ASN A OD1 1 
ATOM   794  N ND2 . ASN A 1 106 ? -11.281 -4.251  15.992  1.00 7.23  ? 106 ASN A ND2 1 
ATOM   795  N N   . THR A 1 107 ? -6.638  -5.351  12.739  1.00 6.09  ? 107 THR A N   1 
ATOM   796  C CA  . THR A 1 107 ? -5.344  -5.953  12.498  1.00 6.40  ? 107 THR A CA  1 
ATOM   797  C C   . THR A 1 107 ? -4.486  -5.182  11.505  1.00 6.52  ? 107 THR A C   1 
ATOM   798  O O   . THR A 1 107 ? -3.661  -5.760  10.810  1.00 6.64  ? 107 THR A O   1 
ATOM   799  C CB  . THR A 1 107 ? -5.442  -7.434  12.076  1.00 6.77  ? 107 THR A CB  1 
ATOM   800  O OG1 . THR A 1 107 ? -6.259  -7.599  10.900  1.00 6.47  ? 107 THR A OG1 1 
ATOM   801  C CG2 . THR A 1 107 ? -6.068  -8.274  13.231  1.00 7.46  ? 107 THR A CG2 1 
ATOM   802  N N   . ASN A 1 108 ? -4.701  -3.885  11.391  1.00 6.17  ? 108 ASN A N   1 
ATOM   803  C CA  . ASN A 1 108 ? -3.812  -3.067  10.538  1.00 6.18  ? 108 ASN A CA  1 
ATOM   804  C C   . ASN A 1 108 ? -2.391  -3.038  11.037  1.00 5.44  ? 108 ASN A C   1 
ATOM   805  O O   . ASN A 1 108 ? -2.167  -2.909  12.233  1.00 4.83  ? 108 ASN A O   1 
ATOM   806  C CB  . ASN A 1 108 ? -4.320  -1.646  10.488  1.00 6.51  ? 108 ASN A CB  1 
ATOM   807  C CG  . ASN A 1 108 ? -5.764  -1.588  10.047  1.00 8.07  ? 108 ASN A CG  1 
ATOM   808  O OD1 . ASN A 1 108 ? -6.055  -1.881  8.907   1.00 8.05  ? 108 ASN A OD1 1 
ATOM   809  N ND2 . ASN A 1 108 ? -6.680  -1.372  10.999  1.00 8.93  ? 108 ASN A ND2 1 
ATOM   810  N N   . GLY A 1 109 ? -1.444  -3.211  10.131  1.00 4.89  ? 109 GLY A N   1 
ATOM   811  C CA  . GLY A 1 109 ? -0.057  -3.119  10.419  1.00 5.01  ? 109 GLY A CA  1 
ATOM   812  C C   . GLY A 1 109 ? 0.651   -2.143  9.469   1.00 5.03  ? 109 GLY A C   1 
ATOM   813  O O   . GLY A 1 109 ? 0.541   -0.905  9.604   1.00 5.75  ? 109 GLY A O   1 
ATOM   814  N N   . SER A 1 110 ? 1.375   -2.710  8.527   1.00 4.75  ? 110 SER A N   1 
ATOM   815  C CA  . SER A 1 110 ? 2.031   -1.996  7.441   1.00 4.36  ? 110 SER A CA  1 
ATOM   816  C C   . SER A 1 110 ? 1.548   -2.417  6.046   1.00 4.23  ? 110 SER A C   1 
ATOM   817  O O   . SER A 1 110 ? 1.794   -1.701  5.075   1.00 4.11  ? 110 SER A O   1 
ATOM   818  C CB  . SER A 1 110 ? 3.521   -2.138  7.564   1.00 4.47  ? 110 SER A CB  1 
ATOM   819  O OG  . SER A 1 110 ? 3.973   -3.490  7.554   1.00 4.51  ? 110 SER A OG  1 
ATOM   820  N N   . GLN A 1 111 ? 0.987   -3.621  5.916   1.00 4.06  ? 111 GLN A N   1 
ATOM   821  C CA  . GLN A 1 111 ? 0.588   -4.056  4.602   1.00 4.05  ? 111 GLN A CA  1 
ATOM   822  C C   . GLN A 1 111 ? -0.545  -3.238  4.083   1.00 3.87  ? 111 GLN A C   1 
ATOM   823  O O   . GLN A 1 111 ? -1.521  -2.876  4.830   1.00 3.61  ? 111 GLN A O   1 
ATOM   824  C CB  . GLN A 1 111 ? 0.184   -5.540  4.648   1.00 4.44  ? 111 GLN A CB  1 
ATOM   825  C CG  . GLN A 1 111 ? 1.356   -6.483  4.809   1.00 4.78  ? 111 GLN A CG  1 
ATOM   826  C CD  . GLN A 1 111 ? 0.855   -7.921  4.745   1.00 5.23  ? 111 GLN A CD  1 
ATOM   827  O OE1 . GLN A 1 111 ? 0.177   -8.300  3.769   1.00 6.28  ? 111 GLN A OE1 1 
ATOM   828  N NE2 . GLN A 1 111 ? 1.013   -8.657  5.832   1.00 5.53  ? 111 GLN A NE2 1 
ATOM   829  N N   . PHE A 1 112 ? -0.486  -3.017  2.783   1.00 3.75  ? 112 PHE A N   1 
ATOM   830  C CA  . PHE A 1 112 ? -1.461  -2.172  2.118   1.00 3.66  ? 112 PHE A CA  1 
ATOM   831  C C   . PHE A 1 112 ? -1.693  -2.688  0.693   1.00 3.75  ? 112 PHE A C   1 
ATOM   832  O O   . PHE A 1 112 ? -0.903  -3.486  0.192   1.00 3.56  ? 112 PHE A O   1 
ATOM   833  C CB  . PHE A 1 112 ? -0.965  -0.741  2.079   1.00 3.81  ? 112 PHE A CB  1 
ATOM   834  C CG  . PHE A 1 112 ? 0.243   -0.533  1.240   1.00 3.72  ? 112 PHE A CG  1 
ATOM   835  C CD1 . PHE A 1 112 ? 1.509   -0.721  1.741   1.00 3.82  ? 112 PHE A CD1 1 
ATOM   836  C CD2 . PHE A 1 112 ? 0.125   -0.109  -0.102  1.00 4.00  ? 112 PHE A CD2 1 
ATOM   837  C CE1 . PHE A 1 112 ? 2.668   -0.481  0.996   1.00 3.92  ? 112 PHE A CE1 1 
ATOM   838  C CE2 . PHE A 1 112 ? 1.288   0.104   -0.860  1.00 3.92  ? 112 PHE A CE2 1 
ATOM   839  C CZ  . PHE A 1 112 ? 2.535   -0.047  -0.314  1.00 4.10  ? 112 PHE A CZ  1 
ATOM   840  N N   . PHE A 1 113 ? -2.734  -2.209  0.047   1.00 3.59  ? 113 PHE A N   1 
ATOM   841  C CA  . PHE A 1 113 ? -2.931  -2.544  -1.356  1.00 4.11  ? 113 PHE A CA  1 
ATOM   842  C C   . PHE A 1 113 ? -3.392  -1.301  -2.144  1.00 4.23  ? 113 PHE A C   1 
ATOM   843  O O   . PHE A 1 113 ? -3.955  -0.390  -1.542  1.00 4.04  ? 113 PHE A O   1 
ATOM   844  C CB  . PHE A 1 113 ? -3.876  -3.742  -1.546  1.00 4.14  ? 113 PHE A CB  1 
ATOM   845  C CG  . PHE A 1 113 ? -5.231  -3.551  -1.013  1.00 4.71  ? 113 PHE A CG  1 
ATOM   846  C CD1 . PHE A 1 113 ? -5.514  -3.789  0.336   1.00 5.03  ? 113 PHE A CD1 1 
ATOM   847  C CD2 . PHE A 1 113 ? -6.268  -3.289  -1.844  1.00 4.96  ? 113 PHE A CD2 1 
ATOM   848  C CE1 . PHE A 1 113 ? -6.781  -3.679  0.815   1.00 5.23  ? 113 PHE A CE1 1 
ATOM   849  C CE2 . PHE A 1 113 ? -7.559  -3.174  -1.360  1.00 5.17  ? 113 PHE A CE2 1 
ATOM   850  C CZ  . PHE A 1 113 ? -7.799  -3.332  -0.042  1.00 5.42  ? 113 PHE A CZ  1 
ATOM   851  N N   . ILE A 1 114 ? -3.117  -1.355  -3.432  1.00 4.57  ? 114 ILE A N   1 
ATOM   852  C CA  . ILE A 1 114 ? -3.582  -0.375  -4.431  1.00 5.07  ? 114 ILE A CA  1 
ATOM   853  C C   . ILE A 1 114 ? -4.491  -1.131  -5.376  1.00 5.54  ? 114 ILE A C   1 
ATOM   854  O O   . ILE A 1 114 ? -4.077  -2.158  -6.030  1.00 5.20  ? 114 ILE A O   1 
ATOM   855  C CB  . ILE A 1 114 ? -2.457  0.339   -5.174  1.00 5.26  ? 114 ILE A CB  1 
ATOM   856  C CG1 . ILE A 1 114 ? -1.500  1.053   -4.227  1.00 5.71  ? 114 ILE A CG1 1 
ATOM   857  C CG2 . ILE A 1 114 ? -3.055  1.254   -6.253  1.00 5.22  ? 114 ILE A CG2 1 
ATOM   858  C CD1 . ILE A 1 114 ? -0.192  1.534   -4.844  1.00 6.36  ? 114 ILE A CD1 1 
ATOM   859  N N   . CYS A 1 115 ? -5.731  -0.675  -5.436  1.00 5.90  ? 115 CYS A N   1 
ATOM   860  C CA  . CYS A 1 115 ? -6.755  -1.327  -6.266  1.00 7.36  ? 115 CYS A CA  1 
ATOM   861  C C   . CYS A 1 115 ? -6.548  -1.042  -7.751  1.00 7.44  ? 115 CYS A C   1 
ATOM   862  O O   . CYS A 1 115 ? -6.084  0.025   -8.095  1.00 7.96  ? 115 CYS A O   1 
ATOM   863  C CB  . CYS A 1 115 ? -8.115  -0.906  -5.910  1.00 8.20  ? 115 CYS A CB  1 
ATOM   864  S SG  . CYS A 1 115 ? -8.535  -1.140  -4.171  1.00 11.66 ? 115 CYS A SG  1 
ATOM   865  N N   . THR A 1 116 ? -6.786  -2.046  -8.569  1.00 7.34  ? 116 THR A N   1 
ATOM   866  C CA  . THR A 1 116 ? -6.775  -1.909  -10.024 1.00 8.28  ? 116 THR A CA  1 
ATOM   867  C C   . THR A 1 116 ? -8.149  -2.023  -10.652 1.00 9.51  ? 116 THR A C   1 
ATOM   868  O O   . THR A 1 116 ? -8.297  -1.927  -11.910 1.00 9.11  ? 116 THR A O   1 
ATOM   869  C CB  . THR A 1 116 ? -5.757  -2.824  -10.677 1.00 8.04  ? 116 THR A CB  1 
ATOM   870  O OG1 . THR A 1 116 ? -6.085  -4.178  -10.461 1.00 9.52  ? 116 THR A OG1 1 
ATOM   871  C CG2 . THR A 1 116 ? -4.328  -2.567  -10.128 1.00 8.70  ? 116 THR A CG2 1 
ATOM   872  N N   . ILE A 1 117 ? -9.155  -2.251  -9.818  1.00 10.27 ? 117 ILE A N   1 
ATOM   873  C CA  . ILE A 1 117 ? -10.566 -2.216  -10.179 1.00 11.48 ? 117 ILE A CA  1 
ATOM   874  C C   . ILE A 1 117 ? -11.309 -1.644  -8.990  1.00 11.32 ? 117 ILE A C   1 
ATOM   875  O O   . ILE A 1 117 ? -10.759 -1.542  -7.880  1.00 10.53 ? 117 ILE A O   1 
ATOM   876  C CB  . ILE A 1 117 ? -11.130 -3.620  -10.455 1.00 13.72 ? 117 ILE A CB  1 
ATOM   877  C CG1 . ILE A 1 117 ? -11.096 -4.499  -9.175  1.00 14.38 ? 117 ILE A CG1 1 
ATOM   878  C CG2 . ILE A 1 117 ? -10.376 -4.271  -11.619 1.00 17.44 ? 117 ILE A CG2 1 
ATOM   879  C CD1 . ILE A 1 117 ? -11.838 -5.783  -9.242  1.00 17.04 ? 117 ILE A CD1 1 
ATOM   880  N N   . LYS A 1 118 ? -12.597 -1.397  -9.142  1.00 10.82 ? 118 LYS A N   1 
ATOM   881  C CA  . LYS A 1 118 ? -13.432 -1.103  -8.003  1.00 11.04 ? 118 LYS A CA  1 
ATOM   882  C C   . LYS A 1 118 ? -13.626 -2.322  -7.111  1.00 10.28 ? 118 LYS A C   1 
ATOM   883  O O   . LYS A 1 118 ? -14.189 -3.326  -7.553  1.00 11.07 ? 118 LYS A O   1 
ATOM   884  C CB  . LYS A 1 118 ? -14.810 -0.649  -8.500  1.00 13.10 ? 118 LYS A CB  1 
ATOM   885  C CG  . LYS A 1 118 ? -15.781 -0.288  -7.404  1.00 15.45 ? 118 LYS A CG  1 
ATOM   886  C CD  . LYS A 1 118 ? -16.969 0.437   -8.074  1.00 19.72 ? 118 LYS A CD  1 
ATOM   887  C CE  . LYS A 1 118 ? -18.125 0.417   -7.194  1.00 28.38 ? 118 LYS A CE  1 
ATOM   888  N NZ  . LYS A 1 118 ? -18.841 -0.867  -7.505  1.00 36.81 ? 118 LYS A NZ  1 
ATOM   889  N N   . THR A 1 119 ? -13.226 -2.230  -5.834  1.00 9.86  ? 119 THR A N   1 
ATOM   890  C CA  . THR A 1 119 ? -13.242 -3.391  -4.904  1.00 9.17  ? 119 THR A CA  1 
ATOM   891  C C   . THR A 1 119 ? -14.266 -3.133  -3.756  1.00 9.35  ? 119 THR A C   1 
ATOM   892  O O   . THR A 1 119 ? -13.994 -3.263  -2.523  1.00 8.11  ? 119 THR A O   1 
ATOM   893  C CB  . THR A 1 119 ? -11.826 -3.719  -4.319  1.00 8.93  ? 119 THR A CB  1 
ATOM   894  O OG1 . THR A 1 119 ? -11.353 -2.637  -3.522  1.00 7.87  ? 119 THR A OG1 1 
ATOM   895  C CG2 . THR A 1 119 ? -10.759 -4.066  -5.381  1.00 9.30  ? 119 THR A CG2 1 
ATOM   896  N N   . ASP A 1 120 ? -15.489 -2.831  -4.177  1.00 9.39  ? 120 ASP A N   1 
ATOM   897  C CA  . ASP A 1 120 ? -16.554 -2.402  -3.254  1.00 10.91 ? 120 ASP A CA  1 
ATOM   898  C C   . ASP A 1 120 ? -16.984 -3.435  -2.214  1.00 9.78  ? 120 ASP A C   1 
ATOM   899  O O   . ASP A 1 120 ? -17.516 -3.101  -1.161  1.00 9.10  ? 120 ASP A O   1 
ATOM   900  C CB  . ASP A 1 120 ? -17.778 -1.919  -4.026  1.00 13.45 ? 120 ASP A CB  1 
ATOM   901  C CG  . ASP A 1 120 ? -18.298 -2.942  -4.999  1.00 15.98 ? 120 ASP A CG  1 
ATOM   902  O OD1 . ASP A 1 120 ? -17.638 -3.288  -5.981  1.00 16.09 ? 120 ASP A OD1 1 
ATOM   903  O OD2 . ASP A 1 120 ? -19.379 -3.413  -4.770  1.00 23.06 ? 120 ASP A OD2 1 
ATOM   904  N N   . TRP A 1 121 ? -16.754 -4.701  -2.527  1.00 8.84  ? 121 TRP A N   1 
ATOM   905  C CA  . TRP A 1 121 ? -16.994 -5.771  -1.591  1.00 8.88  ? 121 TRP A CA  1 
ATOM   906  C C   . TRP A 1 121 ? -16.083 -5.716  -0.334  1.00 8.18  ? 121 TRP A C   1 
ATOM   907  O O   . TRP A 1 121 ? -16.370 -6.411  0.640   1.00 7.28  ? 121 TRP A O   1 
ATOM   908  C CB  . TRP A 1 121 ? -16.900 -7.140  -2.285  1.00 9.90  ? 121 TRP A CB  1 
ATOM   909  C CG  . TRP A 1 121 ? -15.548 -7.460  -2.779  1.00 9.07  ? 121 TRP A CG  1 
ATOM   910  C CD1 . TRP A 1 121 ? -14.529 -8.160  -2.144  1.00 8.96  ? 121 TRP A CD1 1 
ATOM   911  C CD2 . TRP A 1 121 ? -15.106 -7.198  -4.079  1.00 10.24 ? 121 TRP A CD2 1 
ATOM   912  N NE1 . TRP A 1 121 ? -13.452 -8.219  -2.947  1.00 9.70  ? 121 TRP A NE1 1 
ATOM   913  C CE2 . TRP A 1 121 ? -13.773 -7.642  -4.165  1.00 10.33 ? 121 TRP A CE2 1 
ATOM   914  C CE3 . TRP A 1 121 ? -15.706 -6.574  -5.190  1.00 11.22 ? 121 TRP A CE3 1 
ATOM   915  C CZ2 . TRP A 1 121 ? -13.015 -7.509  -5.334  1.00 10.44 ? 121 TRP A CZ2 1 
ATOM   916  C CZ3 . TRP A 1 121 ? -14.962 -6.427  -6.313  1.00 11.79 ? 121 TRP A CZ3 1 
ATOM   917  C CH2 . TRP A 1 121 ? -13.614 -6.892  -6.384  1.00 11.30 ? 121 TRP A CH2 1 
ATOM   918  N N   . LEU A 1 122 ? -15.057 -4.848  -0.336  1.00 6.52  ? 122 LEU A N   1 
ATOM   919  C CA  . LEU A 1 122 ? -14.190 -4.632  0.820   1.00 6.82  ? 122 LEU A CA  1 
ATOM   920  C C   . LEU A 1 122 ? -14.605 -3.442  1.697   1.00 6.70  ? 122 LEU A C   1 
ATOM   921  O O   . LEU A 1 122 ? -14.030 -3.194  2.740   1.00 5.94  ? 122 LEU A O   1 
ATOM   922  C CB  . LEU A 1 122 ? -12.751 -4.447  0.301   1.00 6.93  ? 122 LEU A CB  1 
ATOM   923  C CG  . LEU A 1 122 ? -12.175 -5.635  -0.523  1.00 7.07  ? 122 LEU A CG  1 
ATOM   924  C CD1 . LEU A 1 122 ? -10.774 -5.324  -0.925  1.00 7.19  ? 122 LEU A CD1 1 
ATOM   925  C CD2 . LEU A 1 122 ? -12.215 -6.911  0.297   1.00 7.06  ? 122 LEU A CD2 1 
ATOM   926  N N   . ASP A 1 123 ? -15.639 -2.720  1.266   1.00 7.34  ? 123 ASP A N   1 
ATOM   927  C CA  . ASP A 1 123 ? -16.177 -1.615  2.012   1.00 8.39  ? 123 ASP A CA  1 
ATOM   928  C C   . ASP A 1 123 ? -16.657 -2.042  3.392   1.00 9.23  ? 123 ASP A C   1 
ATOM   929  O O   . ASP A 1 123 ? -17.298 -3.075  3.545   1.00 9.19  ? 123 ASP A O   1 
ATOM   930  C CB  . ASP A 1 123 ? -17.312 -0.959  1.266   1.00 9.27  ? 123 ASP A CB  1 
ATOM   931  C CG  . ASP A 1 123 ? -16.861 -0.181  0.064   1.00 10.09 ? 123 ASP A CG  1 
ATOM   932  O OD1 . ASP A 1 123 ? -15.640 -0.005  -0.167  1.00 9.90  ? 123 ASP A OD1 1 
ATOM   933  O OD2 . ASP A 1 123 ? -17.748 0.290   -0.713  1.00 9.82  ? 123 ASP A OD2 1 
ATOM   934  N N   . GLY A 1 124 ? -16.227 -1.298  4.402   1.00 9.49  ? 124 GLY A N   1 
ATOM   935  C CA  . GLY A 1 124 ? -16.519 -1.614  5.786   1.00 9.71  ? 124 GLY A CA  1 
ATOM   936  C C   . GLY A 1 124 ? -15.652 -2.734  6.363   1.00 9.61  ? 124 GLY A C   1 
ATOM   937  O O   . GLY A 1 124 ? -15.812 -3.058  7.553   1.00 9.26  ? 124 GLY A O   1 
ATOM   938  N N   . LYS A 1 125 ? -14.722 -3.304  5.568   1.00 9.68  ? 125 LYS A N   1 
ATOM   939  C CA  . LYS A 1 125 ? -13.833 -4.344  6.002   1.00 9.64  ? 125 LYS A CA  1 
ATOM   940  C C   . LYS A 1 125 ? -12.371 -3.916  5.991   1.00 8.65  ? 125 LYS A C   1 
ATOM   941  O O   . LYS A 1 125 ? -11.605 -4.369  6.848   1.00 7.82  ? 125 LYS A O   1 
ATOM   942  C CB  . LYS A 1 125 ? -14.041 -5.560  5.156   1.00 11.97 ? 125 LYS A CB  1 
ATOM   943  C CG  . LYS A 1 125 ? -15.433 -6.177  5.404   1.00 15.57 ? 125 LYS A CG  1 
ATOM   944  C CD  . LYS A 1 125 ? -15.779 -7.118  4.313   1.00 18.40 ? 125 LYS A CD  1 
ATOM   945  C CE  . LYS A 1 125 ? -16.927 -8.037  4.730   1.00 22.00 ? 125 LYS A CE  1 
ATOM   946  N NZ  . LYS A 1 125 ? -18.107 -7.204  4.888   1.00 25.16 ? 125 LYS A NZ  1 
ATOM   947  N N   . HIS A 1 126 ? -11.969 -3.113  4.998   1.00 6.76  ? 126 HIS A N   1 
ATOM   948  C CA  . HIS A 1 126 ? -10.650 -2.605  4.923   1.00 6.28  ? 126 HIS A CA  1 
ATOM   949  C C   . HIS A 1 126 ? -10.694 -1.116  4.965   1.00 6.23  ? 126 HIS A C   1 
ATOM   950  O O   . HIS A 1 126 ? -11.603 -0.516  4.367   1.00 5.96  ? 126 HIS A O   1 
ATOM   951  C CB  . HIS A 1 126 ? -9.989  -3.057  3.632   1.00 6.53  ? 126 HIS A CB  1 
ATOM   952  C CG  . HIS A 1 126 ? -9.736  -4.513  3.598   1.00 6.95  ? 126 HIS A CG  1 
ATOM   953  N ND1 . HIS A 1 126 ? -8.500  -5.053  3.904   1.00 7.14  ? 126 HIS A ND1 1 
ATOM   954  C CD2 . HIS A 1 126 ? -10.559 -5.563  3.329   1.00 7.86  ? 126 HIS A CD2 1 
ATOM   955  C CE1 . HIS A 1 126 ? -8.573  -6.378  3.810   1.00 7.82  ? 126 HIS A CE1 1 
ATOM   956  N NE2 . HIS A 1 126 ? -9.822  -6.719  3.485   1.00 7.59  ? 126 HIS A NE2 1 
ATOM   957  N N   . VAL A 1 127 ? -9.743  -0.524  5.724   1.00 5.30  ? 127 VAL A N   1 
ATOM   958  C CA  . VAL A 1 127 ? -9.677  0.916   5.892   1.00 5.17  ? 127 VAL A CA  1 
ATOM   959  C C   . VAL A 1 127 ? -9.010  1.548   4.658   1.00 4.87  ? 127 VAL A C   1 
ATOM   960  O O   . VAL A 1 127 ? -7.808  1.387   4.427   1.00 4.63  ? 127 VAL A O   1 
ATOM   961  C CB  . VAL A 1 127 ? -8.961  1.303   7.188   1.00 5.14  ? 127 VAL A CB  1 
ATOM   962  C CG1 . VAL A 1 127 ? -8.759  2.812   7.315   1.00 5.50  ? 127 VAL A CG1 1 
ATOM   963  C CG2 . VAL A 1 127 ? -9.764  0.749   8.417   1.00 5.20  ? 127 VAL A CG2 1 
ATOM   964  N N   . VAL A 1 128 ? -9.823  2.299   3.912   1.00 4.94  ? 128 VAL A N   1 
ATOM   965  C CA  . VAL A 1 128 ? -9.299  3.107   2.789   1.00 4.70  ? 128 VAL A CA  1 
ATOM   966  C C   . VAL A 1 128 ? -8.683  4.364   3.332   1.00 4.70  ? 128 VAL A C   1 
ATOM   967  O O   . VAL A 1 128 ? -9.306  5.039   4.182   1.00 4.82  ? 128 VAL A O   1 
ATOM   968  C CB  . VAL A 1 128 ? -10.427 3.466   1.821   1.00 4.78  ? 128 VAL A CB  1 
ATOM   969  C CG1 . VAL A 1 128 ? -9.930  4.415   0.727   1.00 4.73  ? 128 VAL A CG1 1 
ATOM   970  C CG2 . VAL A 1 128 ? -10.975 2.207   1.234   1.00 4.87  ? 128 VAL A CG2 1 
ATOM   971  N N   . PHE A 1 129 ? -7.508  4.759   2.830   1.00 4.66  ? 129 PHE A N   1 
ATOM   972  C CA  . PHE A 1 129 ? -6.807  5.924   3.351   1.00 4.96  ? 129 PHE A CA  1 
ATOM   973  C C   . PHE A 1 129 ? -6.121  6.815   2.358   1.00 4.82  ? 129 PHE A C   1 
ATOM   974  O O   . PHE A 1 129 ? -5.383  7.728   2.742   1.00 5.30  ? 129 PHE A O   1 
ATOM   975  C CB  . PHE A 1 129 ? -5.809  5.543   4.505   1.00 5.17  ? 129 PHE A CB  1 
ATOM   976  C CG  . PHE A 1 129 ? -4.663  4.706   4.074   1.00 4.79  ? 129 PHE A CG  1 
ATOM   977  C CD1 . PHE A 1 129 ? -4.808  3.322   3.861   1.00 5.05  ? 129 PHE A CD1 1 
ATOM   978  C CD2 . PHE A 1 129 ? -3.433  5.288   3.838   1.00 4.81  ? 129 PHE A CD2 1 
ATOM   979  C CE1 . PHE A 1 129 ? -3.740  2.570   3.481   1.00 4.94  ? 129 PHE A CE1 1 
ATOM   980  C CE2 . PHE A 1 129 ? -2.362  4.527   3.417   1.00 4.94  ? 129 PHE A CE2 1 
ATOM   981  C CZ  . PHE A 1 129 ? -2.506  3.167   3.291   1.00 4.99  ? 129 PHE A CZ  1 
ATOM   982  N N   . GLY A 1 130 ? -6.348  6.623   1.068   1.00 4.77  ? 130 GLY A N   1 
ATOM   983  C CA  . GLY A 1 130 ? -5.668  7.457   0.089   1.00 4.85  ? 130 GLY A CA  1 
ATOM   984  C C   . GLY A 1 130 ? -5.990  6.995   -1.305  1.00 5.05  ? 130 GLY A C   1 
ATOM   985  O O   . GLY A 1 130 ? -6.829  6.127   -1.513  1.00 4.90  ? 130 GLY A O   1 
ATOM   986  N N   . HIS A 1 131 ? -5.271  7.576   -2.255  1.00 5.76  ? 131 HIS A N   1 
ATOM   987  C CA  . HIS A 1 131 ? -5.432  7.230   -3.659  1.00 5.89  ? 131 HIS A CA  1 
ATOM   988  C C   . HIS A 1 131 ? -4.241  7.687   -4.465  1.00 5.74  ? 131 HIS A C   1 
ATOM   989  O O   . HIS A 1 131 ? -3.401  8.510   -4.020  1.00 5.49  ? 131 HIS A O   1 
ATOM   990  C CB  . HIS A 1 131 ? -6.722  7.782   -4.244  1.00 7.28  ? 131 HIS A CB  1 
ATOM   991  C CG  . HIS A 1 131 ? -6.735  9.278   -4.408  1.00 8.87  ? 131 HIS A CG  1 
ATOM   992  N ND1 . HIS A 1 131 ? -7.071  10.146  -3.393  1.00 10.76 ? 131 HIS A ND1 1 
ATOM   993  C CD2 . HIS A 1 131 ? -6.449  10.058  -5.482  1.00 10.54 ? 131 HIS A CD2 1 
ATOM   994  C CE1 . HIS A 1 131 ? -6.963  11.399  -3.815  1.00 11.13 ? 131 HIS A CE1 1 
ATOM   995  N NE2 . HIS A 1 131 ? -6.580  11.361  -5.086  1.00 12.15 ? 131 HIS A NE2 1 
ATOM   996  N N   . VAL A 1 132 ? -4.146  7.120   -5.645  1.00 5.27  ? 132 VAL A N   1 
ATOM   997  C CA  . VAL A 1 132 ? -3.086  7.390   -6.548  1.00 5.78  ? 132 VAL A CA  1 
ATOM   998  C C   . VAL A 1 132 ? -3.309  8.756   -7.215  1.00 6.03  ? 132 VAL A C   1 
ATOM   999  O O   . VAL A 1 132 ? -4.308  8.966   -7.869  1.00 6.98  ? 132 VAL A O   1 
ATOM   1000 C CB  . VAL A 1 132 ? -3.004  6.296   -7.643  1.00 6.01  ? 132 VAL A CB  1 
ATOM   1001 C CG1 . VAL A 1 132 ? -1.981  6.720   -8.662  1.00 6.32  ? 132 VAL A CG1 1 
ATOM   1002 C CG2 . VAL A 1 132 ? -2.541  4.991   -7.053  1.00 5.92  ? 132 VAL A CG2 1 
ATOM   1003 N N   . ILE A 1 133 ? -2.345  9.631   -7.081  1.00 6.75  ? 133 ILE A N   1 
ATOM   1004 C CA  . ILE A 1 133 ? -2.316  10.932  -7.768  1.00 8.06  ? 133 ILE A CA  1 
ATOM   1005 C C   . ILE A 1 133 ? -1.683  10.882  -9.128  1.00 8.19  ? 133 ILE A C   1 
ATOM   1006 O O   . ILE A 1 133 ? -2.150  11.622  -10.011 1.00 8.18  ? 133 ILE A O   1 
ATOM   1007 C CB  . ILE A 1 133 ? -1.533  11.955  -6.916  1.00 8.74  ? 133 ILE A CB  1 
ATOM   1008 C CG1 . ILE A 1 133 ? -2.332  12.201  -5.633  1.00 9.35  ? 133 ILE A CG1 1 
ATOM   1009 C CG2 . ILE A 1 133 ? -1.265  13.283  -7.684  1.00 9.51  ? 133 ILE A CG2 1 
ATOM   1010 C CD1 . ILE A 1 133 ? -3.569  13.076  -5.721  1.00 9.60  ? 133 ILE A CD1 1 
ATOM   1011 N N   . GLU A 1 134 ? -0.595  10.158  -9.241  1.00 8.20  ? 134 GLU A N   1 
ATOM   1012 C CA  . GLU A 1 134 ? 0.184   10.052  -10.483 1.00 9.80  ? 134 GLU A CA  1 
ATOM   1013 C C   . GLU A 1 134 ? 0.810   8.676   -10.489 1.00 9.93  ? 134 GLU A C   1 
ATOM   1014 O O   . GLU A 1 134 ? 1.110   8.124   -9.433  1.00 7.85  ? 134 GLU A O   1 
ATOM   1015 C CB  . GLU A 1 134 ? 1.283   11.077  -10.469 1.00 11.55 ? 134 GLU A CB  1 
ATOM   1016 C CG  . GLU A 1 134 ? 2.182   11.091  -11.656 1.00 14.11 ? 134 GLU A CG  1 
ATOM   1017 C CD  . GLU A 1 134 ? 3.445   11.925  -11.429 1.00 18.16 ? 134 GLU A CD  1 
ATOM   1018 O OE1 . GLU A 1 134 ? 3.270   13.136  -11.032 1.00 16.36 ? 134 GLU A OE1 1 
ATOM   1019 O OE2 . GLU A 1 134 ? 4.612   11.364  -11.640 1.00 16.65 ? 134 GLU A OE2 1 
ATOM   1020 N N   . GLY A 1 135 ? 0.932   8.075   -11.680 1.00 9.01  ? 135 GLY A N   1 
ATOM   1021 C CA  . GLY A 1 135 ? 1.590   6.756   -11.739 1.00 9.75  ? 135 GLY A CA  1 
ATOM   1022 C C   . GLY A 1 135 ? 0.685   5.590   -11.711 1.00 9.99  ? 135 GLY A C   1 
ATOM   1023 O O   . GLY A 1 135 ? 1.154   4.472   -11.419 1.00 10.47 ? 135 GLY A O   1 
ATOM   1024 N N   . MET A 1 136 ? -0.574  5.788   -12.109 1.00 11.34 ? 136 MET A N   1 
ATOM   1025 C CA  . MET A 1 136 ? -1.447  4.639   -12.327 1.00 12.30 ? 136 MET A CA  1 
ATOM   1026 C C   . MET A 1 136 ? -0.871  3.755   -13.460 1.00 13.34 ? 136 MET A C   1 
ATOM   1027 O O   . MET A 1 136 ? -1.070  2.571   -13.466 1.00 12.44 ? 136 MET A O   1 
ATOM   1028 C CB  . MET A 1 136 ? -2.830  5.070   -12.628 1.00 14.27 ? 136 MET A CB  1 
ATOM   1029 C CG  . MET A 1 136 ? -3.842  3.978   -12.471 1.00 16.90 ? 136 MET A CG  1 
ATOM   1030 S SD  . MET A 1 136 ? -3.963  3.402   -10.734 1.00 16.98 ? 136 MET A SD  1 
ATOM   1031 C CE  . MET A 1 136 ? -4.604  1.770   -11.128 1.00 16.58 ? 136 MET A CE  1 
ATOM   1032 N N   . ASP A 1 137 ? -0.135  4.329   -14.405 1.00 12.74 ? 137 ASP A N   1 
ATOM   1033 C CA  . ASP A 1 137 ? 0.505   3.515   -15.474 1.00 13.28 ? 137 ASP A CA  1 
ATOM   1034 C C   . ASP A 1 137 ? 1.639   2.617   -14.839 1.00 11.69 ? 137 ASP A C   1 
ATOM   1035 O O   . ASP A 1 137 ? 1.861   1.440   -15.229 1.00 10.07 ? 137 ASP A O   1 
ATOM   1036 C CB  . ASP A 1 137 ? 1.041   4.446   -16.530 1.00 16.49 ? 137 ASP A CB  1 
ATOM   1037 C CG  . ASP A 1 137 ? 2.152   5.358   -16.011 1.00 19.85 ? 137 ASP A CG  1 
ATOM   1038 O OD1 . ASP A 1 137 ? 2.036   5.924   -14.928 1.00 21.92 ? 137 ASP A OD1 1 
ATOM   1039 O OD2 . ASP A 1 137 ? 3.186   5.486   -16.666 1.00 27.56 ? 137 ASP A OD2 1 
ATOM   1040 N N   . VAL A 1 138 ? 2.299   3.131   -13.794 1.00 9.39  ? 138 VAL A N   1 
ATOM   1041 C CA  . VAL A 1 138 ? 3.251   2.328   -13.036 1.00 9.30  ? 138 VAL A CA  1 
ATOM   1042 C C   . VAL A 1 138 ? 2.544   1.173   -12.275 1.00 8.62  ? 138 VAL A C   1 
ATOM   1043 O O   . VAL A 1 138 ? 3.031   0.032   -12.310 1.00 8.38  ? 138 VAL A O   1 
ATOM   1044 C CB  . VAL A 1 138 ? 4.117   3.185   -12.088 1.00 9.36  ? 138 VAL A CB  1 
ATOM   1045 C CG1 . VAL A 1 138 ? 5.082   2.349   -11.348 1.00 10.10 ? 138 VAL A CG1 1 
ATOM   1046 C CG2 . VAL A 1 138 ? 4.795   4.352   -12.827 1.00 9.72  ? 138 VAL A CG2 1 
ATOM   1047 N N   . VAL A 1 139 ? 1.412   1.469   -11.631 1.00 8.19  ? 139 VAL A N   1 
ATOM   1048 C CA  . VAL A 1 139 ? 0.594   0.448   -10.996 1.00 7.82  ? 139 VAL A CA  1 
ATOM   1049 C C   . VAL A 1 139 ? 0.177   -0.630  -12.010 1.00 9.06  ? 139 VAL A C   1 
ATOM   1050 O O   . VAL A 1 139 ? 0.264   -1.809  -11.728 1.00 8.60  ? 139 VAL A O   1 
ATOM   1051 C CB  . VAL A 1 139 ? -0.613  1.041   -10.310 1.00 8.43  ? 139 VAL A CB  1 
ATOM   1052 C CG1 . VAL A 1 139 ? -1.530  -0.082  -9.732  1.00 8.92  ? 139 VAL A CG1 1 
ATOM   1053 C CG2 . VAL A 1 139 ? -0.146  1.987   -9.211  1.00 8.53  ? 139 VAL A CG2 1 
ATOM   1054 N N   . LYS A 1 140 ? -0.188  -0.222  -13.231 1.00 9.79  ? 140 LYS A N   1 
ATOM   1055 C CA  . LYS A 1 140 ? -0.549  -1.194  -14.260 1.00 10.83 ? 140 LYS A CA  1 
ATOM   1056 C C   . LYS A 1 140 ? 0.643   -2.048  -14.710 1.00 10.84 ? 140 LYS A C   1 
ATOM   1057 O O   . LYS A 1 140 ? 0.446   -3.217  -15.056 1.00 10.94 ? 140 LYS A O   1 
ATOM   1058 C CB  . LYS A 1 140 ? -1.189  -0.478  -15.440 1.00 12.70 ? 140 LYS A CB  1 
ATOM   1059 C CG  . LYS A 1 140 ? -2.462  0.269   -15.164 1.00 14.99 ? 140 LYS A CG  1 
ATOM   1060 C CD  . LYS A 1 140 ? -3.634  -0.544  -14.754 1.00 17.23 ? 140 LYS A CD  1 
ATOM   1061 C CE  . LYS A 1 140 ? -4.098  -1.507  -15.868 1.00 18.18 ? 140 LYS A CE  1 
ATOM   1062 N NZ  . LYS A 1 140 ? -5.329  -2.104  -15.356 1.00 16.09 ? 140 LYS A NZ  1 
ATOM   1063 N N   . LYS A 1 141 ? 1.862   -1.514  -14.676 1.00 10.72 ? 141 LYS A N   1 
ATOM   1064 C CA  . LYS A 1 141 ? 3.048   -2.296  -14.953 1.00 11.40 ? 141 LYS A CA  1 
ATOM   1065 C C   . LYS A 1 141 ? 3.249   -3.348  -13.884 1.00 11.34 ? 141 LYS A C   1 
ATOM   1066 O O   . LYS A 1 141 ? 3.500   -4.535  -14.155 1.00 11.49 ? 141 LYS A O   1 
ATOM   1067 C CB  . LYS A 1 141 ? 4.295   -1.431  -15.048 1.00 13.31 ? 141 LYS A CB  1 
ATOM   1068 C CG  . LYS A 1 141 ? 4.364   -0.581  -16.315 1.00 17.37 ? 141 LYS A CG  1 
ATOM   1069 C CD  . LYS A 1 141 ? 5.677   0.215   -16.360 1.00 21.18 ? 141 LYS A CD  1 
ATOM   1070 C CE  . LYS A 1 141 ? 5.539   1.540   -17.064 1.00 27.37 ? 141 LYS A CE  1 
ATOM   1071 N NZ  . LYS A 1 141 ? 6.900   2.158   -16.972 1.00 32.35 ? 141 LYS A NZ  1 
ATOM   1072 N N   . ILE A 1 142 ? 3.123   -2.929  -12.629 1.00 9.72  ? 142 ILE A N   1 
ATOM   1073 C CA  . ILE A 1 142 ? 3.236   -3.897  -11.510 1.00 9.64  ? 142 ILE A CA  1 
ATOM   1074 C C   . ILE A 1 142 ? 2.200   -5.010  -11.719 1.00 10.11 ? 142 ILE A C   1 
ATOM   1075 O O   . ILE A 1 142 ? 2.515   -6.178  -11.679 1.00 10.15 ? 142 ILE A O   1 
ATOM   1076 C CB  . ILE A 1 142 ? 2.946   -3.210  -10.166 1.00 9.60  ? 142 ILE A CB  1 
ATOM   1077 C CG1 . ILE A 1 142 ? 4.071   -2.194  -9.847  1.00 9.66  ? 142 ILE A CG1 1 
ATOM   1078 C CG2 . ILE A 1 142 ? 2.832   -4.281  -9.038  1.00 9.82  ? 142 ILE A CG2 1 
ATOM   1079 C CD1 . ILE A 1 142 ? 3.728   -1.298  -8.666  1.00 10.53 ? 142 ILE A CD1 1 
ATOM   1080 N N   . GLU A 1 143 ? 0.955   -4.622  -11.957 1.00 10.62 ? 143 GLU A N   1 
ATOM   1081 C CA  . GLU A 1 143 ? -0.173  -5.558  -12.192 1.00 11.23 ? 143 GLU A CA  1 
ATOM   1082 C C   . GLU A 1 143 ? 0.174   -6.590  -13.256 1.00 12.51 ? 143 GLU A C   1 
ATOM   1083 O O   . GLU A 1 143 ? -0.163  -7.746  -13.082 1.00 11.68 ? 143 GLU A O   1 
ATOM   1084 C CB  . GLU A 1 143 ? -1.439  -4.809  -12.569 1.00 12.35 ? 143 GLU A CB  1 
ATOM   1085 C CG  . GLU A 1 143 ? -2.700  -5.651  -12.648 1.00 12.95 ? 143 GLU A CG  1 
ATOM   1086 C CD  . GLU A 1 143 ? -3.871  -4.902  -13.263 1.00 14.65 ? 143 GLU A CD  1 
ATOM   1087 O OE1 . GLU A 1 143 ? -3.654  -3.899  -14.002 1.00 15.60 ? 143 GLU A OE1 1 
ATOM   1088 O OE2 . GLU A 1 143 ? -5.034  -5.245  -12.945 1.00 15.21 ? 143 GLU A OE2 1 
ATOM   1089 N N   . SER A 1 144 ? 0.867   -6.155  -14.310 1.00 12.47 ? 144 SER A N   1 
ATOM   1090 C CA  . SER A 1 144 ? 1.294   -7.008  -15.445 1.00 12.90 ? 144 SER A CA  1 
ATOM   1091 C C   . SER A 1 144 ? 2.198   -8.178  -15.040 1.00 13.69 ? 144 SER A C   1 
ATOM   1092 O O   . SER A 1 144 ? 2.235   -9.196  -15.765 1.00 15.11 ? 144 SER A O   1 
ATOM   1093 C CB  . SER A 1 144 ? 1.923   -6.190  -16.590 1.00 12.17 ? 144 SER A CB  1 
ATOM   1094 O OG  . SER A 1 144 ? 3.276   -5.876  -16.302 1.00 11.70 ? 144 SER A OG  1 
ATOM   1095 N N   . PHE A 1 145 ? 2.927   -8.046  -13.935 1.00 13.05 ? 145 PHE A N   1 
ATOM   1096 C CA  . PHE A 1 145 ? 3.768   -9.101  -13.409 1.00 13.26 ? 145 PHE A CA  1 
ATOM   1097 C C   . PHE A 1 145 ? 3.079   -9.996  -12.379 1.00 12.74 ? 145 PHE A C   1 
ATOM   1098 O O   . PHE A 1 145 ? 3.714   -10.883 -11.851 1.00 12.72 ? 145 PHE A O   1 
ATOM   1099 C CB  . PHE A 1 145 ? 5.028   -8.527  -12.808 1.00 15.03 ? 145 PHE A CB  1 
ATOM   1100 C CG  . PHE A 1 145 ? 5.847   -7.738  -13.784 1.00 17.45 ? 145 PHE A CG  1 
ATOM   1101 C CD1 . PHE A 1 145 ? 6.353   -8.365  -14.913 1.00 20.99 ? 145 PHE A CD1 1 
ATOM   1102 C CD2 . PHE A 1 145 ? 6.053   -6.365  -13.617 1.00 18.68 ? 145 PHE A CD2 1 
ATOM   1103 C CE1 . PHE A 1 145 ? 7.032   -7.624  -15.886 1.00 24.08 ? 145 PHE A CE1 1 
ATOM   1104 C CE2 . PHE A 1 145 ? 6.758   -5.626  -14.551 1.00 19.97 ? 145 PHE A CE2 1 
ATOM   1105 C CZ  . PHE A 1 145 ? 7.257   -6.249  -15.681 1.00 22.36 ? 145 PHE A CZ  1 
ATOM   1106 N N   . GLY A 1 146 ? 1.826   -9.757  -12.051 1.00 11.41 ? 146 GLY A N   1 
ATOM   1107 C CA  . GLY A 1 146 ? 1.078   -10.678 -11.196 1.00 10.54 ? 146 GLY A CA  1 
ATOM   1108 C C   . GLY A 1 146 ? 0.454   -11.852 -11.894 1.00 10.27 ? 146 GLY A C   1 
ATOM   1109 O O   . GLY A 1 146 ? 0.709   -12.134 -13.108 1.00 8.99  ? 146 GLY A O   1 
ATOM   1110 N N   . SER A 1 147 ? -0.388  -12.557 -11.141 1.00 9.56  ? 147 SER A N   1 
ATOM   1111 C CA  . SER A 1 147 ? -1.102  -13.725 -11.642 1.00 9.38  ? 147 SER A CA  1 
ATOM   1112 C C   . SER A 1 147 ? -2.324  -13.885 -10.833 1.00 9.64  ? 147 SER A C   1 
ATOM   1113 O O   . SER A 1 147 ? -2.449  -13.319 -9.791  1.00 8.17  ? 147 SER A O   1 
ATOM   1114 C CB  . SER A 1 147 ? -0.239  -14.994 -11.551 1.00 10.48 ? 147 SER A CB  1 
ATOM   1115 O OG  . SER A 1 147 ? 0.121   -15.261 -10.203 1.00 9.94  ? 147 SER A OG  1 
ATOM   1116 N N   . LYS A 1 148 ? -3.216  -14.766 -11.271 1.00 9.66  ? 148 LYS A N   1 
ATOM   1117 C CA  . LYS A 1 148 ? -4.433  -14.978 -10.593 1.00 11.01 ? 148 LYS A CA  1 
ATOM   1118 C C   . LYS A 1 148 ? -4.214  -15.510 -9.170  1.00 10.12 ? 148 LYS A C   1 
ATOM   1119 O O   . LYS A 1 148 ? -4.994  -15.208 -8.280  1.00 9.50  ? 148 LYS A O   1 
ATOM   1120 C CB  . LYS A 1 148 ? -5.291  -15.934 -11.415 1.00 14.02 ? 148 LYS A CB  1 
ATOM   1121 C CG  . LYS A 1 148 ? -6.752  -15.782 -11.180 1.00 19.37 ? 148 LYS A CG  1 
ATOM   1122 C CD  . LYS A 1 148 ? -7.568  -16.338 -12.379 1.00 23.97 ? 148 LYS A CD  1 
ATOM   1123 C CE  . LYS A 1 148 ? -9.010  -16.508 -11.873 1.00 28.21 ? 148 LYS A CE  1 
ATOM   1124 N NZ  . LYS A 1 148 ? -10.012 -16.760 -12.985 1.00 31.68 ? 148 LYS A NZ  1 
ATOM   1125 N N   . SER A 1 149 ? -3.147  -16.251 -8.980  1.00 10.47 ? 149 SER A N   1 
ATOM   1126 C CA  . SER A 1 149 ? -2.788  -16.750 -7.655  1.00 11.93 ? 149 SER A CA  1 
ATOM   1127 C C   . SER A 1 149 ? -2.235  -15.639 -6.745  1.00 11.39 ? 149 SER A C   1 
ATOM   1128 O O   . SER A 1 149 ? -2.051  -15.861 -5.549  1.00 13.80 ? 149 SER A O   1 
ATOM   1129 C CB  . SER A 1 149 ? -1.672  -17.776 -7.738  1.00 11.82 ? 149 SER A CB  1 
ATOM   1130 O OG  . SER A 1 149 ? -0.400  -17.249 -8.089  1.00 11.20 ? 149 SER A OG  1 
ATOM   1131 N N   . GLY A 1 150 ? -1.755  -14.579 -7.364  1.00 10.79 ? 150 GLY A N   1 
ATOM   1132 C CA  . GLY A 1 150 ? -1.045  -13.510 -6.668  1.00 10.54 ? 150 GLY A CA  1 
ATOM   1133 C C   . GLY A 1 150 ? 0.418   -13.564 -6.782  1.00 10.95 ? 150 GLY A C   1 
ATOM   1134 O O   . GLY A 1 150 ? 1.099   -12.570 -6.494  1.00 8.54  ? 150 GLY A O   1 
ATOM   1135 N N   . ARG A 1 151 ? 0.970   -14.694 -7.229  1.00 11.42 ? 151 ARG A N   1 
ATOM   1136 C CA  . ARG A 1 151 ? 2.410   -14.740 -7.384  1.00 13.38 ? 151 ARG A CA  1 
ATOM   1137 C C   . ARG A 1 151 ? 2.925   -13.893 -8.487  1.00 13.05 ? 151 ARG A C   1 
ATOM   1138 O O   . ARG A 1 151 ? 2.293   -13.793 -9.556  1.00 11.41 ? 151 ARG A O   1 
ATOM   1139 C CB  . ARG A 1 151 ? 2.914   -16.177 -7.640  1.00 16.71 ? 151 ARG A CB  1 
ATOM   1140 C CG  . ARG A 1 151 ? 2.871   -16.974 -6.428  1.00 22.32 ? 151 ARG A CG  1 
ATOM   1141 C CD  . ARG A 1 151 ? 4.065   -17.911 -6.459  1.00 27.05 ? 151 ARG A CD  1 
ATOM   1142 N NE  . ARG A 1 151 ? 3.774   -18.845 -5.442  1.00 31.20 ? 151 ARG A NE  1 
ATOM   1143 C CZ  . ARG A 1 151 ? 4.195   -20.101 -5.428  1.00 30.23 ? 151 ARG A CZ  1 
ATOM   1144 N NH1 . ARG A 1 151 ? 4.989   -20.585 -6.431  1.00 27.78 ? 151 ARG A NH1 1 
ATOM   1145 N NH2 . ARG A 1 151 ? 3.773   -20.848 -4.411  1.00 31.97 ? 151 ARG A NH2 1 
ATOM   1146 N N   . THR A 1 152 ? 4.057   -13.219 -8.205  1.00 12.63 ? 152 THR A N   1 
ATOM   1147 C CA  . THR A 1 152 ? 4.634   -12.358 -9.183  1.00 13.16 ? 152 THR A CA  1 
ATOM   1148 C C   . THR A 1 152 ? 5.680   -13.126 -10.008 1.00 15.32 ? 152 THR A C   1 
ATOM   1149 O O   . THR A 1 152 ? 6.344   -14.009 -9.463  1.00 15.88 ? 152 THR A O   1 
ATOM   1150 C CB  . THR A 1 152 ? 5.309   -11.105 -8.524  1.00 13.06 ? 152 THR A CB  1 
ATOM   1151 O OG1 . THR A 1 152 ? 6.283   -11.511 -7.567  1.00 11.82 ? 152 THR A OG1 1 
ATOM   1152 C CG2 . THR A 1 152 ? 4.258   -10.240 -7.798  1.00 12.93 ? 152 THR A CG2 1 
ATOM   1153 N N   . SER A 1 153 ? 5.817   -12.755 -11.259 1.00 15.40 ? 153 SER A N   1 
ATOM   1154 C CA  . SER A 1 153 ? 6.759   -13.366 -12.185 1.00 18.92 ? 153 SER A CA  1 
ATOM   1155 C C   . SER A 1 153 ? 8.113   -12.676 -12.127 1.00 20.91 ? 153 SER A C   1 
ATOM   1156 O O   . SER A 1 153 ? 9.116   -13.233 -12.562 1.00 18.06 ? 153 SER A O   1 
ATOM   1157 C CB  . SER A 1 153 ? 6.175   -13.377 -13.589 1.00 19.20 ? 153 SER A CB  1 
ATOM   1158 O OG  . SER A 1 153 ? 5.886   -12.084 -14.019 1.00 20.14 ? 153 SER A OG  1 
ATOM   1159 N N   . LYS A 1 154 ? 8.189   -11.505 -11.513 1.00 18.28 ? 154 LYS A N   1 
ATOM   1160 C CA  . LYS A 1 154 ? 9.443   -10.840 -11.273 1.00 17.96 ? 154 LYS A CA  1 
ATOM   1161 C C   . LYS A 1 154 ? 9.456   -10.329 -9.842  1.00 16.50 ? 154 LYS A C   1 
ATOM   1162 O O   . LYS A 1 154 ? 8.404   -10.141 -9.278  1.00 15.10 ? 154 LYS A O   1 
ATOM   1163 C CB  . LYS A 1 154 ? 9.526   -9.622  -12.173 1.00 21.44 ? 154 LYS A CB  1 
ATOM   1164 C CG  . LYS A 1 154 ? 9.674   -10.024 -13.624 1.00 25.97 ? 154 LYS A CG  1 
ATOM   1165 C CD  . LYS A 1 154 ? 10.768  -9.204  -14.291 1.00 33.83 ? 154 LYS A CD  1 
ATOM   1166 C CE  . LYS A 1 154 ? 10.237  -8.023  -15.062 1.00 37.08 ? 154 LYS A CE  1 
ATOM   1167 N NZ  . LYS A 1 154 ? 10.055  -8.457  -16.477 1.00 42.80 ? 154 LYS A NZ  1 
ATOM   1168 N N   . LYS A 1 155 ? 10.628  -10.066 -9.296  1.00 13.72 ? 155 LYS A N   1 
ATOM   1169 C CA  . LYS A 1 155 ? 10.695  -9.453  -7.990  1.00 13.72 ? 155 LYS A CA  1 
ATOM   1170 C C   . LYS A 1 155 ? 10.373  -7.934  -8.064  1.00 12.20 ? 155 LYS A C   1 
ATOM   1171 O O   . LYS A 1 155 ? 11.166  -7.162  -8.638  1.00 11.47 ? 155 LYS A O   1 
ATOM   1172 C CB  . LYS A 1 155 ? 12.054  -9.698  -7.346  1.00 15.28 ? 155 LYS A CB  1 
ATOM   1173 C CG  . LYS A 1 155 ? 11.995  -9.496  -5.861  1.00 18.31 ? 155 LYS A CG  1 
ATOM   1174 C CD  . LYS A 1 155 ? 13.399  -9.493  -5.281  1.00 21.40 ? 155 LYS A CD  1 
ATOM   1175 C CE  . LYS A 1 155 ? 13.345  -9.220  -3.814  1.00 24.37 ? 155 LYS A CE  1 
ATOM   1176 N NZ  . LYS A 1 155 ? 14.689  -9.427  -3.222  1.00 26.34 ? 155 LYS A NZ  1 
ATOM   1177 N N   . ILE A 1 156 ? 9.251   -7.523  -7.436  1.00 10.53 ? 156 ILE A N   1 
ATOM   1178 C CA  . ILE A 1 156 ? 8.777   -6.156  -7.526  1.00 10.07 ? 156 ILE A CA  1 
ATOM   1179 C C   . ILE A 1 156 ? 9.122   -5.421  -6.214  1.00 10.21 ? 156 ILE A C   1 
ATOM   1180 O O   . ILE A 1 156 ? 8.584   -5.787  -5.190  1.00 8.78  ? 156 ILE A O   1 
ATOM   1181 C CB  . ILE A 1 156 ? 7.240   -6.064  -7.754  1.00 10.24 ? 156 ILE A CB  1 
ATOM   1182 C CG1 . ILE A 1 156 ? 6.750   -6.968  -8.908  1.00 11.09 ? 156 ILE A CG1 1 
ATOM   1183 C CG2 . ILE A 1 156 ? 6.860   -4.595  -7.911  1.00 9.82  ? 156 ILE A CG2 1 
ATOM   1184 C CD1 . ILE A 1 156 ? 7.469   -6.663  -10.184 1.00 12.36 ? 156 ILE A CD1 1 
ATOM   1185 N N   . VAL A 1 157 ? 10.056  -4.470  -6.270  1.00 9.44  ? 157 VAL A N   1 
ATOM   1186 C CA  . VAL A 1 157 ? 10.687  -3.893  -5.096  1.00 9.96  ? 157 VAL A CA  1 
ATOM   1187 C C   . VAL A 1 157 ? 10.426  -2.407  -5.025  1.00 9.24  ? 157 VAL A C   1 
ATOM   1188 O O   . VAL A 1 157 ? 10.571  -1.728  -6.011  1.00 8.44  ? 157 VAL A O   1 
ATOM   1189 C CB  . VAL A 1 157 ? 12.216  -4.119  -5.096  1.00 11.26 ? 157 VAL A CB  1 
ATOM   1190 C CG1 . VAL A 1 157 ? 12.865  -3.435  -3.914  1.00 11.80 ? 157 VAL A CG1 1 
ATOM   1191 C CG2 . VAL A 1 157 ? 12.516  -5.586  -5.000  1.00 12.10 ? 157 VAL A CG2 1 
ATOM   1192 N N   . ILE A 1 158 ? 10.035  -1.913  -3.866  1.00 8.28  ? 158 ILE A N   1 
ATOM   1193 C CA  . ILE A 1 158 ? 10.004  -0.507  -3.595  1.00 8.31  ? 158 ILE A CA  1 
ATOM   1194 C C   . ILE A 1 158 ? 11.416  -0.069  -3.330  1.00 9.21  ? 158 ILE A C   1 
ATOM   1195 O O   . ILE A 1 158 ? 11.957  -0.284  -2.217  1.00 9.50  ? 158 ILE A O   1 
ATOM   1196 C CB  . ILE A 1 158 ? 9.114   -0.175  -2.387  1.00 8.58  ? 158 ILE A CB  1 
ATOM   1197 C CG1 . ILE A 1 158 ? 7.662   -0.578  -2.675  1.00 8.82  ? 158 ILE A CG1 1 
ATOM   1198 C CG2 . ILE A 1 158 ? 9.187   1.305   -2.053  1.00 8.60  ? 158 ILE A CG2 1 
ATOM   1199 C CD1 . ILE A 1 158 ? 6.666   -0.499  -1.534  1.00 8.95  ? 158 ILE A CD1 1 
ATOM   1200 N N   . THR A 1 159 ? 12.049  0.520   -4.331  1.00 9.98  ? 159 THR A N   1 
ATOM   1201 C CA  . THR A 1 159 ? 13.461  0.850   -4.191  1.00 11.95 ? 159 THR A CA  1 
ATOM   1202 C C   . THR A 1 159 ? 13.728  2.114   -3.433  1.00 11.37 ? 159 THR A C   1 
ATOM   1203 O O   . THR A 1 159 ? 14.784  2.265   -2.863  1.00 10.65 ? 159 THR A O   1 
ATOM   1204 C CB  . THR A 1 159 ? 14.171  0.987   -5.544  1.00 13.35 ? 159 THR A CB  1 
ATOM   1205 O OG1 . THR A 1 159 ? 13.484  1.930   -6.298  1.00 14.94 ? 159 THR A OG1 1 
ATOM   1206 C CG2 . THR A 1 159 ? 14.107  -0.258  -6.230  1.00 15.67 ? 159 THR A CG2 1 
ATOM   1207 N N   . ASP A 1 160 ? 12.770  3.013   -3.452  1.00 12.03 ? 160 ASP A N   1 
ATOM   1208 C CA  . ASP A 1 160 ? 12.821  4.217   -2.682  1.00 12.07 ? 160 ASP A CA  1 
ATOM   1209 C C   . ASP A 1 160 ? 11.421  4.680   -2.387  1.00 10.46 ? 160 ASP A C   1 
ATOM   1210 O O   . ASP A 1 160 ? 10.475  4.315   -3.098  1.00 9.85  ? 160 ASP A O   1 
ATOM   1211 C CB  . ASP A 1 160 ? 13.572  5.301   -3.487  1.00 14.32 ? 160 ASP A CB  1 
ATOM   1212 C CG  . ASP A 1 160 ? 14.155  6.435   -2.557  1.00 17.76 ? 160 ASP A CG  1 
ATOM   1213 O OD1 . ASP A 1 160 ? 14.078  6.364   -1.282  1.00 17.54 ? 160 ASP A OD1 1 
ATOM   1214 O OD2 . ASP A 1 160 ? 14.686  7.391   -3.141  1.00 21.63 ? 160 ASP A OD2 1 
ATOM   1215 N N   . CYS A 1 161 ? 11.284  5.495   -1.333  1.00 9.31  ? 161 CYS A N   1 
ATOM   1216 C CA  . CYS A 1 161 ? 10.004  6.062   -0.956  1.00 8.86  ? 161 CYS A CA  1 
ATOM   1217 C C   . CYS A 1 161 ? 10.210  7.254   -0.043  1.00 8.61  ? 161 CYS A C   1 
ATOM   1218 O O   . CYS A 1 161 ? 11.303  7.453   0.454   1.00 8.53  ? 161 CYS A O   1 
ATOM   1219 C CB  . CYS A 1 161 ? 9.087   4.977   -0.325  1.00 8.54  ? 161 CYS A CB  1 
ATOM   1220 S SG  . CYS A 1 161 ? 9.926   3.992   0.937   1.00 9.68  ? 161 CYS A SG  1 
ATOM   1221 N N   . GLY A 1 162 ? 9.187   8.086   0.113   1.00 8.29  ? 162 GLY A N   1 
ATOM   1222 C CA  . GLY A 1 162 ? 9.334   9.295   0.907   1.00 9.03  ? 162 GLY A CA  1 
ATOM   1223 C C   . GLY A 1 162 ? 8.187   10.214  0.740   1.00 8.63  ? 162 GLY A C   1 
ATOM   1224 O O   . GLY A 1 162 ? 7.127   9.814   0.216   1.00 8.52  ? 162 GLY A O   1 
ATOM   1225 N N   . GLN A 1 163 ? 8.357   11.416  1.253   1.00 8.31  ? 163 GLN A N   1 
ATOM   1226 C CA  . GLN A 1 163 ? 7.246   12.379  1.220   1.00 8.69  ? 163 GLN A CA  1 
ATOM   1227 C C   . GLN A 1 163 ? 7.589   13.566  0.353   1.00 9.44  ? 163 GLN A C   1 
ATOM   1228 O O   . GLN A 1 163 ? 8.676   14.073  0.485   1.00 10.12 ? 163 GLN A O   1 
ATOM   1229 C CB  . GLN A 1 163 ? 6.977   12.842  2.631   1.00 9.21  ? 163 GLN A CB  1 
ATOM   1230 C CG  . GLN A 1 163 ? 5.770   13.731  2.802   1.00 9.50  ? 163 GLN A CG  1 
ATOM   1231 C CD  . GLN A 1 163 ? 5.424   14.065  4.244   1.00 10.17 ? 163 GLN A CD  1 
ATOM   1232 O OE1 . GLN A 1 163 ? 6.135   13.660  5.185   1.00 10.31 ? 163 GLN A OE1 1 
ATOM   1233 N NE2 . GLN A 1 163 ? 4.332   14.792  4.423   1.00 10.08 ? 163 GLN A NE2 1 
ATOM   1234 N N   . LEU A 1 164 ? 6.670   14.001  -0.477  1.00 9.89  ? 164 LEU A N   1 
ATOM   1235 C CA  . LEU A 1 164 ? 6.850   15.173  -1.373  1.00 10.52 ? 164 LEU A CA  1 
ATOM   1236 C C   . LEU A 1 164 ? 6.342   16.476  -0.763  1.00 11.97 ? 164 LEU A C   1 
ATOM   1237 O O   . LEU A 1 164 ? 6.886   17.548  -1.042  1.00 11.97 ? 164 LEU A O   1 
ATOM   1238 C CB  . LEU A 1 164 ? 6.062   14.952  -2.653  1.00 10.47 ? 164 LEU A CB  1 
ATOM   1239 C CG  . LEU A 1 164 ? 6.594   13.780  -3.490  1.00 10.11 ? 164 LEU A CG  1 
ATOM   1240 C CD1 . LEU A 1 164 ? 5.659   13.646  -4.660  1.00 11.00 ? 164 LEU A CD1 1 
ATOM   1241 C CD2 . LEU A 1 164 ? 7.998   13.953  -3.980  1.00 10.29 ? 164 LEU A CD2 1 
ATOM   1242 N N   . SER A 1 165 ? 5.289   16.407  0.052   1.00 11.55 ? 165 SER A N   1 
ATOM   1243 C CA  . SER A 1 165 ? 4.671   17.597  0.654   1.00 12.80 ? 165 SER A CA  1 
ATOM   1244 C C   . SER A 1 165 ? 3.666   17.154  1.765   1.00 14.41 ? 165 SER A C   1 
ATOM   1245 O O   . SER A 1 165 ? 3.135   18.010  2.564   1.00 13.71 ? 165 SER A O   1 
ATOM   1246 C CB  . SER A 1 165 ? 3.952   18.484  -0.381  1.00 12.31 ? 165 SER A CB  1 
ATOM   1247 O OG  . SER A 1 165 ? 2.881   17.832  -0.974  1.00 12.52 ? 165 SER A OG  1 
ATOM   1248 O OXT . SER A 1 165 ? 3.425   15.926  1.861   1.00 11.09 ? 165 SER A OXT 1 
HETATM 1249 K K   . K   B 2 .   ? -12.001 -13.324 -8.162  0.50 19.62 ? 201 K   A K   1 
HETATM 1250 K K   . K   C 2 .   ? 12.093  -15.836 -1.320  1.00 43.58 ? 202 K   A K   1 
HETATM 1251 C C   . FMT D 3 .   ? 12.629  5.678   2.967   1.00 30.55 ? 203 FMT A C   1 
HETATM 1252 O O1  . FMT D 3 .   ? 12.879  6.842   2.812   1.00 37.52 ? 203 FMT A O1  1 
HETATM 1253 O O2  . FMT D 3 .   ? 13.250  4.988   3.907   1.00 34.09 ? 203 FMT A O2  1 
HETATM 1254 O O1  . PG4 E 4 .   ? -14.899 7.439   -9.061  1.00 47.89 ? 204 PG4 A O1  1 
HETATM 1255 C C1  . PG4 E 4 .   ? -14.192 6.568   -9.943  1.00 52.04 ? 204 PG4 A C1  1 
HETATM 1256 C C2  . PG4 E 4 .   ? -12.759 7.078   -10.169 1.00 52.42 ? 204 PG4 A C2  1 
HETATM 1257 O O2  . PG4 E 4 .   ? -11.920 6.446   -9.185  1.00 54.43 ? 204 PG4 A O2  1 
HETATM 1258 C C3  . PG4 E 4 .   ? -10.524 6.779   -9.211  1.00 46.32 ? 204 PG4 A C3  1 
HETATM 1259 C C4  . PG4 E 4 .   ? -9.923  6.640   -7.795  1.00 38.50 ? 204 PG4 A C4  1 
HETATM 1260 O O3  . PG4 E 4 .   ? -10.688 7.429   -6.919  1.00 33.42 ? 204 PG4 A O3  1 
HETATM 1261 C C5  . PG4 E 4 .   ? -10.253 7.532   -5.570  1.00 30.86 ? 204 PG4 A C5  1 
HETATM 1262 C C6  . PG4 E 4 .   ? -10.955 8.763   -5.046  1.00 31.30 ? 204 PG4 A C6  1 
HETATM 1263 O O4  . PG4 E 4 .   ? -10.374 9.816   -5.807  1.00 35.50 ? 204 PG4 A O4  1 
HETATM 1264 C C7  . PG4 E 4 .   ? -10.565 11.111  -5.234  1.00 32.03 ? 204 PG4 A C7  1 
HETATM 1265 C C8  . PG4 E 4 .   ? -9.724  12.044  -6.073  1.00 30.57 ? 204 PG4 A C8  1 
HETATM 1266 O O5  . PG4 E 4 .   ? -10.354 12.450  -7.284  1.00 28.81 ? 204 PG4 A O5  1 
HETATM 1267 C C1  . PGE F 5 .   ? -11.669 -12.036 -4.471  1.00 43.69 ? 205 PGE A C1  1 
HETATM 1268 O O1  . PGE F 5 .   ? -11.130 -13.159 -5.169  1.00 44.88 ? 205 PGE A O1  1 
HETATM 1269 C C2  . PGE F 5 .   ? -12.307 -10.996 -5.387  1.00 43.44 ? 205 PGE A C2  1 
HETATM 1270 O O2  . PGE F 5 .   ? -11.789 -11.019 -6.737  1.00 40.64 ? 205 PGE A O2  1 
HETATM 1271 C C3  . PGE F 5 .   ? -11.877 -9.774  -7.498  1.00 40.68 ? 205 PGE A C3  1 
HETATM 1272 C C4  . PGE F 5 .   ? -11.549 -9.848  -8.995  1.00 38.15 ? 205 PGE A C4  1 
HETATM 1273 O O4  . PGE F 5 .   ? -9.320  -13.247 -9.630  1.00 43.15 ? 205 PGE A O4  1 
HETATM 1274 C C6  . PGE F 5 .   ? -9.309  -12.329 -10.746 1.00 42.47 ? 205 PGE A C6  1 
HETATM 1275 C C5  . PGE F 5 .   ? -10.178 -11.090 -10.557 1.00 43.24 ? 205 PGE A C5  1 
HETATM 1276 O O3  . PGE F 5 .   ? -10.720 -11.006 -9.228  1.00 39.81 ? 205 PGE A O3  1 
HETATM 1277 C C1  . PGE G 5 .   ? 14.765  -17.854 0.258   1.00 36.13 ? 206 PGE A C1  1 
HETATM 1278 O O1  . PGE G 5 .   ? 14.213  -18.189 -1.000  1.00 36.56 ? 206 PGE A O1  1 
HETATM 1279 C C2  . PGE G 5 .   ? 13.622  -17.673 1.231   1.00 38.50 ? 206 PGE A C2  1 
HETATM 1280 O O2  . PGE G 5 .   ? 13.043  -16.356 1.182   1.00 42.66 ? 206 PGE A O2  1 
HETATM 1281 C C3  . PGE G 5 .   ? 12.824  -15.676 2.435   1.00 41.68 ? 206 PGE A C3  1 
HETATM 1282 C C4  . PGE G 5 .   ? 11.508  -14.875 2.467   1.00 43.27 ? 206 PGE A C4  1 
HETATM 1283 O O4  . PGE G 5 .   ? 9.242   -15.011 -1.332  1.00 39.71 ? 206 PGE A O4  1 
HETATM 1284 C C6  . PGE G 5 .   ? 8.721   -14.472 -0.105  1.00 38.07 ? 206 PGE A C6  1 
HETATM 1285 C C5  . PGE G 5 .   ? 9.421   -14.880 1.214   1.00 37.92 ? 206 PGE A C5  1 
HETATM 1286 O O3  . PGE G 5 .   ? 10.862  -14.766 1.180   1.00 43.71 ? 206 PGE A O3  1 
HETATM 1287 N N1  . 4ZT H 6 .   ? -2.632  -10.829 4.597   1.00 10.59 ? 207 4ZT A N1  1 
HETATM 1288 C C1  . 4ZT H 6 .   ? -2.884  -10.935 5.973   1.00 9.00  ? 207 4ZT A C1  1 
HETATM 1289 C C2  . 4ZT H 6 .   ? -3.533  -10.633 3.660   1.00 11.24 ? 207 4ZT A C2  1 
HETATM 1290 C C3  . 4ZT H 6 .   ? -2.344  -9.759  6.791   1.00 8.08  ? 207 4ZT A C3  1 
HETATM 1291 C C4  . 4ZT H 6 .   ? -1.615  -10.040 7.954   1.00 8.27  ? 207 4ZT A C4  1 
HETATM 1292 C C5  . 4ZT H 6 .   ? -1.181  -9.045  8.854   1.00 8.45  ? 207 4ZT A C5  1 
HETATM 1293 C C6  . 4ZT H 6 .   ? -1.469  -7.686  8.517   1.00 7.85  ? 207 4ZT A C6  1 
HETATM 1294 C C7  . 4ZT H 6 .   ? -2.142  -7.431  7.339   1.00 7.57  ? 207 4ZT A C7  1 
HETATM 1295 C C8  . 4ZT H 6 .   ? -2.612  -8.437  6.499   1.00 7.81  ? 207 4ZT A C8  1 
HETATM 1296 N N9  . 4ZT H 6 .   ? -0.996  -6.685  9.450   1.00 8.46  ? 207 4ZT A N9  1 
HETATM 1297 N N10 . 4ZT H 6 .   ? -4.826  -10.471 3.885   1.00 11.44 ? 207 4ZT A N10 1 
HETATM 1298 O O13 . 4ZT H 6 .   ? -3.096  -10.688 2.534   1.00 12.08 ? 207 4ZT A O13 1 
HETATM 1299 C C14 . 4ZT H 6 .   ? -5.798  -10.278 2.846   1.00 12.73 ? 207 4ZT A C14 1 
HETATM 1300 C C15 . 4ZT H 6 .   ? -5.847  -8.826  2.406   1.00 11.95 ? 207 4ZT A C15 1 
HETATM 1301 O O16 . 4ZT H 6 .   ? -6.146  -8.541  1.082   1.00 11.05 ? 207 4ZT A O16 1 
HETATM 1302 O O17 . 4ZT H 6 .   ? -5.686  -7.884  3.130   1.00 10.02 ? 207 4ZT A O17 1 
HETATM 1303 C C18 . 4ZT H 6 .   ? -6.331  -7.189  0.649   1.00 11.95 ? 207 4ZT A C18 1 
HETATM 1304 C C19 . 4ZT H 6 .   ? -6.902  -7.220  -0.749  1.00 12.13 ? 207 4ZT A C19 1 
HETATM 1305 C C20 . 4ZT H 6 .   ? -7.240  -10.555 3.287   1.00 17.45 ? 207 4ZT A C20 1 
HETATM 1306 C C21 . 4ZT H 6 .   ? -7.580  -11.977 3.800   1.00 22.45 ? 207 4ZT A C21 1 
HETATM 1307 S S22 . 4ZT H 6 .   ? -9.297  -11.966 4.480   1.00 29.08 ? 207 4ZT A S22 1 
HETATM 1308 C C23 . 4ZT H 6 .   ? -8.997  -11.384 6.164   1.00 31.86 ? 207 4ZT A C23 1 
HETATM 1309 C C1  . PEG I 7 .   ? 11.484  -11.342 -1.134  1.00 43.01 ? 208 PEG A C1  1 
HETATM 1310 O O1  . PEG I 7 .   ? 11.710  -12.324 -2.133  1.00 46.14 ? 208 PEG A O1  1 
HETATM 1311 C C2  . PEG I 7 .   ? 12.474  -11.503 0.017   1.00 44.62 ? 208 PEG A C2  1 
HETATM 1312 O O2  . PEG I 7 .   ? 13.515  -10.524 -0.074  1.00 48.65 ? 208 PEG A O2  1 
HETATM 1313 C C3  . PEG I 7 .   ? 13.191  -9.199  0.331   1.00 43.97 ? 208 PEG A C3  1 
HETATM 1314 C C4  . PEG I 7 .   ? 14.438  -8.337  0.253   1.00 44.69 ? 208 PEG A C4  1 
HETATM 1315 O O4  . PEG I 7 .   ? 14.449  -7.649  -1.002  1.00 45.63 ? 208 PEG A O4  1 
HETATM 1316 O O   . HOH J 8 .   ? 13.505  -5.912  -8.067  1.00 24.07 ? 301 HOH A O   1 
HETATM 1317 O O   . HOH J 8 .   ? 1.931   -11.485 -16.658 1.00 32.98 ? 302 HOH A O   1 
HETATM 1318 O O   . HOH J 8 .   ? 10.946  -12.455 9.479   1.00 23.18 ? 303 HOH A O   1 
HETATM 1319 O O   . HOH J 8 .   ? -15.525 -4.270  -9.455  1.00 12.88 ? 304 HOH A O   1 
HETATM 1320 O O   . HOH J 8 .   ? -8.890  9.035   14.216  1.00 19.98 ? 305 HOH A O   1 
HETATM 1321 O O   . HOH J 8 .   ? -17.716 -2.178  9.029   1.00 21.91 ? 306 HOH A O   1 
HETATM 1322 O O   . HOH J 8 .   ? 4.386   -23.234 -3.700  1.00 8.49  ? 307 HOH A O   1 
HETATM 1323 O O   . HOH J 8 .   ? 9.522   -14.777 5.382   1.00 15.12 ? 308 HOH A O   1 
HETATM 1324 O O   . HOH J 8 .   ? 14.093  8.796   4.192   1.00 21.79 ? 309 HOH A O   1 
HETATM 1325 O O   . HOH J 8 .   ? 0.601   -8.974  16.833  1.00 21.24 ? 310 HOH A O   1 
HETATM 1326 O O   . HOH J 8 .   ? -7.601  14.850  10.529  1.00 16.11 ? 311 HOH A O   1 
HETATM 1327 O O   . HOH J 8 .   ? -18.379 -5.051  2.261   1.00 21.19 ? 312 HOH A O   1 
HETATM 1328 O O   . HOH J 8 .   ? 1.521   17.230  4.444   1.00 25.80 ? 313 HOH A O   1 
HETATM 1329 O O   . HOH J 8 .   ? 16.279  0.345   -1.947  1.00 23.13 ? 314 HOH A O   1 
HETATM 1330 O O   . HOH J 8 .   ? -13.417 -2.970  12.910  1.00 16.08 ? 315 HOH A O   1 
HETATM 1331 O O   . HOH J 8 .   ? -10.980 -8.244  6.534   1.00 20.11 ? 316 HOH A O   1 
HETATM 1332 O O   . HOH J 8 .   ? -17.442 3.813   -7.636  1.00 27.51 ? 317 HOH A O   1 
HETATM 1333 O O   . HOH J 8 .   ? 4.649   8.610   -12.150 1.00 13.28 ? 318 HOH A O   1 
HETATM 1334 O O   . HOH J 8 .   ? -17.478 1.454   -3.042  1.00 17.44 ? 319 HOH A O   1 
HETATM 1335 O O   . HOH J 8 .   ? -12.861 11.335  9.723   1.00 19.69 ? 320 HOH A O   1 
HETATM 1336 O O   . HOH J 8 .   ? 1.229   0.867   -17.715 1.00 19.03 ? 321 HOH A O   1 
HETATM 1337 O O   . HOH J 8 .   ? 6.575   12.440  -10.260 1.00 22.74 ? 322 HOH A O   1 
HETATM 1338 O O   . HOH J 8 .   ? -18.910 6.942   4.054   1.00 28.71 ? 323 HOH A O   1 
HETATM 1339 O O   . HOH J 8 .   ? 6.452   -3.590  0.486   1.00 14.54 ? 324 HOH A O   1 
HETATM 1340 O O   . HOH J 8 .   ? -8.128  -4.548  10.439  1.00 7.37  ? 325 HOH A O   1 
HETATM 1341 O O   . HOH J 8 .   ? -12.588 6.373   14.951  1.00 13.48 ? 326 HOH A O   1 
HETATM 1342 O O   . HOH J 8 .   ? -0.852  -11.484 1.375   1.00 11.37 ? 327 HOH A O   1 
HETATM 1343 O O   . HOH J 8 .   ? -0.772  9.239   14.708  1.00 18.50 ? 328 HOH A O   1 
HETATM 1344 O O   . HOH J 8 .   ? 13.700  8.603   0.398   1.00 9.95  ? 329 HOH A O   1 
HETATM 1345 O O   . HOH J 8 .   ? 8.287   -7.434  1.102   1.00 10.68 ? 330 HOH A O   1 
HETATM 1346 O O   . HOH J 8 .   ? -6.791  -0.351  -13.439 1.00 23.97 ? 331 HOH A O   1 
HETATM 1347 O O   . HOH J 8 .   ? 11.047  3.514   4.199   1.00 9.69  ? 332 HOH A O   1 
HETATM 1348 O O   . HOH J 8 .   ? 7.170   7.386   -12.993 1.00 16.36 ? 333 HOH A O   1 
HETATM 1349 O O   . HOH J 8 .   ? 7.997   -10.910 -1.698  1.00 17.82 ? 334 HOH A O   1 
HETATM 1350 O O   . HOH J 8 .   ? -7.234  -3.970  -13.783 1.00 16.35 ? 335 HOH A O   1 
HETATM 1351 O O   . HOH J 8 .   ? -9.613  -9.683  14.341  1.00 12.07 ? 336 HOH A O   1 
HETATM 1352 O O   . HOH J 8 .   ? -8.802  9.513   -1.447  1.00 21.76 ? 337 HOH A O   1 
HETATM 1353 O O   . HOH J 8 .   ? -5.059  17.080  6.202   1.00 20.13 ? 338 HOH A O   1 
HETATM 1354 O O   . HOH J 8 .   ? -15.073 9.965   9.331   1.00 20.77 ? 339 HOH A O   1 
HETATM 1355 O O   . HOH J 8 .   ? 1.168   -5.575  8.311   1.00 7.08  ? 340 HOH A O   1 
HETATM 1356 O O   . HOH J 8 .   ? -12.094 6.429   -1.684  1.00 11.05 ? 341 HOH A O   1 
HETATM 1357 O O   . HOH J 8 .   ? 1.124   14.754  -11.190 1.00 12.96 ? 342 HOH A O   1 
HETATM 1358 O O   . HOH J 8 .   ? -2.009  -3.848  7.367   1.00 5.50  ? 343 HOH A O   1 
HETATM 1359 O O   . HOH J 8 .   ? -1.744  -4.283  -16.205 1.00 14.86 ? 344 HOH A O   1 
HETATM 1360 O O   . HOH J 8 .   ? -19.014 0.398   4.175   1.00 32.30 ? 345 HOH A O   1 
HETATM 1361 O O   . HOH J 8 .   ? 9.390   4.977   9.788   1.00 11.70 ? 346 HOH A O   1 
HETATM 1362 O O   . HOH J 8 .   ? 6.029   -1.346  15.824  1.00 14.10 ? 347 HOH A O   1 
HETATM 1363 O O   . HOH J 8 .   ? -2.278  12.278  10.010  1.00 15.87 ? 348 HOH A O   1 
HETATM 1364 O O   . HOH J 8 .   ? -11.741 -10.117 -2.027  1.00 11.16 ? 349 HOH A O   1 
HETATM 1365 O O   . HOH J 8 .   ? -12.409 3.024   4.798   1.00 5.47  ? 350 HOH A O   1 
HETATM 1366 O O   . HOH J 8 .   ? 8.796   10.704  13.629  1.00 25.39 ? 351 HOH A O   1 
HETATM 1367 O O   . HOH J 8 .   ? -12.442 8.452   12.689  1.00 16.96 ? 352 HOH A O   1 
HETATM 1368 O O   . HOH J 8 .   ? -13.609 -1.076  -11.656 1.00 16.40 ? 353 HOH A O   1 
HETATM 1369 O O   . HOH J 8 .   ? -1.171  -13.903 4.475   1.00 21.12 ? 354 HOH A O   1 
HETATM 1370 O O   . HOH J 8 .   ? 3.057   15.800  6.623   1.00 19.17 ? 355 HOH A O   1 
HETATM 1371 O O   . HOH J 8 .   ? 2.358   3.389   20.271  1.00 14.98 ? 356 HOH A O   1 
HETATM 1372 O O   . HOH J 8 .   ? -8.163  -2.467  7.256   1.00 7.18  ? 357 HOH A O   1 
HETATM 1373 O O   . HOH J 8 .   ? 5.370   -23.299 -6.355  1.00 13.85 ? 358 HOH A O   1 
HETATM 1374 O O   . HOH J 8 .   ? 5.428   -7.082  1.020   1.00 5.89  ? 359 HOH A O   1 
HETATM 1375 O O   . HOH J 8 .   ? 0.130   12.406  8.530   1.00 15.69 ? 360 HOH A O   1 
HETATM 1376 O O   . HOH J 8 .   ? 7.488   -9.345  -6.033  1.00 7.42  ? 361 HOH A O   1 
HETATM 1377 O O   . HOH J 8 .   ? 2.603   20.716  2.626   1.00 21.96 ? 362 HOH A O   1 
HETATM 1378 O O   . HOH J 8 .   ? 4.821   14.991  -12.361 1.00 15.87 ? 363 HOH A O   1 
HETATM 1379 O O   . HOH J 8 .   ? 0.492   9.334   -14.096 1.00 18.87 ? 364 HOH A O   1 
HETATM 1380 O O   . HOH J 8 .   ? -1.390  2.952   7.376   1.00 6.23  ? 365 HOH A O   1 
HETATM 1381 O O   . HOH J 8 .   ? 4.416   9.914   14.076  1.00 18.16 ? 366 HOH A O   1 
HETATM 1382 O O   . HOH J 8 .   ? 13.125  2.121   -9.042  1.00 19.75 ? 367 HOH A O   1 
HETATM 1383 O O   . HOH J 8 .   ? 0.406   18.194  0.235   1.00 22.98 ? 368 HOH A O   1 
HETATM 1384 O O   . HOH J 8 .   ? 0.150   -14.596 2.030   1.00 18.56 ? 369 HOH A O   1 
HETATM 1385 O O   . HOH J 8 .   ? -16.773 4.114   10.013  1.00 15.12 ? 370 HOH A O   1 
HETATM 1386 O O   . HOH J 8 .   ? -16.753 8.566   1.576   1.00 21.34 ? 371 HOH A O   1 
HETATM 1387 O O   . HOH J 8 .   ? -15.523 7.136   -0.530  1.00 11.60 ? 372 HOH A O   1 
HETATM 1388 O O   . HOH J 8 .   ? 11.447  -12.818 8.455   1.00 22.60 ? 373 HOH A O   1 
HETATM 1389 O O   . HOH J 8 .   ? -10.315 -9.320  2.548   1.00 22.26 ? 374 HOH A O   1 
HETATM 1390 O O   . HOH J 8 .   ? -7.075  2.036   10.607  1.00 7.49  ? 375 HOH A O   1 
HETATM 1391 O O   . HOH J 8 .   ? 10.857  11.793  2.481   1.00 12.29 ? 376 HOH A O   1 
HETATM 1392 O O   . HOH J 8 .   ? -6.238  -12.241 -12.203 1.00 18.93 ? 377 HOH A O   1 
HETATM 1393 O O   . HOH J 8 .   ? -17.376 -9.014  1.006   1.00 12.26 ? 378 HOH A O   1 
HETATM 1394 O O   . HOH J 8 .   ? -14.085 0.621   3.650   1.00 10.42 ? 379 HOH A O   1 
HETATM 1395 O O   . HOH J 8 .   ? -2.762  -15.760 -13.881 1.00 17.44 ? 380 HOH A O   1 
HETATM 1396 O O   . HOH J 8 .   ? -11.698 9.647   -8.357  1.00 12.61 ? 381 HOH A O   1 
HETATM 1397 O O   . HOH J 8 .   ? -9.531  6.895   -1.873  1.00 20.16 ? 382 HOH A O   1 
HETATM 1398 O O   . HOH J 8 .   ? 5.996   11.573  -14.104 1.00 17.84 ? 383 HOH A O   1 
HETATM 1399 O O   . HOH J 8 .   ? 3.066   -12.402 -14.678 1.00 20.73 ? 384 HOH A O   1 
HETATM 1400 O O   . HOH J 8 .   ? -11.741 -0.498  16.768  1.00 15.90 ? 385 HOH A O   1 
HETATM 1401 O O   . HOH J 8 .   ? -1.236  13.431  -12.011 1.00 11.30 ? 386 HOH A O   1 
HETATM 1402 O O   . HOH J 8 .   ? 3.506   8.350   -14.591 1.00 26.19 ? 387 HOH A O   1 
HETATM 1403 O O   . HOH J 8 .   ? -6.855  3.622   14.136  1.00 12.42 ? 388 HOH A O   1 
HETATM 1404 O O   . HOH J 8 .   ? 12.381  9.642   2.475   1.00 28.95 ? 389 HOH A O   1 
HETATM 1405 O O   . HOH J 8 .   ? 5.039   -12.899 -5.290  1.00 23.69 ? 390 HOH A O   1 
HETATM 1406 O O   . HOH J 8 .   ? 12.143  12.033  0.002   1.00 26.44 ? 391 HOH A O   1 
HETATM 1407 O O   . HOH J 8 .   ? -3.878  -14.810 -3.282  1.00 14.36 ? 392 HOH A O   1 
HETATM 1408 O O   . HOH J 8 .   ? 12.618  -2.524  13.080  1.00 25.92 ? 393 HOH A O   1 
HETATM 1409 O O   . HOH J 8 .   ? -11.462 0.174   -5.199  1.00 7.78  ? 394 HOH A O   1 
HETATM 1410 O O   . HOH J 8 .   ? 8.900   14.301  5.865   1.00 28.87 ? 395 HOH A O   1 
HETATM 1411 O O   . HOH J 8 .   ? -11.760 5.564   5.698   1.00 6.23  ? 396 HOH A O   1 
HETATM 1412 O O   . HOH J 8 .   ? 7.399   13.217  -7.738  1.00 15.49 ? 397 HOH A O   1 
HETATM 1413 O O   . HOH J 8 .   ? 14.340  3.624   7.873   1.00 24.66 ? 398 HOH A O   1 
HETATM 1414 O O   . HOH J 8 .   ? -6.778  7.276   -7.925  1.00 23.36 ? 399 HOH A O   1 
HETATM 1415 O O   . HOH J 8 .   ? 12.479  -4.928  4.486   1.00 24.03 ? 400 HOH A O   1 
HETATM 1416 O O   . HOH J 8 .   ? 8.679   -1.351  16.166  1.00 29.94 ? 401 HOH A O   1 
HETATM 1417 O O   . HOH J 8 .   ? -0.729  7.246   -14.879 1.00 31.15 ? 402 HOH A O   1 
HETATM 1418 O O   . HOH J 8 .   ? 11.411  3.368   -10.328 1.00 17.69 ? 403 HOH A O   1 
HETATM 1419 O O   . HOH J 8 .   ? 12.551  -1.542  7.540   1.00 16.67 ? 404 HOH A O   1 
HETATM 1420 O O   . HOH J 8 .   ? -8.871  -4.972  -15.665 1.00 23.48 ? 405 HOH A O   1 
HETATM 1421 O O   . HOH J 8 .   ? 11.649  13.422  -4.960  1.00 30.95 ? 406 HOH A O   1 
HETATM 1422 O O   . HOH J 8 .   ? 12.735  2.479   5.811   1.00 25.93 ? 407 HOH A O   1 
HETATM 1423 O O   . HOH J 8 .   ? -5.079  11.208  15.492  1.00 27.47 ? 408 HOH A O   1 
HETATM 1424 O O   . HOH J 8 .   ? 5.770   -4.258  16.582  1.00 24.51 ? 409 HOH A O   1 
HETATM 1425 O O   . HOH J 8 .   ? 1.385   -1.914  -18.399 1.00 27.97 ? 410 HOH A O   1 
HETATM 1426 O O   . HOH J 8 .   ? -10.097 6.895   15.720  1.00 22.90 ? 411 HOH A O   1 
HETATM 1427 O O   . HOH J 8 .   ? -14.318 -0.216  13.660  1.00 26.71 ? 412 HOH A O   1 
HETATM 1428 O O   . HOH J 8 .   ? -3.336  14.606  10.646  1.00 20.68 ? 413 HOH A O   1 
HETATM 1429 O O   . HOH J 8 .   ? -15.294 -3.903  12.061  1.00 30.42 ? 414 HOH A O   1 
HETATM 1430 O O   . HOH J 8 .   ? 0.709   15.028  8.171   1.00 15.80 ? 415 HOH A O   1 
HETATM 1431 O O   . HOH J 8 .   ? -3.189  7.481   17.880  1.00 31.89 ? 416 HOH A O   1 
HETATM 1432 O O   . HOH J 8 .   ? 15.790  -1.892  -3.435  1.00 38.86 ? 417 HOH A O   1 
HETATM 1433 O O   . HOH J 8 .   ? -13.822 8.476   -2.233  1.00 15.07 ? 418 HOH A O   1 
HETATM 1434 O O   . HOH J 8 .   ? -17.901 6.682   -1.752  1.00 24.65 ? 419 HOH A O   1 
HETATM 1435 O O   . HOH J 8 .   ? -6.973  2.287   -14.179 1.00 22.15 ? 420 HOH A O   1 
# 
